data_5TIP
#
_entry.id   5TIP
#
_cell.length_a   188.792
_cell.length_b   188.792
_cell.length_c   188.792
_cell.angle_alpha   90.00
_cell.angle_beta   90.00
_cell.angle_gamma   90.00
#
_symmetry.space_group_name_H-M   'P 21 3'
#
loop_
_entity.id
_entity.type
_entity.pdbx_description
1 polymer 'Major capsid protein'
2 branched 6-deoxy-2,3-di-O-methyl-alpha-L-mannopyranose-(1-2)-beta-L-rhamnopyranose-(1-4)-beta-D-xylopyranose-(1-4)-[alpha-D-mannopyranose-(1-3)-alpha-D-rhamnopyranose-(1-3)][alpha-D-galactopyranose-(1-2)]alpha-L-fucopyranose-(1-3)-[beta-D-xylopyranose-(1-4)]beta-D-glucopyranose
3 branched alpha-D-mannopyranose-(1-3)-alpha-D-rhamnopyranose-(1-3)-[alpha-D-galactopyranose-(1-2)][beta-D-xylopyranose-(1-4)]alpha-L-fucopyranose-(1-3)-[beta-D-xylopyranose-(1-4)]beta-D-glucopyranose
4 branched alpha-L-fucopyranose-(1-3)-beta-D-glucopyranose
5 branched beta-L-rhamnopyranose-(1-4)-beta-D-xylopyranose-(1-4)-[alpha-D-galactopyranose-(1-2)][alpha-D-rhamnopyranose-(1-3)]alpha-L-fucopyranose-(1-3)-[beta-D-xylopyranose-(1-4)]beta-D-glucopyranose
6 branched alpha-D-mannopyranose-(1-3)-alpha-D-rhamnopyranose-(1-3)-[beta-L-rhamnopyranose-(1-4)-beta-D-xylopyranose-(1-4)][alpha-D-galactopyranose-(1-2)]alpha-L-fucopyranose-(1-3)-[beta-D-xylopyranose-(1-4)]beta-D-glucopyranose
7 non-polymer 'MERCURY (II) ION'
8 non-polymer beta-D-glucopyranose
9 water water
#
_entity_poly.entity_id   1
_entity_poly.type   'polypeptide(L)'
_entity_poly.pdbx_seq_one_letter_code
;AGGLSQLVAYGAQDVYLTGNPQITFFKTVYRRYTNFAIESIQQTINGSVGFGNKVSTQISRNGDLITDIVVEFVLTKGGN
GGTTYYPAEELLQDVELEIGGQRIDKHYNDWFRTYDALFRMNDDRYNYRRMTDWVNNELVGAQKRFYVPLIFFFNQTPGL
ALPLIALQYHEVKLYFTLASQVQGVNYNGSSAIAGAAQPTMSVWVDYIFLDTQERTRFAQLPHEYLIEQLQFTGSETATP
SATTQASQNIRLNFNHPTKYLAWNFNNPTNYGQYTALANIPGACSGAGTAAATVTTPDYGNTGTYNEQLAVLDSAKIQLN
GQDRFATRKGSYFNKVQPYQSIGGVTPAGVYLYSFALKPAGRQPSGTCNFSRIDNATLSLTYKTCSIDATSPAAVLGNTE
TVTANTATLLTALNIYAKNYNVLRIMSGMGGLAYAN
;
_entity_poly.pdbx_strand_id   A,B,C,D
#
loop_
_chem_comp.id
_chem_comp.type
_chem_comp.name
_chem_comp.formula
7CV L-saccharide, alpha linking 6-deoxy-2,3-di-O-methyl-alpha-L-mannopyranose 'C8 H16 O5'
BGC D-saccharide, beta linking beta-D-glucopyranose 'C6 H12 O6'
FUC L-saccharide, alpha linking alpha-L-fucopyranose 'C6 H12 O5'
GLA D-saccharide, alpha linking alpha-D-galactopyranose 'C6 H12 O6'
HG non-polymer 'MERCURY (II) ION' 'Hg 2'
MAN D-saccharide, alpha linking alpha-D-mannopyranose 'C6 H12 O6'
RM4 L-saccharide, beta linking beta-L-rhamnopyranose 'C6 H12 O5'
XXR D-saccharide, alpha linking alpha-D-rhamnopyranose 'C6 H12 O5'
XYP D-saccharide, beta linking beta-D-xylopyranose 'C5 H10 O5'
#
# COMPACT_ATOMS: atom_id res chain seq x y z
N ALA A 1 29.14 6.78 -64.84
CA ALA A 1 27.90 6.09 -65.12
C ALA A 1 27.65 4.98 -64.11
N GLY A 2 26.47 4.37 -64.20
CA GLY A 2 26.15 3.25 -63.33
C GLY A 2 25.81 3.69 -61.92
N GLY A 3 26.27 2.92 -60.93
CA GLY A 3 25.95 3.23 -59.55
C GLY A 3 26.65 4.46 -59.01
N LEU A 4 27.87 4.73 -59.49
CA LEU A 4 28.62 5.88 -59.01
C LEU A 4 27.93 7.20 -59.33
N SER A 5 27.25 7.29 -60.47
CA SER A 5 26.54 8.52 -60.80
C SER A 5 25.31 8.74 -59.93
N GLN A 6 24.75 7.67 -59.34
CA GLN A 6 23.62 7.83 -58.44
C GLN A 6 24.05 8.40 -57.10
N LEU A 7 25.27 8.09 -56.65
CA LEU A 7 25.77 8.66 -55.41
C LEU A 7 25.87 10.17 -55.50
N VAL A 8 26.30 10.69 -56.66
CA VAL A 8 26.42 12.13 -56.82
C VAL A 8 25.06 12.80 -56.88
N ALA A 9 24.01 12.09 -57.27
CA ALA A 9 22.66 12.62 -57.26
C ALA A 9 22.22 12.73 -55.80
N TYR A 10 22.73 13.76 -55.13
CA TYR A 10 22.53 13.98 -53.71
C TYR A 10 21.90 15.36 -53.51
N GLY A 11 20.85 15.41 -52.69
CA GLY A 11 20.14 16.65 -52.50
C GLY A 11 19.84 16.99 -51.05
N ALA A 12 19.09 18.07 -50.83
CA ALA A 12 18.76 18.49 -49.47
C ALA A 12 17.77 17.55 -48.80
N GLN A 13 17.02 16.76 -49.57
CA GLN A 13 16.08 15.82 -49.00
C GLN A 13 16.76 14.59 -48.42
N ASP A 14 18.01 14.34 -48.81
CA ASP A 14 18.78 13.22 -48.28
C ASP A 14 19.24 13.43 -46.84
N VAL A 15 18.99 14.60 -46.27
CA VAL A 15 19.40 14.87 -44.89
C VAL A 15 18.64 13.97 -43.93
N TYR A 16 17.32 13.80 -44.14
CA TYR A 16 16.52 12.94 -43.28
C TYR A 16 16.88 11.46 -43.42
N LEU A 17 17.62 11.08 -44.46
CA LEU A 17 17.90 9.68 -44.74
C LEU A 17 19.34 9.26 -44.45
N THR A 18 20.33 10.04 -44.90
CA THR A 18 21.72 9.63 -44.79
C THR A 18 22.63 10.67 -44.14
N GLY A 19 22.08 11.77 -43.63
CA GLY A 19 22.91 12.76 -42.94
C GLY A 19 23.30 12.29 -41.55
N ASN A 20 24.60 12.37 -41.26
CA ASN A 20 25.14 11.82 -40.02
C ASN A 20 24.62 10.41 -39.81
N PRO A 21 25.07 9.43 -40.61
CA PRO A 21 24.55 8.08 -40.47
C PRO A 21 24.68 7.59 -39.03
N GLN A 22 23.69 6.80 -38.63
CA GLN A 22 23.62 6.19 -37.31
C GLN A 22 23.88 4.69 -37.38
N ILE A 23 23.50 4.08 -38.49
CA ILE A 23 23.68 2.66 -38.75
C ILE A 23 24.30 2.50 -40.14
N THR A 24 24.67 1.26 -40.45
CA THR A 24 25.10 0.87 -41.78
C THR A 24 24.56 -0.53 -42.05
N PHE A 25 24.22 -0.78 -43.30
CA PHE A 25 23.62 -2.06 -43.68
C PHE A 25 24.65 -3.10 -44.09
N PHE A 26 25.92 -2.75 -44.18
CA PHE A 26 26.93 -3.63 -44.75
C PHE A 26 28.00 -4.04 -43.74
N LYS A 27 27.70 -3.95 -42.45
CA LYS A 27 28.64 -4.41 -41.42
C LYS A 27 27.90 -4.75 -40.15
N THR A 28 27.17 -5.87 -40.15
CA THR A 28 26.42 -6.28 -38.97
C THR A 28 27.37 -6.85 -37.93
N VAL A 29 27.24 -6.36 -36.69
CA VAL A 29 27.99 -6.88 -35.55
C VAL A 29 27.05 -7.79 -34.78
N TYR A 30 27.26 -9.10 -34.90
CA TYR A 30 26.38 -10.06 -34.23
C TYR A 30 26.68 -10.13 -32.75
N ARG A 31 25.65 -10.42 -31.97
CA ARG A 31 25.74 -10.46 -30.52
C ARG A 31 26.17 -11.84 -30.04
N ARG A 32 26.92 -11.86 -28.93
CA ARG A 32 27.35 -13.09 -28.30
C ARG A 32 26.38 -13.48 -27.20
N TYR A 33 26.06 -14.75 -27.12
CA TYR A 33 25.04 -15.28 -26.23
C TYR A 33 25.67 -16.21 -25.20
N THR A 34 24.85 -16.69 -24.27
CA THR A 34 25.31 -17.64 -23.28
C THR A 34 25.31 -19.05 -23.87
N ASN A 35 26.38 -19.79 -23.59
CA ASN A 35 26.50 -21.15 -24.10
C ASN A 35 25.41 -22.03 -23.50
N PHE A 36 24.83 -22.90 -24.33
CA PHE A 36 23.76 -23.79 -23.90
C PHE A 36 23.75 -25.02 -24.81
N ALA A 37 22.86 -25.96 -24.47
CA ALA A 37 22.65 -27.15 -25.28
C ALA A 37 21.21 -27.61 -25.09
N ILE A 38 20.64 -28.20 -26.15
CA ILE A 38 19.26 -28.63 -26.17
C ILE A 38 19.21 -30.14 -26.29
N GLU A 39 18.22 -30.77 -25.64
CA GLU A 39 18.02 -32.20 -25.75
C GLU A 39 16.55 -32.53 -25.50
N SER A 40 15.95 -33.29 -26.41
CA SER A 40 14.59 -33.76 -26.25
C SER A 40 14.62 -35.08 -25.50
N ILE A 41 13.93 -35.14 -24.36
CA ILE A 41 13.99 -36.28 -23.46
C ILE A 41 12.56 -36.78 -23.20
N GLN A 42 12.37 -38.09 -23.31
CA GLN A 42 11.05 -38.68 -23.16
C GLN A 42 10.64 -38.73 -21.70
N GLN A 43 9.34 -38.57 -21.46
CA GLN A 43 8.77 -38.54 -20.12
C GLN A 43 8.02 -39.83 -19.83
N THR A 44 7.78 -40.07 -18.56
CA THR A 44 6.99 -41.21 -18.11
C THR A 44 5.53 -40.80 -17.99
N ILE A 45 4.65 -41.56 -18.63
CA ILE A 45 3.21 -41.29 -18.62
C ILE A 45 2.57 -42.15 -17.54
N ASN A 46 1.85 -41.52 -16.63
CA ASN A 46 1.16 -42.20 -15.54
C ASN A 46 -0.30 -42.40 -15.92
N GLY A 47 -0.77 -43.65 -15.82
CA GLY A 47 -2.12 -44.00 -16.17
C GLY A 47 -2.17 -44.90 -17.39
N SER A 48 -3.39 -45.37 -17.66
CA SER A 48 -3.63 -46.25 -18.81
C SER A 48 -4.03 -45.40 -20.01
N VAL A 49 -3.19 -45.42 -21.05
CA VAL A 49 -3.48 -44.68 -22.26
C VAL A 49 -4.59 -45.38 -23.03
N GLY A 50 -5.62 -44.63 -23.40
CA GLY A 50 -6.73 -45.19 -24.15
C GLY A 50 -7.78 -44.12 -24.36
N PHE A 51 -8.72 -44.43 -25.26
CA PHE A 51 -9.78 -43.49 -25.58
C PHE A 51 -10.59 -43.17 -24.33
N GLY A 52 -10.75 -41.87 -24.06
CA GLY A 52 -11.53 -41.41 -22.93
C GLY A 52 -10.84 -41.50 -21.59
N ASN A 53 -9.54 -41.75 -21.55
CA ASN A 53 -8.81 -41.88 -20.29
C ASN A 53 -8.04 -40.60 -19.98
N LYS A 54 -7.72 -40.43 -18.70
CA LYS A 54 -6.92 -39.33 -18.20
C LYS A 54 -5.55 -39.84 -17.78
N VAL A 55 -4.50 -39.27 -18.36
CA VAL A 55 -3.13 -39.60 -18.01
C VAL A 55 -2.42 -38.31 -17.62
N SER A 56 -1.31 -38.46 -16.90
CA SER A 56 -0.55 -37.32 -16.42
C SER A 56 0.93 -37.60 -16.56
N THR A 57 1.72 -36.53 -16.49
CA THR A 57 3.17 -36.60 -16.60
C THR A 57 3.79 -35.59 -15.65
N GLN A 58 4.76 -36.05 -14.86
CA GLN A 58 5.57 -35.16 -14.03
C GLN A 58 6.90 -34.94 -14.74
N ILE A 59 7.19 -33.68 -15.08
CA ILE A 59 8.39 -33.37 -15.84
C ILE A 59 9.61 -33.76 -15.02
N SER A 60 10.38 -34.71 -15.54
CA SER A 60 11.60 -35.13 -14.84
C SER A 60 12.63 -34.01 -14.91
N ARG A 61 13.44 -33.95 -13.87
CA ARG A 61 14.47 -32.94 -13.76
C ARG A 61 15.78 -33.34 -14.37
N ASN A 62 15.80 -33.33 -15.69
CA ASN A 62 17.00 -33.69 -16.43
C ASN A 62 17.87 -32.48 -16.74
N GLY A 63 17.26 -31.36 -17.14
CA GLY A 63 18.00 -30.18 -17.49
C GLY A 63 17.63 -28.98 -16.63
N ASP A 64 18.10 -27.80 -17.03
CA ASP A 64 17.87 -26.59 -16.25
C ASP A 64 16.61 -25.85 -16.66
N LEU A 65 16.33 -25.76 -17.95
CA LEU A 65 15.13 -25.14 -18.46
C LEU A 65 14.42 -26.12 -19.37
N ILE A 66 13.13 -25.87 -19.63
CA ILE A 66 12.36 -26.63 -20.60
C ILE A 66 11.68 -25.67 -21.55
N THR A 67 11.58 -26.06 -22.82
CA THR A 67 10.97 -25.23 -23.84
C THR A 67 9.87 -26.00 -24.56
N ASP A 68 10.20 -26.62 -25.68
CA ASP A 68 9.20 -27.30 -26.50
C ASP A 68 8.75 -28.60 -25.83
N ILE A 69 7.46 -28.90 -25.95
CA ILE A 69 6.89 -30.16 -25.49
C ILE A 69 6.01 -30.72 -26.61
N VAL A 70 6.26 -31.95 -27.00
CA VAL A 70 5.54 -32.60 -28.09
C VAL A 70 4.92 -33.89 -27.58
N VAL A 71 3.66 -34.13 -27.93
CA VAL A 71 2.95 -35.37 -27.61
C VAL A 71 2.88 -36.20 -28.88
N GLU A 72 3.45 -37.40 -28.84
CA GLU A 72 3.44 -38.31 -29.98
C GLU A 72 2.29 -39.29 -29.84
N PHE A 73 1.52 -39.45 -30.92
CA PHE A 73 0.48 -40.46 -31.01
C PHE A 73 0.75 -41.37 -32.19
N VAL A 74 0.30 -42.62 -32.07
CA VAL A 74 0.31 -43.57 -33.17
C VAL A 74 -1.12 -44.06 -33.35
N LEU A 75 -1.71 -43.75 -34.50
CA LEU A 75 -3.11 -44.07 -34.78
C LEU A 75 -3.22 -44.87 -36.07
N THR A 76 -4.28 -45.68 -36.13
CA THR A 76 -4.63 -46.44 -37.33
C THR A 76 -6.01 -45.98 -37.77
N LYS A 77 -6.12 -45.50 -39.01
CA LYS A 77 -7.38 -44.97 -39.49
C LYS A 77 -8.32 -46.08 -39.94
N GLY A 78 -9.62 -45.89 -39.71
CA GLY A 78 -10.62 -46.86 -40.06
C GLY A 78 -11.49 -46.50 -41.24
N GLY A 79 -11.17 -45.44 -41.98
CA GLY A 79 -11.89 -45.06 -43.17
C GLY A 79 -10.94 -44.74 -44.31
N ASN A 80 -11.54 -44.40 -45.46
CA ASN A 80 -10.74 -44.10 -46.64
C ASN A 80 -10.38 -42.63 -46.72
N GLY A 81 -10.24 -42.11 -47.94
CA GLY A 81 -9.78 -40.73 -48.10
C GLY A 81 -10.83 -39.74 -47.64
N GLY A 82 -10.36 -38.73 -46.90
CA GLY A 82 -11.24 -37.66 -46.47
C GLY A 82 -12.19 -38.01 -45.35
N THR A 83 -11.86 -39.01 -44.53
CA THR A 83 -12.72 -39.44 -43.45
C THR A 83 -12.20 -39.04 -42.07
N THR A 84 -11.09 -38.29 -42.02
CA THR A 84 -10.55 -37.78 -40.76
C THR A 84 -10.34 -36.28 -40.88
N TYR A 85 -10.40 -35.60 -39.74
CA TYR A 85 -10.18 -34.16 -39.67
C TYR A 85 -9.41 -33.87 -38.39
N TYR A 86 -8.08 -33.73 -38.52
CA TYR A 86 -7.19 -33.48 -37.39
C TYR A 86 -7.44 -34.45 -36.22
N PRO A 87 -7.32 -35.75 -36.46
CA PRO A 87 -7.66 -36.70 -35.39
C PRO A 87 -6.70 -36.65 -34.21
N ALA A 88 -5.41 -36.45 -34.46
CA ALA A 88 -4.44 -36.35 -33.37
C ALA A 88 -4.66 -35.09 -32.54
N GLU A 89 -5.12 -34.02 -33.18
CA GLU A 89 -5.43 -32.80 -32.43
C GLU A 89 -6.67 -33.00 -31.56
N GLU A 90 -7.71 -33.64 -32.10
CA GLU A 90 -8.91 -33.90 -31.33
C GLU A 90 -8.65 -34.89 -30.21
N LEU A 91 -7.75 -35.86 -30.43
CA LEU A 91 -7.48 -36.87 -29.41
C LEU A 91 -6.98 -36.23 -28.13
N LEU A 92 -6.19 -35.16 -28.24
CA LEU A 92 -5.74 -34.40 -27.08
C LEU A 92 -6.85 -33.46 -26.67
N GLN A 93 -7.83 -34.00 -25.94
CA GLN A 93 -9.04 -33.26 -25.63
C GLN A 93 -8.74 -32.02 -24.79
N ASP A 94 -7.92 -32.18 -23.75
CA ASP A 94 -7.48 -31.03 -22.97
C ASP A 94 -6.15 -31.37 -22.32
N VAL A 95 -5.36 -30.33 -22.07
CA VAL A 95 -4.05 -30.47 -21.42
C VAL A 95 -3.90 -29.33 -20.42
N GLU A 96 -3.50 -29.68 -19.20
CA GLU A 96 -3.41 -28.73 -18.09
C GLU A 96 -1.97 -28.64 -17.61
N LEU A 97 -1.46 -27.43 -17.46
CA LEU A 97 -0.12 -27.17 -16.94
C LEU A 97 -0.21 -26.81 -15.46
N GLU A 98 0.59 -27.50 -14.64
CA GLU A 98 0.55 -27.33 -13.19
C GLU A 98 1.96 -27.17 -12.64
N ILE A 99 2.15 -26.17 -11.79
CA ILE A 99 3.42 -25.92 -11.10
C ILE A 99 3.13 -25.89 -9.61
N GLY A 100 3.74 -26.82 -8.88
CA GLY A 100 3.57 -26.85 -7.43
C GLY A 100 2.14 -27.05 -6.99
N GLY A 101 1.38 -27.84 -7.74
CA GLY A 101 -0.01 -28.06 -7.43
C GLY A 101 -0.95 -26.98 -7.91
N GLN A 102 -0.43 -25.91 -8.50
CA GLN A 102 -1.24 -24.78 -8.94
C GLN A 102 -1.34 -24.80 -10.47
N ARG A 103 -2.56 -24.68 -10.98
CA ARG A 103 -2.76 -24.64 -12.42
C ARG A 103 -2.22 -23.34 -12.99
N ILE A 104 -1.33 -23.45 -13.97
CA ILE A 104 -0.80 -22.27 -14.65
C ILE A 104 -1.60 -21.94 -15.90
N ASP A 105 -2.00 -22.96 -16.65
CA ASP A 105 -2.79 -22.78 -17.86
C ASP A 105 -3.45 -24.10 -18.20
N LYS A 106 -4.52 -24.03 -18.99
CA LYS A 106 -5.20 -25.23 -19.44
C LYS A 106 -5.78 -24.98 -20.82
N HIS A 107 -5.50 -25.88 -21.75
CA HIS A 107 -5.93 -25.75 -23.13
C HIS A 107 -6.89 -26.89 -23.50
N TYR A 108 -7.61 -26.71 -24.60
CA TYR A 108 -8.59 -27.67 -25.07
C TYR A 108 -8.37 -27.90 -26.56
N ASN A 109 -8.87 -29.04 -27.06
CA ASN A 109 -8.68 -29.36 -28.47
C ASN A 109 -9.35 -28.35 -29.38
N ASP A 110 -10.49 -27.79 -28.97
CA ASP A 110 -11.14 -26.78 -29.80
C ASP A 110 -10.34 -25.49 -29.80
N TRP A 111 -9.57 -25.22 -28.75
CA TRP A 111 -8.64 -24.09 -28.79
C TRP A 111 -7.50 -24.36 -29.76
N PHE A 112 -7.01 -25.56 -29.77
CA PHE A 112 -5.99 -25.94 -30.70
C PHE A 112 -6.55 -25.70 -32.11
N ARG A 113 -7.81 -26.07 -32.34
CA ARG A 113 -8.43 -25.86 -33.65
C ARG A 113 -8.60 -24.39 -33.95
N THR A 114 -9.00 -23.61 -32.94
CA THR A 114 -9.18 -22.17 -33.13
C THR A 114 -7.85 -21.45 -33.30
N TYR A 115 -6.84 -21.84 -32.50
CA TYR A 115 -5.53 -21.23 -32.64
C TYR A 115 -4.94 -21.50 -34.03
N ASP A 116 -5.12 -22.71 -34.54
CA ASP A 116 -4.59 -23.06 -35.85
C ASP A 116 -5.27 -22.24 -36.95
N ALA A 117 -6.58 -22.00 -36.81
CA ALA A 117 -7.30 -21.25 -37.84
C ALA A 117 -6.92 -19.78 -37.86
N LEU A 118 -6.49 -19.23 -36.73
CA LEU A 118 -6.21 -17.81 -36.62
C LEU A 118 -4.73 -17.46 -36.72
N PHE A 119 -3.85 -18.21 -36.06
CA PHE A 119 -2.48 -17.78 -35.84
C PHE A 119 -1.45 -18.63 -36.57
N ARG A 120 -1.84 -19.72 -37.21
CA ARG A 120 -0.96 -20.41 -38.13
C ARG A 120 -1.35 -20.07 -39.56
N MET A 121 -0.38 -20.21 -40.46
CA MET A 121 -0.61 -19.82 -41.85
C MET A 121 0.43 -20.47 -42.74
N ASN A 122 0.10 -20.53 -44.03
CA ASN A 122 1.06 -20.83 -45.11
C ASN A 122 1.56 -22.26 -44.92
N ASP A 123 2.83 -22.53 -45.24
CA ASP A 123 3.38 -23.88 -45.18
C ASP A 123 3.48 -24.37 -43.74
N ASP A 124 3.68 -23.46 -42.78
CA ASP A 124 3.71 -23.85 -41.38
C ASP A 124 2.41 -24.51 -40.96
N ARG A 125 1.31 -23.97 -41.46
CA ARG A 125 -0.02 -24.51 -41.18
C ARG A 125 -0.18 -25.89 -41.80
N TYR A 126 0.29 -26.05 -43.05
CA TYR A 126 0.18 -27.35 -43.71
C TYR A 126 1.07 -28.40 -43.04
N ASN A 127 2.26 -27.99 -42.60
CA ASN A 127 3.11 -28.92 -41.86
C ASN A 127 2.45 -29.36 -40.55
N TYR A 128 1.69 -28.47 -39.92
CA TYR A 128 0.95 -28.84 -38.72
C TYR A 128 -0.11 -29.89 -39.02
N ARG A 129 -0.74 -29.84 -40.19
CA ARG A 129 -1.72 -30.87 -40.52
C ARG A 129 -1.04 -32.19 -40.88
N ARG A 130 0.16 -32.14 -41.46
CA ARG A 130 0.93 -33.36 -41.64
C ARG A 130 1.20 -34.02 -40.29
N MET A 131 1.42 -33.22 -39.25
CA MET A 131 1.75 -33.75 -37.94
C MET A 131 0.54 -34.25 -37.18
N THR A 132 -0.68 -33.90 -37.61
CA THR A 132 -1.87 -34.24 -36.84
C THR A 132 -2.95 -34.91 -37.67
N ASP A 133 -2.69 -35.27 -38.92
CA ASP A 133 -3.74 -35.81 -39.78
C ASP A 133 -3.11 -36.56 -40.94
N TRP A 134 -3.94 -37.38 -41.59
CA TRP A 134 -3.57 -38.00 -42.86
C TRP A 134 -3.90 -37.03 -44.00
N VAL A 135 -2.90 -36.74 -44.83
CA VAL A 135 -3.06 -35.71 -45.86
C VAL A 135 -2.66 -36.24 -47.23
N ASN A 136 -2.48 -37.56 -47.35
CA ASN A 136 -2.03 -38.16 -48.59
C ASN A 136 -2.99 -39.25 -49.09
N ASN A 137 -4.28 -39.09 -48.81
CA ASN A 137 -5.32 -39.97 -49.33
C ASN A 137 -5.14 -41.41 -48.87
N GLU A 138 -4.71 -41.59 -47.62
CA GLU A 138 -4.48 -42.93 -47.10
C GLU A 138 -5.80 -43.69 -46.94
N LEU A 139 -5.71 -45.01 -46.97
CA LEU A 139 -6.85 -45.89 -46.94
C LEU A 139 -7.01 -46.54 -45.57
N VAL A 140 -8.01 -47.42 -45.46
CA VAL A 140 -8.26 -48.12 -44.20
C VAL A 140 -7.02 -48.89 -43.78
N GLY A 141 -6.72 -48.84 -42.48
CA GLY A 141 -5.61 -49.58 -41.93
C GLY A 141 -4.27 -48.89 -42.00
N ALA A 142 -4.25 -47.67 -42.52
CA ALA A 142 -3.01 -46.91 -42.60
C ALA A 142 -2.60 -46.49 -41.19
N GLN A 143 -1.35 -46.74 -40.83
CA GLN A 143 -0.84 -46.38 -39.52
C GLN A 143 0.14 -45.25 -39.66
N LYS A 144 0.06 -44.27 -38.77
CA LYS A 144 0.95 -43.12 -38.84
C LYS A 144 1.23 -42.54 -37.47
N ARG A 145 2.44 -42.03 -37.29
CA ARG A 145 2.82 -41.38 -36.05
C ARG A 145 2.53 -39.90 -36.14
N PHE A 146 1.88 -39.36 -35.11
CA PHE A 146 1.48 -37.97 -35.08
C PHE A 146 2.24 -37.23 -33.98
N TYR A 147 2.39 -35.93 -34.18
CA TYR A 147 3.13 -35.07 -33.24
C TYR A 147 2.27 -33.85 -32.95
N VAL A 148 1.77 -33.75 -31.71
CA VAL A 148 0.94 -32.64 -31.30
C VAL A 148 1.80 -31.70 -30.45
N PRO A 149 2.18 -30.52 -30.95
CA PRO A 149 3.00 -29.60 -30.15
C PRO A 149 2.13 -28.76 -29.22
N LEU A 150 2.55 -28.67 -27.96
CA LEU A 150 1.83 -27.85 -27.00
C LEU A 150 2.20 -26.38 -27.21
N ILE A 151 1.26 -25.50 -26.84
CA ILE A 151 1.44 -24.08 -27.12
C ILE A 151 1.26 -23.27 -25.84
N PHE A 152 1.83 -23.74 -24.74
CA PHE A 152 1.86 -22.94 -23.52
C PHE A 152 2.90 -21.84 -23.65
N PHE A 153 3.03 -21.01 -22.61
CA PHE A 153 3.86 -19.81 -22.72
C PHE A 153 5.33 -20.18 -22.95
N PHE A 154 5.82 -21.23 -22.30
CA PHE A 154 7.22 -21.63 -22.46
C PHE A 154 7.44 -22.51 -23.68
N ASN A 155 6.38 -22.85 -24.42
CA ASN A 155 6.53 -23.63 -25.64
C ASN A 155 6.65 -22.77 -26.89
N GLN A 156 6.30 -21.50 -26.82
CA GLN A 156 6.22 -20.66 -28.01
C GLN A 156 7.40 -19.72 -28.19
N THR A 157 8.21 -19.50 -27.15
CA THR A 157 9.38 -18.66 -27.29
C THR A 157 10.41 -19.09 -26.25
N PRO A 158 11.68 -19.25 -26.64
CA PRO A 158 12.71 -19.61 -25.65
C PRO A 158 12.92 -18.55 -24.59
N GLY A 159 12.54 -17.30 -24.86
CA GLY A 159 12.67 -16.25 -23.86
C GLY A 159 11.80 -16.44 -22.63
N LEU A 160 10.84 -17.36 -22.68
CA LEU A 160 10.00 -17.69 -21.53
C LEU A 160 10.23 -19.12 -21.05
N ALA A 161 11.42 -19.66 -21.30
CA ALA A 161 11.73 -21.03 -20.91
C ALA A 161 11.53 -21.23 -19.42
N LEU A 162 10.80 -22.27 -19.06
CA LEU A 162 10.47 -22.53 -17.66
C LEU A 162 11.70 -23.04 -16.91
N PRO A 163 12.18 -22.34 -15.88
CA PRO A 163 13.39 -22.78 -15.19
C PRO A 163 13.13 -23.85 -14.15
N LEU A 164 13.31 -25.12 -14.53
CA LEU A 164 13.18 -26.21 -13.56
C LEU A 164 14.24 -26.10 -12.47
N ILE A 165 15.42 -25.57 -12.79
CA ILE A 165 16.48 -25.44 -11.80
C ILE A 165 16.10 -24.44 -10.72
N ALA A 166 15.20 -23.51 -11.02
CA ALA A 166 14.73 -22.54 -10.06
C ALA A 166 13.45 -22.98 -9.34
N LEU A 167 13.02 -24.22 -9.54
CA LEU A 167 11.80 -24.77 -8.97
C LEU A 167 12.07 -26.07 -8.23
N GLN A 168 13.10 -26.09 -7.37
CA GLN A 168 13.49 -27.34 -6.74
C GLN A 168 12.45 -27.86 -5.75
N TYR A 169 11.54 -27.02 -5.28
CA TYR A 169 10.51 -27.44 -4.34
C TYR A 169 9.12 -27.51 -4.95
N HIS A 170 8.98 -27.25 -6.25
CA HIS A 170 7.69 -27.33 -6.92
C HIS A 170 7.78 -28.29 -8.08
N GLU A 171 6.76 -29.14 -8.21
CA GLU A 171 6.68 -30.12 -9.28
C GLU A 171 5.92 -29.54 -10.46
N VAL A 172 6.44 -29.77 -11.67
CA VAL A 172 5.79 -29.37 -12.90
C VAL A 172 5.12 -30.60 -13.49
N LYS A 173 3.80 -30.52 -13.69
CA LYS A 173 3.03 -31.66 -14.17
C LYS A 173 2.13 -31.25 -15.33
N LEU A 174 1.84 -32.22 -16.19
CA LEU A 174 0.90 -32.06 -17.30
C LEU A 174 -0.19 -33.11 -17.15
N TYR A 175 -1.44 -32.68 -17.25
CA TYR A 175 -2.59 -33.56 -17.11
C TYR A 175 -3.31 -33.64 -18.46
N PHE A 176 -3.27 -34.81 -19.07
CA PHE A 176 -3.90 -35.02 -20.37
C PHE A 176 -5.24 -35.73 -20.22
N THR A 177 -6.17 -35.39 -21.10
CA THR A 177 -7.46 -36.07 -21.21
C THR A 177 -7.64 -36.46 -22.67
N LEU A 178 -7.81 -37.75 -22.93
CA LEU A 178 -7.95 -38.25 -24.29
C LEU A 178 -9.42 -38.28 -24.70
N ALA A 179 -9.67 -37.93 -25.96
CA ALA A 179 -11.03 -37.94 -26.47
C ALA A 179 -11.56 -39.38 -26.50
N SER A 180 -12.88 -39.50 -26.39
CA SER A 180 -13.49 -40.83 -26.39
C SER A 180 -13.71 -41.34 -27.81
N GLN A 181 -14.26 -40.49 -28.68
CA GLN A 181 -14.61 -40.89 -30.04
C GLN A 181 -13.93 -39.94 -31.02
N VAL A 182 -13.18 -40.50 -31.95
CA VAL A 182 -12.43 -39.73 -32.95
C VAL A 182 -12.87 -40.21 -34.33
N GLN A 183 -13.43 -39.30 -35.13
CA GLN A 183 -13.97 -39.64 -36.44
C GLN A 183 -12.89 -40.19 -37.35
N GLY A 184 -13.22 -41.29 -38.04
CA GLY A 184 -12.29 -41.92 -38.94
C GLY A 184 -11.20 -42.73 -38.28
N VAL A 185 -11.18 -42.81 -36.95
CA VAL A 185 -10.15 -43.59 -36.24
C VAL A 185 -10.80 -44.73 -35.47
N ASN A 186 -11.69 -44.41 -34.50
CA ASN A 186 -12.43 -45.44 -33.79
C ASN A 186 -13.95 -45.28 -33.92
N TYR A 187 -14.45 -44.21 -34.55
CA TYR A 187 -15.88 -44.08 -34.82
C TYR A 187 -16.06 -43.57 -36.24
N ASN A 188 -17.21 -43.91 -36.84
CA ASN A 188 -17.62 -43.40 -38.16
C ASN A 188 -18.98 -42.76 -37.94
N GLY A 189 -18.99 -41.45 -37.73
CA GLY A 189 -20.23 -40.81 -37.34
C GLY A 189 -20.52 -41.21 -35.92
N SER A 190 -21.69 -41.80 -35.70
CA SER A 190 -22.10 -42.29 -34.39
C SER A 190 -21.80 -43.77 -34.20
N SER A 191 -21.35 -44.48 -35.23
CA SER A 191 -21.15 -45.92 -35.17
C SER A 191 -19.67 -46.23 -34.90
N ALA A 192 -19.43 -47.09 -33.91
CA ALA A 192 -18.06 -47.47 -33.58
C ALA A 192 -17.51 -48.42 -34.64
N ILE A 193 -16.22 -48.23 -34.97
CA ILE A 193 -15.54 -49.11 -35.91
C ILE A 193 -15.02 -50.32 -35.16
N ALA A 194 -15.49 -51.50 -35.54
CA ALA A 194 -15.09 -52.73 -34.86
C ALA A 194 -13.60 -52.99 -35.03
N GLY A 195 -12.97 -53.45 -33.95
CA GLY A 195 -11.56 -53.76 -33.96
C GLY A 195 -10.63 -52.57 -33.94
N ALA A 196 -11.13 -51.38 -33.62
CA ALA A 196 -10.29 -50.20 -33.58
C ALA A 196 -9.24 -50.33 -32.49
N ALA A 197 -7.99 -50.03 -32.82
CA ALA A 197 -6.89 -50.17 -31.88
C ALA A 197 -6.78 -48.94 -30.98
N GLN A 198 -6.39 -49.19 -29.73
CA GLN A 198 -6.17 -48.09 -28.80
C GLN A 198 -4.91 -47.32 -29.18
N PRO A 199 -4.89 -46.01 -28.94
CA PRO A 199 -3.71 -45.22 -29.30
C PRO A 199 -2.53 -45.48 -28.38
N THR A 200 -1.34 -45.27 -28.91
CA THR A 200 -0.11 -45.29 -28.13
C THR A 200 0.41 -43.86 -28.02
N MET A 201 0.88 -43.50 -26.82
CA MET A 201 1.23 -42.12 -26.53
C MET A 201 2.63 -42.05 -25.91
N SER A 202 3.32 -40.96 -26.21
CA SER A 202 4.58 -40.64 -25.56
C SER A 202 4.72 -39.13 -25.49
N VAL A 203 5.34 -38.65 -24.42
CA VAL A 203 5.52 -37.22 -24.18
C VAL A 203 7.01 -36.93 -24.21
N TRP A 204 7.40 -35.92 -24.99
CA TRP A 204 8.80 -35.54 -25.14
C TRP A 204 8.96 -34.07 -24.77
N VAL A 205 9.95 -33.77 -23.94
CA VAL A 205 10.20 -32.42 -23.45
C VAL A 205 11.62 -32.02 -23.86
N ASP A 206 11.75 -30.81 -24.40
CA ASP A 206 13.05 -30.27 -24.80
C ASP A 206 13.68 -29.54 -23.62
N TYR A 207 14.84 -30.02 -23.18
CA TYR A 207 15.54 -29.45 -22.05
C TYR A 207 16.69 -28.55 -22.51
N ILE A 208 16.96 -27.51 -21.74
CA ILE A 208 18.07 -26.60 -21.99
C ILE A 208 19.11 -26.84 -20.89
N PHE A 209 20.34 -27.13 -21.31
CA PHE A 209 21.47 -27.30 -20.39
C PHE A 209 22.32 -26.03 -20.43
N LEU A 210 22.48 -25.39 -19.28
CA LEU A 210 23.13 -24.10 -19.17
C LEU A 210 24.55 -24.24 -18.65
N ASP A 211 25.36 -23.23 -18.94
CA ASP A 211 26.74 -23.15 -18.46
C ASP A 211 26.77 -22.77 -16.98
N THR A 212 27.96 -22.85 -16.39
CA THR A 212 28.08 -22.76 -14.93
C THR A 212 27.56 -21.44 -14.39
N GLN A 213 27.96 -20.32 -15.01
CA GLN A 213 27.60 -19.01 -14.49
C GLN A 213 26.09 -18.78 -14.57
N GLU A 214 25.50 -18.98 -15.74
CA GLU A 214 24.08 -18.75 -15.90
C GLU A 214 23.28 -19.77 -15.09
N ARG A 215 23.86 -20.94 -14.81
CA ARG A 215 23.21 -21.92 -13.95
C ARG A 215 23.10 -21.40 -12.52
N THR A 216 24.13 -20.70 -12.04
CA THR A 216 24.10 -20.14 -10.71
C THR A 216 23.11 -18.99 -10.61
N ARG A 217 22.96 -18.22 -11.68
CA ARG A 217 22.05 -17.09 -11.65
C ARG A 217 20.60 -17.53 -11.61
N PHE A 218 20.24 -18.56 -12.39
CA PHE A 218 18.88 -19.03 -12.40
C PHE A 218 18.48 -19.67 -11.08
N ALA A 219 19.42 -20.29 -10.38
CA ALA A 219 19.12 -20.99 -9.14
C ALA A 219 19.16 -20.08 -7.93
N GLN A 220 19.68 -18.87 -8.07
CA GLN A 220 19.79 -17.99 -6.92
C GLN A 220 18.99 -16.68 -6.97
N LEU A 221 18.72 -16.16 -8.15
CA LEU A 221 17.98 -14.90 -8.17
C LEU A 221 16.48 -15.14 -8.34
N PRO A 222 15.67 -14.14 -7.94
CA PRO A 222 14.22 -14.20 -8.12
C PRO A 222 13.92 -13.91 -9.59
N HIS A 223 12.90 -14.56 -10.14
CA HIS A 223 12.55 -14.40 -11.54
C HIS A 223 11.11 -13.92 -11.66
N GLU A 224 10.86 -13.09 -12.67
CA GLU A 224 9.52 -12.65 -13.02
C GLU A 224 9.33 -12.83 -14.52
N TYR A 225 8.36 -13.65 -14.90
CA TYR A 225 8.06 -13.93 -16.30
C TYR A 225 6.68 -13.37 -16.64
N LEU A 226 6.61 -12.60 -17.72
CA LEU A 226 5.34 -12.13 -18.24
C LEU A 226 4.80 -13.20 -19.17
N ILE A 227 3.81 -13.94 -18.71
CA ILE A 227 3.32 -15.11 -19.44
C ILE A 227 1.92 -14.81 -19.99
N GLU A 228 1.43 -15.72 -20.82
CA GLU A 228 0.10 -15.63 -21.38
C GLU A 228 -0.72 -16.82 -20.91
N GLN A 229 -2.03 -16.60 -20.77
CA GLN A 229 -2.95 -17.63 -20.32
C GLN A 229 -4.15 -17.66 -21.26
N LEU A 230 -4.82 -18.81 -21.28
CA LEU A 230 -6.07 -18.96 -22.01
C LEU A 230 -7.22 -18.98 -21.01
N GLN A 231 -8.30 -18.27 -21.35
CA GLN A 231 -9.51 -18.26 -20.56
C GLN A 231 -10.63 -18.87 -21.39
N PHE A 232 -11.36 -19.80 -20.78
CA PHE A 232 -12.48 -20.45 -21.43
C PHE A 232 -13.38 -21.02 -20.34
N THR A 233 -14.61 -20.53 -20.25
CA THR A 233 -15.53 -20.91 -19.19
C THR A 233 -16.55 -21.95 -19.64
N GLY A 234 -16.37 -22.53 -20.82
CA GLY A 234 -17.32 -23.49 -21.34
C GLY A 234 -18.12 -22.93 -22.51
N SER A 235 -18.75 -23.83 -23.25
CA SER A 235 -19.52 -23.44 -24.42
C SER A 235 -20.79 -22.70 -24.00
N GLU A 236 -21.19 -21.77 -24.86
CA GLU A 236 -22.41 -21.01 -24.72
C GLU A 236 -23.42 -21.62 -25.70
N THR A 237 -24.70 -21.46 -25.43
CA THR A 237 -25.75 -22.03 -26.27
C THR A 237 -26.21 -20.97 -27.27
N ALA A 238 -25.83 -21.15 -28.53
CA ALA A 238 -26.30 -20.27 -29.59
C ALA A 238 -27.68 -20.72 -30.07
N THR A 239 -28.50 -19.74 -30.45
CA THR A 239 -29.89 -20.00 -30.86
C THR A 239 -30.16 -19.35 -32.22
N PRO A 240 -29.54 -19.82 -33.29
CA PRO A 240 -29.81 -19.28 -34.64
C PRO A 240 -31.16 -19.86 -35.07
N SER A 241 -31.93 -19.17 -35.88
CA SER A 241 -33.26 -19.55 -36.30
C SER A 241 -33.35 -19.57 -37.83
N ALA A 242 -34.34 -20.29 -38.33
CA ALA A 242 -34.57 -20.44 -39.76
C ALA A 242 -35.67 -19.54 -40.30
N THR A 243 -36.37 -18.82 -39.42
CA THR A 243 -37.49 -17.97 -39.83
C THR A 243 -37.26 -16.48 -39.58
N THR A 244 -36.34 -16.13 -38.69
CA THR A 244 -36.06 -14.73 -38.39
C THR A 244 -34.59 -14.60 -38.00
N GLN A 245 -34.18 -13.38 -37.69
CA GLN A 245 -32.82 -13.08 -37.24
C GLN A 245 -32.84 -13.04 -35.72
N ALA A 246 -32.33 -14.09 -35.09
CA ALA A 246 -32.25 -14.13 -33.64
C ALA A 246 -31.07 -13.30 -33.15
N SER A 247 -31.15 -12.89 -31.89
CA SER A 247 -30.10 -12.09 -31.26
C SER A 247 -29.84 -12.61 -29.86
N GLN A 248 -28.63 -12.38 -29.37
CA GLN A 248 -28.24 -12.83 -28.04
C GLN A 248 -27.30 -11.84 -27.40
N ASN A 249 -27.26 -11.87 -26.07
CA ASN A 249 -26.32 -11.09 -25.27
C ASN A 249 -25.63 -12.06 -24.32
N ILE A 250 -24.38 -12.40 -24.62
CA ILE A 250 -23.61 -13.34 -23.81
C ILE A 250 -22.78 -12.54 -22.83
N ARG A 251 -23.02 -12.74 -21.53
CA ARG A 251 -22.26 -12.07 -20.49
C ARG A 251 -20.88 -12.71 -20.43
N LEU A 252 -19.85 -11.95 -20.76
CA LEU A 252 -18.49 -12.48 -20.73
C LEU A 252 -17.99 -12.51 -19.29
N ASN A 253 -17.20 -13.51 -19.04
CA ASN A 253 -16.64 -13.68 -17.77
C ASN A 253 -15.14 -13.92 -17.84
N PHE A 254 -14.43 -12.87 -18.21
CA PHE A 254 -12.99 -12.87 -18.35
C PHE A 254 -12.37 -11.91 -17.33
N ASN A 255 -11.06 -12.04 -17.15
CA ASN A 255 -10.31 -11.18 -16.24
C ASN A 255 -8.95 -10.89 -16.84
N HIS A 256 -8.17 -10.05 -16.15
CA HIS A 256 -6.78 -9.73 -16.47
C HIS A 256 -6.67 -8.92 -17.76
N PRO A 257 -5.54 -8.28 -18.01
CA PRO A 257 -5.33 -7.62 -19.31
C PRO A 257 -5.36 -8.62 -20.45
N THR A 258 -6.34 -8.46 -21.34
CA THR A 258 -6.62 -9.43 -22.39
C THR A 258 -6.14 -8.89 -23.74
N LYS A 259 -5.43 -9.74 -24.49
CA LYS A 259 -4.92 -9.33 -25.80
C LYS A 259 -6.01 -9.32 -26.86
N TYR A 260 -6.84 -10.37 -26.89
CA TYR A 260 -7.84 -10.50 -27.93
C TYR A 260 -8.94 -11.45 -27.47
N LEU A 261 -10.06 -11.40 -28.17
CA LEU A 261 -11.14 -12.37 -28.02
C LEU A 261 -11.30 -13.15 -29.33
N ALA A 262 -11.45 -14.45 -29.20
CA ALA A 262 -11.68 -15.32 -30.36
C ALA A 262 -12.86 -16.25 -30.06
N TRP A 263 -13.76 -16.39 -31.02
CA TRP A 263 -14.93 -17.22 -30.80
C TRP A 263 -15.34 -17.91 -32.09
N ASN A 264 -16.16 -18.95 -31.94
CA ASN A 264 -16.70 -19.70 -33.06
C ASN A 264 -18.05 -20.29 -32.67
N PHE A 265 -18.84 -20.64 -33.69
CA PHE A 265 -20.10 -21.36 -33.52
C PHE A 265 -19.91 -22.76 -34.08
N ASN A 266 -19.93 -23.76 -33.21
CA ASN A 266 -19.59 -25.12 -33.57
C ASN A 266 -20.79 -26.04 -33.41
N ASN A 267 -20.95 -26.96 -34.36
CA ASN A 267 -21.90 -28.06 -34.22
C ASN A 267 -21.21 -29.16 -33.41
N PRO A 268 -21.61 -29.37 -32.16
CA PRO A 268 -20.86 -30.29 -31.29
C PRO A 268 -20.77 -31.72 -31.81
N THR A 269 -21.61 -32.09 -32.79
CA THR A 269 -21.56 -33.44 -33.33
C THR A 269 -20.28 -33.68 -34.11
N ASN A 270 -19.79 -32.68 -34.83
CA ASN A 270 -18.65 -32.84 -35.73
C ASN A 270 -17.51 -31.93 -35.29
N TYR A 271 -16.32 -32.50 -35.17
CA TYR A 271 -15.16 -31.75 -34.69
C TYR A 271 -14.73 -30.71 -35.72
N GLY A 272 -14.50 -29.49 -35.24
CA GLY A 272 -14.03 -28.43 -36.10
C GLY A 272 -15.04 -27.90 -37.09
N GLN A 273 -16.29 -28.33 -37.02
CA GLN A 273 -17.33 -27.83 -37.93
C GLN A 273 -17.81 -26.48 -37.40
N TYR A 274 -17.36 -25.40 -38.04
CA TYR A 274 -17.72 -24.05 -37.67
C TYR A 274 -18.68 -23.41 -38.64
N THR A 275 -19.05 -24.11 -39.72
CA THR A 275 -19.95 -23.58 -40.72
C THR A 275 -21.04 -24.60 -41.03
N ALA A 276 -22.03 -24.17 -41.79
CA ALA A 276 -23.15 -25.04 -42.14
C ALA A 276 -22.77 -25.97 -43.28
N LEU A 277 -23.37 -27.16 -43.27
CA LEU A 277 -23.17 -28.11 -44.36
C LEU A 277 -24.13 -27.78 -45.50
N ALA A 278 -23.63 -27.93 -46.72
CA ALA A 278 -24.42 -27.61 -47.90
C ALA A 278 -23.98 -28.51 -49.06
N ASN A 279 -24.83 -28.57 -50.08
CA ASN A 279 -24.60 -29.40 -51.26
C ASN A 279 -23.74 -28.68 -52.30
N ILE A 280 -22.60 -28.18 -51.85
CA ILE A 280 -21.59 -27.61 -52.73
C ILE A 280 -20.29 -28.34 -52.45
N PRO A 281 -19.38 -28.48 -53.43
CA PRO A 281 -18.17 -29.32 -53.23
C PRO A 281 -17.38 -28.96 -51.99
N GLY A 282 -17.18 -29.95 -51.11
CA GLY A 282 -16.42 -29.76 -49.89
C GLY A 282 -17.24 -29.41 -48.67
N ALA A 283 -18.55 -29.20 -48.81
CA ALA A 283 -19.38 -28.74 -47.71
C ALA A 283 -20.29 -29.82 -47.13
N CYS A 284 -20.40 -30.97 -47.77
CA CYS A 284 -21.18 -32.08 -47.22
C CYS A 284 -20.70 -33.38 -47.86
N SER A 285 -21.15 -34.49 -47.29
CA SER A 285 -20.74 -35.80 -47.77
C SER A 285 -21.31 -36.06 -49.16
N GLY A 286 -20.44 -36.39 -50.11
CA GLY A 286 -20.88 -36.68 -51.46
C GLY A 286 -21.47 -35.50 -52.20
N ALA A 287 -21.03 -34.28 -51.90
CA ALA A 287 -21.61 -33.09 -52.50
C ALA A 287 -21.42 -33.11 -54.02
N GLY A 288 -22.44 -32.63 -54.73
CA GLY A 288 -22.42 -32.59 -56.17
C GLY A 288 -22.84 -33.88 -56.86
N THR A 289 -23.07 -34.95 -56.11
CA THR A 289 -23.43 -36.25 -56.67
C THR A 289 -24.80 -36.67 -56.16
N ALA A 290 -25.25 -37.84 -56.61
CA ALA A 290 -26.53 -38.40 -56.17
C ALA A 290 -26.49 -38.96 -54.75
N ALA A 291 -25.30 -39.14 -54.18
CA ALA A 291 -25.16 -39.61 -52.81
C ALA A 291 -24.96 -38.46 -51.83
N ALA A 292 -25.32 -37.25 -52.22
CA ALA A 292 -25.10 -36.09 -51.37
C ALA A 292 -26.06 -36.09 -50.19
N THR A 293 -25.53 -35.73 -49.01
CA THR A 293 -26.35 -35.60 -47.81
C THR A 293 -25.77 -34.48 -46.97
N VAL A 294 -26.61 -33.49 -46.64
CA VAL A 294 -26.18 -32.34 -45.86
C VAL A 294 -26.22 -32.66 -44.37
N THR A 295 -26.40 -33.93 -44.05
CA THR A 295 -26.38 -34.37 -42.65
C THR A 295 -24.98 -34.73 -42.19
N THR A 296 -24.12 -35.15 -43.12
CA THR A 296 -22.78 -35.61 -42.83
C THR A 296 -21.78 -34.72 -43.55
N PRO A 297 -20.73 -34.26 -42.87
CA PRO A 297 -19.74 -33.40 -43.52
C PRO A 297 -18.80 -34.19 -44.42
N ASP A 298 -18.11 -33.45 -45.28
CA ASP A 298 -16.92 -33.96 -45.96
C ASP A 298 -15.80 -33.83 -44.94
N TYR A 299 -15.60 -34.88 -44.14
CA TYR A 299 -14.80 -34.79 -42.93
C TYR A 299 -13.40 -34.23 -43.21
N GLY A 300 -12.74 -34.72 -44.24
CA GLY A 300 -11.41 -34.22 -44.58
C GLY A 300 -11.41 -32.77 -45.00
N ASN A 301 -12.56 -32.24 -45.41
CA ASN A 301 -12.67 -30.86 -45.86
C ASN A 301 -13.71 -30.12 -45.03
N THR A 302 -13.65 -30.29 -43.70
CA THR A 302 -14.66 -29.71 -42.82
C THR A 302 -14.61 -28.19 -42.84
N GLY A 303 -13.41 -27.62 -42.92
CA GLY A 303 -13.29 -26.18 -42.97
C GLY A 303 -13.70 -25.60 -44.31
N THR A 304 -13.93 -24.29 -44.32
CA THR A 304 -14.29 -23.59 -45.54
C THR A 304 -13.96 -22.11 -45.37
N TYR A 305 -13.83 -21.43 -46.50
CA TYR A 305 -13.66 -19.98 -46.53
C TYR A 305 -14.93 -19.27 -46.98
N ASN A 306 -15.99 -20.01 -47.24
CA ASN A 306 -17.23 -19.42 -47.76
C ASN A 306 -17.98 -18.75 -46.62
N GLU A 307 -18.04 -17.41 -46.66
CA GLU A 307 -18.76 -16.68 -45.64
C GLU A 307 -20.25 -16.97 -45.68
N GLN A 308 -20.77 -17.37 -46.85
CA GLN A 308 -22.19 -17.66 -46.98
C GLN A 308 -22.63 -18.79 -46.05
N LEU A 309 -21.71 -19.65 -45.65
CA LEU A 309 -22.02 -20.77 -44.76
C LEU A 309 -21.79 -20.46 -43.29
N ALA A 310 -21.29 -19.26 -42.96
CA ALA A 310 -21.18 -18.84 -41.57
C ALA A 310 -22.52 -18.32 -41.07
N VAL A 311 -22.67 -18.31 -39.74
CA VAL A 311 -23.99 -18.08 -39.16
C VAL A 311 -24.13 -16.67 -38.61
N LEU A 312 -23.02 -16.07 -38.18
CA LEU A 312 -23.07 -14.77 -37.52
C LEU A 312 -23.29 -13.65 -38.54
N ASP A 313 -24.33 -12.86 -38.34
CA ASP A 313 -24.60 -11.72 -39.21
C ASP A 313 -23.87 -10.47 -38.77
N SER A 314 -24.01 -10.08 -37.50
CA SER A 314 -23.34 -8.90 -36.99
C SER A 314 -23.02 -9.11 -35.52
N ALA A 315 -22.12 -8.27 -35.00
CA ALA A 315 -21.72 -8.41 -33.60
C ALA A 315 -21.13 -7.10 -33.11
N LYS A 316 -21.23 -6.89 -31.80
CA LYS A 316 -20.58 -5.78 -31.12
C LYS A 316 -20.38 -6.17 -29.67
N ILE A 317 -19.44 -5.48 -29.01
CA ILE A 317 -19.14 -5.71 -27.61
C ILE A 317 -19.63 -4.50 -26.82
N GLN A 318 -20.28 -4.76 -25.69
CA GLN A 318 -20.75 -3.71 -24.80
C GLN A 318 -19.95 -3.73 -23.51
N LEU A 319 -19.54 -2.55 -23.06
CA LEU A 319 -18.73 -2.40 -21.85
C LEU A 319 -19.54 -1.57 -20.87
N ASN A 320 -20.05 -2.23 -19.83
CA ASN A 320 -20.89 -1.58 -18.82
C ASN A 320 -22.11 -0.91 -19.47
N GLY A 321 -22.73 -1.62 -20.41
CA GLY A 321 -23.94 -1.16 -21.06
C GLY A 321 -23.73 -0.26 -22.26
N GLN A 322 -22.53 0.28 -22.45
CA GLN A 322 -22.23 1.17 -23.57
C GLN A 322 -21.40 0.43 -24.61
N ASP A 323 -21.59 0.83 -25.87
CA ASP A 323 -20.90 0.17 -26.98
C ASP A 323 -19.40 0.41 -26.91
N ARG A 324 -18.62 -0.67 -26.86
CA ARG A 324 -17.18 -0.54 -27.01
C ARG A 324 -16.80 -0.18 -28.44
N PHE A 325 -17.60 -0.62 -29.40
CA PHE A 325 -17.45 -0.22 -30.79
C PHE A 325 -18.77 -0.43 -31.50
N ALA A 326 -18.93 0.21 -32.65
CA ALA A 326 -20.15 0.10 -33.43
C ALA A 326 -20.27 -1.30 -34.04
N THR A 327 -21.51 -1.70 -34.31
CA THR A 327 -21.79 -3.04 -34.81
C THR A 327 -21.16 -3.24 -36.18
N ARG A 328 -20.46 -4.36 -36.33
CA ARG A 328 -19.87 -4.75 -37.61
C ARG A 328 -20.39 -6.13 -38.00
N LYS A 329 -20.31 -6.43 -39.29
CA LYS A 329 -20.76 -7.72 -39.79
C LYS A 329 -19.83 -8.83 -39.31
N GLY A 330 -20.33 -10.06 -39.42
CA GLY A 330 -19.51 -11.21 -39.04
C GLY A 330 -18.28 -11.37 -39.92
N SER A 331 -18.38 -10.99 -41.19
CA SER A 331 -17.23 -11.08 -42.09
C SER A 331 -16.13 -10.09 -41.71
N TYR A 332 -16.46 -9.03 -40.98
CA TYR A 332 -15.44 -8.10 -40.51
C TYR A 332 -14.51 -8.77 -39.50
N PHE A 333 -15.07 -9.52 -38.55
CA PHE A 333 -14.26 -10.20 -37.55
C PHE A 333 -13.54 -11.41 -38.11
N ASN A 334 -13.96 -11.91 -39.27
CA ASN A 334 -13.33 -13.07 -39.89
C ASN A 334 -12.26 -12.69 -40.91
N LYS A 335 -12.44 -11.57 -41.61
CA LYS A 335 -11.53 -11.14 -42.65
C LYS A 335 -10.68 -9.94 -42.24
N VAL A 336 -11.30 -8.88 -41.73
CA VAL A 336 -10.61 -7.61 -41.56
C VAL A 336 -9.78 -7.60 -40.29
N GLN A 337 -10.36 -8.02 -39.18
CA GLN A 337 -9.59 -8.11 -37.93
C GLN A 337 -8.36 -8.99 -38.09
N PRO A 338 -8.43 -10.18 -38.71
CA PRO A 338 -7.18 -10.91 -38.97
C PRO A 338 -6.27 -10.23 -39.97
N TYR A 339 -6.83 -9.58 -41.00
CA TYR A 339 -5.99 -8.88 -41.97
C TYR A 339 -5.19 -7.77 -41.32
N GLN A 340 -5.81 -7.03 -40.39
CA GLN A 340 -5.16 -5.87 -39.80
C GLN A 340 -4.16 -6.22 -38.70
N SER A 341 -4.26 -7.40 -38.10
CA SER A 341 -3.46 -7.71 -36.93
C SER A 341 -2.69 -9.02 -37.01
N ILE A 342 -2.98 -9.90 -37.96
CA ILE A 342 -2.31 -11.20 -38.07
C ILE A 342 -1.57 -11.33 -39.39
N GLY A 343 -2.26 -11.14 -40.51
CA GLY A 343 -1.63 -11.24 -41.81
C GLY A 343 -1.65 -12.62 -42.42
N GLY A 344 -2.66 -13.42 -42.11
CA GLY A 344 -2.83 -14.72 -42.74
C GLY A 344 -4.18 -14.82 -43.41
N VAL A 345 -4.83 -15.98 -43.28
CA VAL A 345 -6.20 -16.16 -43.75
C VAL A 345 -6.92 -17.07 -42.76
N THR A 346 -8.14 -16.68 -42.40
CA THR A 346 -8.90 -17.39 -41.39
C THR A 346 -10.15 -18.00 -42.02
N PRO A 347 -10.39 -19.29 -41.85
CA PRO A 347 -11.59 -19.89 -42.43
C PRO A 347 -12.86 -19.31 -41.82
N ALA A 348 -13.94 -19.37 -42.59
CA ALA A 348 -15.21 -18.84 -42.13
C ALA A 348 -15.66 -19.56 -40.86
N GLY A 349 -16.36 -18.83 -40.00
CA GLY A 349 -16.85 -19.37 -38.76
C GLY A 349 -15.96 -19.13 -37.56
N VAL A 350 -14.76 -18.58 -37.76
CA VAL A 350 -13.85 -18.22 -36.69
C VAL A 350 -13.70 -16.71 -36.69
N TYR A 351 -13.89 -16.10 -35.53
CA TYR A 351 -13.95 -14.65 -35.41
C TYR A 351 -12.95 -14.16 -34.38
N LEU A 352 -12.51 -12.92 -34.56
CA LEU A 352 -11.47 -12.33 -33.72
C LEU A 352 -11.78 -10.86 -33.50
N TYR A 353 -11.54 -10.39 -32.27
CA TYR A 353 -11.44 -8.97 -31.97
C TYR A 353 -10.20 -8.76 -31.13
N SER A 354 -9.25 -7.98 -31.64
CA SER A 354 -7.96 -7.78 -30.99
C SER A 354 -7.93 -6.45 -30.27
N PHE A 355 -7.50 -6.48 -29.01
CA PHE A 355 -7.16 -5.26 -28.30
C PHE A 355 -5.70 -4.87 -28.48
N ALA A 356 -4.93 -5.71 -29.16
CA ALA A 356 -3.50 -5.53 -29.34
C ALA A 356 -3.18 -5.24 -30.80
N LEU A 357 -2.09 -4.53 -31.02
CA LEU A 357 -1.64 -4.26 -32.39
C LEU A 357 -1.06 -5.51 -33.04
N LYS A 358 -0.40 -6.36 -32.25
CA LYS A 358 0.18 -7.61 -32.75
C LYS A 358 -0.20 -8.72 -31.78
N PRO A 359 -1.41 -9.28 -31.92
CA PRO A 359 -1.84 -10.32 -30.98
C PRO A 359 -1.01 -11.59 -31.02
N ALA A 360 -0.38 -11.89 -32.16
CA ALA A 360 0.44 -13.09 -32.26
C ALA A 360 1.85 -12.89 -31.72
N GLY A 361 2.20 -11.67 -31.35
CA GLY A 361 3.51 -11.37 -30.81
C GLY A 361 3.52 -11.50 -29.30
N ARG A 362 4.61 -12.03 -28.77
CA ARG A 362 4.73 -12.21 -27.32
C ARG A 362 4.80 -10.87 -26.60
N GLN A 363 5.45 -9.90 -27.22
CA GLN A 363 5.56 -8.57 -26.63
C GLN A 363 4.19 -7.93 -26.55
N PRO A 364 3.78 -7.51 -25.35
CA PRO A 364 2.46 -6.88 -25.24
C PRO A 364 2.39 -5.63 -26.10
N SER A 365 1.26 -5.45 -26.77
CA SER A 365 1.05 -4.35 -27.70
C SER A 365 -0.38 -3.86 -27.64
N GLY A 366 -0.92 -3.76 -26.43
CA GLY A 366 -2.29 -3.31 -26.24
C GLY A 366 -3.13 -4.38 -25.60
N THR A 367 -3.74 -4.05 -24.46
CA THR A 367 -4.58 -5.01 -23.74
C THR A 367 -5.80 -4.29 -23.21
N CYS A 368 -6.78 -5.08 -22.78
CA CYS A 368 -7.93 -4.57 -22.05
C CYS A 368 -8.05 -5.34 -20.74
N ASN A 369 -8.12 -4.61 -19.63
CA ASN A 369 -8.16 -5.22 -18.30
C ASN A 369 -9.61 -5.57 -18.00
N PHE A 370 -9.96 -6.84 -18.18
CA PHE A 370 -11.30 -7.31 -17.86
C PHE A 370 -11.56 -7.43 -16.36
N SER A 371 -10.52 -7.35 -15.54
CA SER A 371 -10.71 -7.35 -14.09
C SER A 371 -11.30 -6.05 -13.57
N ARG A 372 -11.27 -4.98 -14.37
CA ARG A 372 -11.81 -3.70 -13.98
C ARG A 372 -13.13 -3.37 -14.68
N ILE A 373 -13.73 -4.34 -15.36
CA ILE A 373 -14.97 -4.15 -16.09
C ILE A 373 -16.04 -5.00 -15.42
N ASP A 374 -17.09 -4.34 -14.92
CA ASP A 374 -18.16 -5.07 -14.23
C ASP A 374 -19.01 -5.86 -15.22
N ASN A 375 -19.36 -5.26 -16.35
CA ASN A 375 -20.23 -5.88 -17.33
C ASN A 375 -19.60 -5.78 -18.71
N ALA A 376 -19.16 -6.91 -19.26
CA ALA A 376 -18.71 -7.01 -20.64
C ALA A 376 -19.61 -8.01 -21.34
N THR A 377 -20.20 -7.59 -22.47
CA THR A 377 -21.21 -8.39 -23.14
C THR A 377 -20.92 -8.44 -24.63
N LEU A 378 -21.08 -9.62 -25.21
CA LEU A 378 -20.97 -9.82 -26.65
C LEU A 378 -22.37 -9.90 -27.23
N SER A 379 -22.79 -8.85 -27.93
CA SER A 379 -24.10 -8.79 -28.54
C SER A 379 -24.04 -9.39 -29.93
N LEU A 380 -24.83 -10.44 -30.18
CA LEU A 380 -24.77 -11.19 -31.42
C LEU A 380 -26.10 -11.07 -32.15
N THR A 381 -26.02 -11.16 -33.49
CA THR A 381 -27.20 -11.24 -34.35
C THR A 381 -26.91 -12.25 -35.44
N TYR A 382 -27.79 -13.23 -35.59
CA TYR A 382 -27.57 -14.33 -36.51
C TYR A 382 -28.28 -14.07 -37.84
N LYS A 383 -27.77 -14.70 -38.89
CA LYS A 383 -28.44 -14.67 -40.18
C LYS A 383 -29.71 -15.49 -40.14
N THR A 384 -30.57 -15.26 -41.13
CA THR A 384 -31.77 -16.08 -41.29
C THR A 384 -31.38 -17.36 -42.03
N CYS A 385 -31.40 -18.48 -41.33
CA CYS A 385 -31.01 -19.77 -41.90
C CYS A 385 -32.15 -20.31 -42.77
N SER A 386 -32.40 -19.60 -43.87
CA SER A 386 -33.54 -19.89 -44.72
C SER A 386 -33.16 -20.48 -46.07
N ILE A 387 -31.88 -20.57 -46.40
CA ILE A 387 -31.45 -21.09 -47.69
C ILE A 387 -31.53 -22.61 -47.69
N ASP A 388 -32.01 -23.19 -48.80
CA ASP A 388 -32.01 -24.64 -48.94
C ASP A 388 -30.58 -25.10 -49.11
N ALA A 389 -30.09 -25.87 -48.13
CA ALA A 389 -28.70 -26.30 -48.15
C ALA A 389 -28.42 -27.36 -49.20
N THR A 390 -29.46 -28.04 -49.70
CA THR A 390 -29.27 -29.07 -50.71
C THR A 390 -29.25 -28.53 -52.12
N SER A 391 -29.49 -27.23 -52.31
CA SER A 391 -29.53 -26.65 -53.63
C SER A 391 -28.25 -25.86 -53.90
N PRO A 392 -27.39 -26.29 -54.82
CA PRO A 392 -26.21 -25.48 -55.14
C PRO A 392 -26.56 -24.12 -55.71
N ALA A 393 -27.63 -24.03 -56.49
CA ALA A 393 -28.04 -22.74 -57.03
C ALA A 393 -28.47 -21.78 -55.93
N ALA A 394 -29.07 -22.30 -54.85
CA ALA A 394 -29.48 -21.44 -53.75
C ALA A 394 -28.30 -21.07 -52.84
N VAL A 395 -27.34 -21.97 -52.66
CA VAL A 395 -26.21 -21.70 -51.78
C VAL A 395 -25.21 -20.76 -52.47
N LEU A 396 -24.94 -20.99 -53.75
CA LEU A 396 -23.94 -20.20 -54.46
C LEU A 396 -24.49 -18.89 -55.00
N GLY A 397 -25.75 -18.56 -54.73
CA GLY A 397 -26.32 -17.31 -55.22
C GLY A 397 -27.38 -16.71 -54.31
N ASN A 398 -26.97 -16.18 -53.17
CA ASN A 398 -27.92 -15.59 -52.23
C ASN A 398 -27.33 -14.30 -51.66
N THR A 399 -28.02 -13.74 -50.67
CA THR A 399 -27.73 -12.43 -50.13
C THR A 399 -26.88 -12.53 -48.87
N GLU A 400 -26.63 -11.38 -48.24
CA GLU A 400 -25.62 -11.30 -47.19
C GLU A 400 -26.13 -11.78 -45.83
N THR A 401 -27.40 -11.56 -45.52
CA THR A 401 -27.91 -11.78 -44.18
C THR A 401 -28.59 -13.14 -44.02
N VAL A 402 -28.36 -14.07 -44.94
CA VAL A 402 -28.96 -15.40 -44.86
C VAL A 402 -27.87 -16.45 -45.03
N THR A 403 -28.18 -17.66 -44.53
CA THR A 403 -27.29 -18.80 -44.65
C THR A 403 -28.13 -20.05 -44.79
N ALA A 404 -27.46 -21.19 -44.94
CA ALA A 404 -28.15 -22.46 -45.14
C ALA A 404 -28.95 -22.85 -43.89
N ASN A 405 -30.05 -23.57 -44.12
CA ASN A 405 -30.90 -23.98 -43.01
C ASN A 405 -30.21 -24.95 -42.08
N THR A 406 -29.11 -25.58 -42.53
CA THR A 406 -28.37 -26.50 -41.67
C THR A 406 -27.53 -25.77 -40.63
N ALA A 407 -27.50 -24.44 -40.67
CA ALA A 407 -26.73 -23.66 -39.70
C ALA A 407 -27.33 -23.70 -38.30
N THR A 408 -28.56 -24.16 -38.15
CA THR A 408 -29.19 -24.25 -36.85
C THR A 408 -28.52 -25.28 -35.95
N LEU A 409 -27.64 -26.13 -36.48
CA LEU A 409 -26.92 -27.10 -35.66
C LEU A 409 -25.69 -26.48 -34.99
N LEU A 410 -25.31 -25.26 -35.36
CA LEU A 410 -24.17 -24.57 -34.75
C LEU A 410 -24.64 -23.94 -33.44
N THR A 411 -24.79 -24.78 -32.42
CA THR A 411 -25.37 -24.37 -31.15
C THR A 411 -24.36 -24.21 -30.02
N ALA A 412 -23.10 -24.58 -30.25
CA ALA A 412 -22.05 -24.45 -29.24
C ALA A 412 -21.23 -23.21 -29.57
N LEU A 413 -21.34 -22.19 -28.73
CA LEU A 413 -20.58 -20.95 -28.87
C LEU A 413 -19.39 -21.01 -27.91
N ASN A 414 -18.19 -21.10 -28.46
CA ASN A 414 -16.96 -21.14 -27.68
C ASN A 414 -16.28 -19.78 -27.78
N ILE A 415 -16.12 -19.11 -26.63
CA ILE A 415 -15.48 -17.80 -26.58
C ILE A 415 -14.18 -17.94 -25.81
N TYR A 416 -13.08 -17.52 -26.44
CA TYR A 416 -11.75 -17.62 -25.84
C TYR A 416 -11.18 -16.23 -25.60
N ALA A 417 -10.35 -16.13 -24.57
CA ALA A 417 -9.65 -14.89 -24.25
C ALA A 417 -8.21 -15.23 -23.89
N LYS A 418 -7.28 -14.46 -24.45
CA LYS A 418 -5.86 -14.62 -24.17
C LYS A 418 -5.43 -13.43 -23.33
N ASN A 419 -4.96 -13.70 -22.13
CA ASN A 419 -4.58 -12.64 -21.20
C ASN A 419 -3.12 -12.80 -20.79
N TYR A 420 -2.59 -11.77 -20.15
CA TYR A 420 -1.26 -11.79 -19.59
C TYR A 420 -1.33 -12.03 -18.09
N ASN A 421 -0.26 -12.61 -17.55
CA ASN A 421 -0.12 -12.79 -16.12
C ASN A 421 1.38 -12.82 -15.81
N VAL A 422 1.72 -12.78 -14.53
CA VAL A 422 3.10 -12.73 -14.09
C VAL A 422 3.38 -13.98 -13.27
N LEU A 423 4.41 -14.71 -13.66
CA LEU A 423 4.87 -15.89 -12.93
C LEU A 423 6.15 -15.54 -12.19
N ARG A 424 6.06 -15.44 -10.87
CA ARG A 424 7.21 -15.15 -10.03
C ARG A 424 7.80 -16.45 -9.52
N ILE A 425 9.12 -16.57 -9.61
CA ILE A 425 9.83 -17.77 -9.18
C ILE A 425 10.93 -17.35 -8.22
N MET A 426 10.86 -17.85 -6.99
CA MET A 426 11.81 -17.48 -5.96
C MET A 426 11.81 -18.55 -4.88
N SER A 427 12.99 -18.80 -4.31
CA SER A 427 13.16 -19.76 -3.21
C SER A 427 12.68 -21.15 -3.61
N GLY A 428 12.91 -21.52 -4.87
CA GLY A 428 12.57 -22.84 -5.35
C GLY A 428 11.09 -23.08 -5.61
N MET A 429 10.27 -22.04 -5.61
CA MET A 429 8.83 -22.19 -5.82
C MET A 429 8.34 -21.12 -6.78
N GLY A 430 7.27 -21.45 -7.49
CA GLY A 430 6.67 -20.52 -8.43
C GLY A 430 5.19 -20.35 -8.17
N GLY A 431 4.70 -19.16 -8.48
CA GLY A 431 3.30 -18.85 -8.28
C GLY A 431 2.90 -17.64 -9.10
N LEU A 432 1.64 -17.65 -9.55
CA LEU A 432 1.12 -16.55 -10.34
C LEU A 432 0.86 -15.34 -9.45
N ALA A 433 1.13 -14.15 -9.99
CA ALA A 433 0.93 -12.92 -9.23
C ALA A 433 -0.54 -12.52 -9.18
N TYR A 434 -1.33 -12.85 -10.20
CA TYR A 434 -2.72 -12.45 -10.26
C TYR A 434 -3.59 -13.66 -10.50
N ALA A 435 -4.61 -13.82 -9.65
CA ALA A 435 -5.54 -14.92 -9.73
C ALA A 435 -6.85 -14.50 -10.38
N ASN A 436 -7.20 -13.22 -10.32
CA ASN A 436 -8.35 -12.65 -11.01
C ASN A 436 -8.00 -11.20 -11.34
N ALA B 1 48.81 -16.68 -3.22
CA ALA B 1 49.20 -16.64 -4.62
C ALA B 1 48.95 -15.26 -5.21
N GLY B 2 48.80 -14.26 -4.36
CA GLY B 2 48.61 -12.91 -4.83
C GLY B 2 47.21 -12.67 -5.36
N GLY B 3 47.10 -11.96 -6.48
CA GLY B 3 45.80 -11.64 -7.03
C GLY B 3 45.07 -12.84 -7.59
N LEU B 4 45.81 -13.83 -8.09
CA LEU B 4 45.18 -15.01 -8.66
C LEU B 4 44.37 -15.77 -7.61
N SER B 5 44.81 -15.76 -6.36
CA SER B 5 44.05 -16.41 -5.30
C SER B 5 42.74 -15.68 -4.99
N GLN B 6 42.65 -14.39 -5.31
CA GLN B 6 41.40 -13.66 -5.11
C GLN B 6 40.37 -14.00 -6.17
N LEU B 7 40.81 -14.32 -7.39
CA LEU B 7 39.88 -14.71 -8.44
C LEU B 7 39.13 -15.98 -8.06
N VAL B 8 39.84 -16.93 -7.44
CA VAL B 8 39.20 -18.18 -7.05
C VAL B 8 38.24 -17.96 -5.89
N ALA B 9 38.44 -16.91 -5.10
CA ALA B 9 37.52 -16.55 -4.02
C ALA B 9 36.23 -16.01 -4.63
N TYR B 10 35.41 -16.92 -5.12
CA TYR B 10 34.18 -16.60 -5.82
C TYR B 10 33.02 -17.27 -5.10
N GLY B 11 31.97 -16.49 -4.83
CA GLY B 11 30.84 -17.02 -4.08
C GLY B 11 29.49 -16.70 -4.68
N ALA B 12 28.41 -17.05 -3.96
CA ALA B 12 27.07 -16.80 -4.46
C ALA B 12 26.71 -15.33 -4.46
N GLN B 13 27.40 -14.52 -3.65
CA GLN B 13 27.13 -13.09 -3.61
C GLN B 13 27.72 -12.35 -4.81
N ASP B 14 28.67 -12.96 -5.52
CA ASP B 14 29.26 -12.34 -6.70
C ASP B 14 28.32 -12.31 -7.89
N VAL B 15 27.14 -12.91 -7.77
CA VAL B 15 26.19 -12.93 -8.88
C VAL B 15 25.69 -11.53 -9.18
N TYR B 16 25.36 -10.76 -8.14
CA TYR B 16 24.90 -9.39 -8.32
C TYR B 16 25.99 -8.45 -8.83
N LEU B 17 27.25 -8.86 -8.79
CA LEU B 17 28.38 -8.02 -9.15
C LEU B 17 29.00 -8.40 -10.49
N THR B 18 29.23 -9.70 -10.70
CA THR B 18 29.93 -10.16 -11.90
C THR B 18 29.12 -11.19 -12.68
N GLY B 19 27.87 -11.45 -12.28
CA GLY B 19 26.99 -12.33 -13.04
C GLY B 19 26.48 -11.59 -14.27
N ASN B 20 26.52 -12.26 -15.42
CA ASN B 20 26.27 -11.62 -16.72
C ASN B 20 27.07 -10.34 -16.84
N PRO B 21 28.38 -10.40 -16.99
CA PRO B 21 29.10 -9.14 -17.19
C PRO B 21 28.45 -8.38 -18.33
N GLN B 22 28.30 -7.09 -18.15
CA GLN B 22 27.70 -6.28 -19.19
C GLN B 22 28.71 -5.33 -19.81
N ILE B 23 29.67 -4.90 -18.99
CA ILE B 23 30.77 -4.04 -19.37
C ILE B 23 32.05 -4.66 -18.86
N THR B 24 33.16 -4.06 -19.25
CA THR B 24 34.47 -4.40 -18.73
C THR B 24 35.22 -3.10 -18.53
N PHE B 25 36.06 -3.07 -17.50
CA PHE B 25 36.79 -1.85 -17.17
C PHE B 25 38.11 -1.73 -17.91
N PHE B 26 38.52 -2.76 -18.66
CA PHE B 26 39.85 -2.82 -19.23
C PHE B 26 39.82 -2.85 -20.76
N LYS B 27 38.73 -2.41 -21.37
CA LYS B 27 38.65 -2.33 -22.83
C LYS B 27 37.59 -1.31 -23.25
N THR B 28 37.87 -0.03 -23.06
CA THR B 28 36.92 1.00 -23.44
C THR B 28 36.91 1.19 -24.95
N VAL B 29 35.71 1.21 -25.51
CA VAL B 29 35.50 1.51 -26.92
C VAL B 29 35.08 2.97 -26.98
N TYR B 30 36.02 3.83 -27.40
CA TYR B 30 35.74 5.26 -27.42
C TYR B 30 34.82 5.61 -28.57
N ARG B 31 34.01 6.65 -28.37
CA ARG B 31 33.03 7.05 -29.35
C ARG B 31 33.66 7.99 -30.37
N ARG B 32 33.25 7.86 -31.62
CA ARG B 32 33.70 8.72 -32.70
C ARG B 32 32.67 9.81 -32.95
N TYR B 33 33.16 11.03 -33.17
CA TYR B 33 32.34 12.23 -33.24
C TYR B 33 32.44 12.87 -34.62
N THR B 34 31.68 13.94 -34.80
CA THR B 34 31.71 14.72 -36.03
C THR B 34 32.90 15.67 -36.04
N ASN B 35 33.55 15.77 -37.19
CA ASN B 35 34.71 16.65 -37.32
C ASN B 35 34.32 18.10 -37.10
N PHE B 36 35.16 18.83 -36.39
CA PHE B 36 34.90 20.24 -36.10
C PHE B 36 36.22 20.96 -35.85
N ALA B 37 36.13 22.27 -35.67
CA ALA B 37 37.28 23.09 -35.31
C ALA B 37 36.79 24.32 -34.55
N ILE B 38 37.63 24.81 -33.63
CA ILE B 38 37.30 25.94 -32.77
C ILE B 38 38.23 27.09 -33.09
N GLU B 39 37.71 28.31 -33.02
CA GLU B 39 38.53 29.50 -33.19
C GLU B 39 37.89 30.66 -32.43
N SER B 40 38.68 31.33 -31.59
CA SER B 40 38.22 32.50 -30.86
C SER B 40 38.45 33.76 -31.70
N ILE B 41 37.38 34.51 -31.96
CA ILE B 41 37.40 35.64 -32.87
C ILE B 41 36.86 36.87 -32.15
N GLN B 42 37.58 37.99 -32.26
CA GLN B 42 37.18 39.22 -31.58
C GLN B 42 36.02 39.89 -32.30
N GLN B 43 35.18 40.56 -31.52
CA GLN B 43 33.99 41.23 -32.00
C GLN B 43 34.21 42.75 -32.02
N THR B 44 33.34 43.43 -32.76
CA THR B 44 33.33 44.88 -32.82
C THR B 44 32.38 45.42 -31.76
N ILE B 45 32.87 46.35 -30.93
CA ILE B 45 32.09 46.94 -29.86
C ILE B 45 31.50 48.26 -30.35
N ASN B 46 30.19 48.39 -30.23
CA ASN B 46 29.49 49.61 -30.63
C ASN B 46 29.27 50.48 -29.40
N GLY B 47 29.68 51.72 -29.48
CA GLY B 47 29.59 52.66 -28.38
C GLY B 47 30.96 53.04 -27.84
N SER B 48 30.94 54.01 -26.94
CA SER B 48 32.16 54.52 -26.31
C SER B 48 32.41 53.75 -25.02
N VAL B 49 33.53 53.03 -24.96
CA VAL B 49 33.87 52.28 -23.76
C VAL B 49 34.32 53.24 -22.67
N GLY B 50 33.70 53.12 -21.49
CA GLY B 50 34.05 53.99 -20.38
C GLY B 50 33.13 53.69 -19.21
N PHE B 51 33.52 54.22 -18.05
CA PHE B 51 32.75 54.02 -16.83
C PHE B 51 31.34 54.58 -16.98
N GLY B 52 30.35 53.75 -16.67
CA GLY B 52 28.97 54.20 -16.71
C GLY B 52 28.36 54.29 -18.10
N ASN B 53 29.02 53.76 -19.11
CA ASN B 53 28.51 53.81 -20.47
C ASN B 53 27.87 52.50 -20.87
N LYS B 54 27.00 52.56 -21.88
CA LYS B 54 26.33 51.39 -22.43
C LYS B 54 26.92 51.12 -23.81
N VAL B 55 27.46 49.92 -23.99
CA VAL B 55 28.00 49.50 -25.28
C VAL B 55 27.32 48.21 -25.68
N SER B 56 27.37 47.91 -26.98
CA SER B 56 26.72 46.73 -27.51
C SER B 56 27.63 46.06 -28.53
N THR B 57 27.32 44.80 -28.82
CA THR B 57 28.06 44.01 -29.80
C THR B 57 27.06 43.15 -30.57
N GLN B 58 27.19 43.17 -31.88
CA GLN B 58 26.44 42.29 -32.76
C GLN B 58 27.35 41.14 -33.18
N ILE B 59 26.98 39.91 -32.82
CA ILE B 59 27.85 38.77 -33.06
C ILE B 59 28.03 38.58 -34.56
N SER B 60 29.27 38.72 -35.03
CA SER B 60 29.57 38.55 -36.43
C SER B 60 29.43 37.09 -36.84
N ARG B 61 29.02 36.87 -38.08
CA ARG B 61 28.78 35.54 -38.62
C ARG B 61 30.01 34.90 -39.24
N ASN B 62 30.98 34.57 -38.40
CA ASN B 62 32.22 33.96 -38.85
C ASN B 62 32.13 32.44 -38.95
N GLY B 63 31.51 31.81 -37.96
CA GLY B 63 31.39 30.37 -37.94
C GLY B 63 29.96 29.88 -37.90
N ASP B 64 29.78 28.59 -37.63
CA ASP B 64 28.45 27.98 -37.66
C ASP B 64 27.78 28.00 -36.30
N LEU B 65 28.52 27.74 -35.23
CA LEU B 65 28.01 27.79 -33.88
C LEU B 65 28.89 28.71 -33.04
N ILE B 66 28.38 29.13 -31.89
CA ILE B 66 29.14 29.92 -30.93
C ILE B 66 29.01 29.28 -29.55
N THR B 67 30.11 29.29 -28.80
CA THR B 67 30.14 28.70 -27.47
C THR B 67 30.64 29.73 -26.45
N ASP B 68 31.94 29.71 -26.17
CA ASP B 68 32.49 30.58 -25.14
C ASP B 68 32.52 32.03 -25.61
N ILE B 69 32.24 32.94 -24.68
CA ILE B 69 32.37 34.37 -24.90
C ILE B 69 33.12 34.96 -23.71
N VAL B 70 34.19 35.68 -23.99
CA VAL B 70 35.04 36.27 -22.95
C VAL B 70 35.10 37.78 -23.19
N VAL B 71 34.94 38.55 -22.12
CA VAL B 71 35.09 39.99 -22.16
C VAL B 71 36.42 40.35 -21.52
N GLU B 72 37.30 40.98 -22.30
CA GLU B 72 38.61 41.39 -21.82
C GLU B 72 38.56 42.84 -21.35
N PHE B 73 39.10 43.08 -20.16
CA PHE B 73 39.28 44.42 -19.63
C PHE B 73 40.74 44.62 -19.28
N VAL B 74 41.20 45.87 -19.41
CA VAL B 74 42.52 46.27 -18.94
C VAL B 74 42.32 47.42 -17.97
N LEU B 75 42.69 47.21 -16.71
CA LEU B 75 42.45 48.17 -15.65
C LEU B 75 43.76 48.54 -14.95
N THR B 76 43.79 49.76 -14.42
CA THR B 76 44.89 50.25 -13.61
C THR B 76 44.36 50.56 -12.22
N LYS B 77 44.93 49.92 -11.20
CA LYS B 77 44.42 50.07 -9.85
C LYS B 77 44.98 51.32 -9.20
N GLY B 78 44.15 51.95 -8.37
CA GLY B 78 44.50 53.17 -7.68
C GLY B 78 44.78 53.04 -6.20
N GLY B 79 44.89 51.81 -5.68
CA GLY B 79 45.24 51.59 -4.30
C GLY B 79 46.29 50.50 -4.18
N ASN B 80 46.68 50.23 -2.94
CA ASN B 80 47.70 49.22 -2.68
C ASN B 80 47.09 47.85 -2.48
N GLY B 81 47.74 47.02 -1.68
CA GLY B 81 47.30 45.64 -1.54
C GLY B 81 45.97 45.53 -0.81
N GLY B 82 45.10 44.67 -1.33
CA GLY B 82 43.83 44.40 -0.69
C GLY B 82 42.80 45.49 -0.82
N THR B 83 42.88 46.33 -1.85
CA THR B 83 41.95 47.44 -2.03
C THR B 83 40.97 47.22 -3.17
N THR B 84 40.97 46.03 -3.78
CA THR B 84 40.02 45.70 -4.84
C THR B 84 39.33 44.39 -4.50
N TYR B 85 38.12 44.23 -5.01
CA TYR B 85 37.34 43.01 -4.79
C TYR B 85 36.61 42.69 -6.09
N TYR B 86 37.19 41.78 -6.87
CA TYR B 86 36.63 41.39 -8.16
C TYR B 86 36.25 42.61 -9.01
N PRO B 87 37.21 43.49 -9.31
CA PRO B 87 36.86 44.72 -10.03
C PRO B 87 36.41 44.49 -11.46
N ALA B 88 37.03 43.53 -12.16
CA ALA B 88 36.60 43.25 -13.52
C ALA B 88 35.20 42.65 -13.56
N GLU B 89 34.84 41.89 -12.54
CA GLU B 89 33.48 41.35 -12.45
C GLU B 89 32.46 42.46 -12.20
N GLU B 90 32.78 43.39 -11.29
CA GLU B 90 31.87 44.48 -11.01
C GLU B 90 31.74 45.43 -12.19
N LEU B 91 32.83 45.62 -12.96
CA LEU B 91 32.79 46.54 -14.08
C LEU B 91 31.72 46.15 -15.10
N LEU B 92 31.51 44.84 -15.28
CA LEU B 92 30.45 44.33 -16.16
C LEU B 92 29.15 44.33 -15.35
N GLN B 93 28.51 45.50 -15.27
CA GLN B 93 27.35 45.66 -14.41
C GLN B 93 26.19 44.77 -14.85
N ASP B 94 25.89 44.76 -16.14
CA ASP B 94 24.89 43.84 -16.66
C ASP B 94 25.15 43.60 -18.14
N VAL B 95 24.73 42.42 -18.60
CA VAL B 95 24.86 42.03 -20.00
C VAL B 95 23.58 41.33 -20.42
N GLU B 96 23.04 41.74 -21.57
CA GLU B 96 21.75 41.26 -22.06
C GLU B 96 21.96 40.51 -23.37
N LEU B 97 21.40 39.31 -23.46
CA LEU B 97 21.45 38.51 -24.67
C LEU B 97 20.13 38.68 -25.43
N GLU B 98 20.23 39.02 -26.72
CA GLU B 98 19.05 39.29 -27.52
C GLU B 98 19.19 38.57 -28.86
N ILE B 99 18.13 37.87 -29.25
CA ILE B 99 18.07 37.19 -30.54
C ILE B 99 16.86 37.70 -31.28
N GLY B 100 17.08 38.32 -32.44
CA GLY B 100 15.99 38.83 -33.24
C GLY B 100 15.15 39.90 -32.56
N GLY B 101 15.79 40.74 -31.75
CA GLY B 101 15.10 41.79 -31.03
C GLY B 101 14.42 41.36 -29.74
N GLN B 102 14.45 40.08 -29.41
CA GLN B 102 13.80 39.56 -28.22
C GLN B 102 14.85 39.15 -27.20
N ARG B 103 14.67 39.58 -25.95
CA ARG B 103 15.59 39.21 -24.89
C ARG B 103 15.47 37.72 -24.57
N ILE B 104 16.60 37.03 -24.62
CA ILE B 104 16.65 35.62 -24.24
C ILE B 104 17.05 35.47 -22.78
N ASP B 105 18.00 36.28 -22.32
CA ASP B 105 18.47 36.22 -20.94
C ASP B 105 19.18 37.54 -20.63
N LYS B 106 19.28 37.83 -19.33
CA LYS B 106 19.98 39.03 -18.88
C LYS B 106 20.61 38.75 -17.53
N HIS B 107 21.90 39.07 -17.40
CA HIS B 107 22.63 38.84 -16.16
C HIS B 107 23.07 40.17 -15.56
N TYR B 108 23.43 40.11 -14.28
CA TYR B 108 23.84 41.28 -13.52
C TYR B 108 25.12 40.97 -12.77
N ASN B 109 25.83 42.02 -12.37
CA ASN B 109 27.12 41.84 -11.71
C ASN B 109 26.97 41.10 -10.39
N ASP B 110 25.86 41.31 -9.67
CA ASP B 110 25.65 40.60 -8.42
C ASP B 110 25.35 39.12 -8.65
N TRP B 111 24.79 38.76 -9.80
CA TRP B 111 24.61 37.35 -10.11
C TRP B 111 25.95 36.66 -10.36
N PHE B 112 26.85 37.32 -11.09
CA PHE B 112 28.20 36.79 -11.24
C PHE B 112 28.85 36.53 -9.89
N ARG B 113 28.61 37.42 -8.92
CA ARG B 113 29.16 37.22 -7.59
C ARG B 113 28.47 36.07 -6.88
N THR B 114 27.14 35.98 -7.03
CA THR B 114 26.41 34.90 -6.39
C THR B 114 26.70 33.56 -7.06
N TYR B 115 26.81 33.54 -8.39
CA TYR B 115 27.14 32.32 -9.11
C TYR B 115 28.52 31.81 -8.69
N ASP B 116 29.48 32.71 -8.56
CA ASP B 116 30.83 32.30 -8.15
C ASP B 116 30.83 31.76 -6.72
N ALA B 117 30.04 32.36 -5.84
CA ALA B 117 30.03 31.93 -4.45
C ALA B 117 29.36 30.56 -4.28
N LEU B 118 28.45 30.20 -5.18
CA LEU B 118 27.69 28.95 -5.06
C LEU B 118 28.22 27.83 -5.95
N PHE B 119 28.54 28.12 -7.21
CA PHE B 119 28.74 27.06 -8.20
C PHE B 119 30.17 26.92 -8.70
N ARG B 120 31.08 27.79 -8.31
CA ARG B 120 32.50 27.56 -8.55
C ARG B 120 33.16 27.10 -7.26
N MET B 121 34.29 26.40 -7.42
CA MET B 121 34.96 25.81 -6.26
C MET B 121 36.40 25.50 -6.62
N ASN B 122 37.22 25.36 -5.59
CA ASN B 122 38.55 24.74 -5.66
C ASN B 122 39.44 25.60 -6.57
N ASP B 123 40.35 25.00 -7.34
CA ASP B 123 41.29 25.77 -8.16
C ASP B 123 40.57 26.51 -9.28
N ASP B 124 39.44 25.98 -9.77
CA ASP B 124 38.68 26.68 -10.78
C ASP B 124 38.22 28.04 -10.28
N ARG B 125 37.77 28.11 -9.03
CA ARG B 125 37.32 29.37 -8.46
C ARG B 125 38.48 30.35 -8.26
N TYR B 126 39.65 29.84 -7.87
CA TYR B 126 40.80 30.70 -7.70
C TYR B 126 41.29 31.25 -9.04
N ASN B 127 41.29 30.42 -10.07
CA ASN B 127 41.64 30.90 -11.40
C ASN B 127 40.68 31.97 -11.88
N TYR B 128 39.40 31.86 -11.50
CA TYR B 128 38.43 32.90 -11.85
C TYR B 128 38.77 34.23 -11.19
N ARG B 129 39.32 34.21 -9.98
CA ARG B 129 39.71 35.46 -9.35
C ARG B 129 40.99 36.02 -9.98
N ARG B 130 41.89 35.15 -10.44
CA ARG B 130 43.02 35.62 -11.23
C ARG B 130 42.54 36.36 -12.47
N MET B 131 41.45 35.90 -13.07
CA MET B 131 40.93 36.49 -14.30
C MET B 131 40.15 37.78 -14.06
N THR B 132 39.75 38.07 -12.82
CA THR B 132 38.89 39.21 -12.56
C THR B 132 39.39 40.12 -11.45
N ASP B 133 40.61 39.91 -10.95
CA ASP B 133 41.06 40.68 -9.80
C ASP B 133 42.58 40.62 -9.73
N TRP B 134 43.16 41.54 -8.94
CA TRP B 134 44.56 41.49 -8.56
C TRP B 134 44.71 40.59 -7.34
N VAL B 135 45.59 39.60 -7.44
CA VAL B 135 45.68 38.59 -6.38
C VAL B 135 47.13 38.41 -5.93
N ASN B 136 48.01 39.33 -6.32
CA ASN B 136 49.43 39.22 -5.98
C ASN B 136 49.93 40.45 -5.23
N ASN B 137 49.07 41.09 -4.44
CA ASN B 137 49.45 42.21 -3.56
C ASN B 137 50.00 43.38 -4.38
N GLU B 138 49.41 43.62 -5.54
CA GLU B 138 49.88 44.69 -6.40
C GLU B 138 49.60 46.06 -5.77
N LEU B 139 50.40 47.03 -6.18
CA LEU B 139 50.40 48.37 -5.60
C LEU B 139 49.71 49.35 -6.54
N VAL B 140 49.71 50.63 -6.15
CA VAL B 140 49.11 51.68 -6.95
C VAL B 140 49.75 51.70 -8.33
N GLY B 141 48.92 51.88 -9.36
CA GLY B 141 49.39 52.00 -10.72
C GLY B 141 49.64 50.70 -11.45
N ALA B 142 49.39 49.56 -10.82
CA ALA B 142 49.57 48.28 -11.49
C ALA B 142 48.49 48.08 -12.56
N GLN B 143 48.90 47.65 -13.73
CA GLN B 143 48.01 47.41 -14.86
C GLN B 143 47.93 45.92 -15.15
N LYS B 144 46.72 45.42 -15.36
CA LYS B 144 46.51 44.00 -15.57
C LYS B 144 45.38 43.81 -16.57
N ARG B 145 45.49 42.77 -17.40
CA ARG B 145 44.42 42.40 -18.31
C ARG B 145 43.53 41.36 -17.65
N PHE B 146 42.22 41.58 -17.72
CA PHE B 146 41.25 40.72 -17.07
C PHE B 146 40.38 40.03 -18.11
N TYR B 147 39.85 38.86 -17.74
CA TYR B 147 39.01 38.05 -18.62
C TYR B 147 37.76 37.65 -17.85
N VAL B 148 36.61 38.21 -18.23
CA VAL B 148 35.34 37.90 -17.59
C VAL B 148 34.56 36.97 -18.52
N PRO B 149 34.40 35.69 -18.18
CA PRO B 149 33.65 34.79 -19.05
C PRO B 149 32.15 34.88 -18.78
N LEU B 150 31.38 34.95 -19.86
CA LEU B 150 29.93 34.98 -19.74
C LEU B 150 29.39 33.57 -19.47
N ILE B 151 28.23 33.51 -18.83
CA ILE B 151 27.67 32.25 -18.38
C ILE B 151 26.23 32.07 -18.87
N PHE B 152 25.98 32.42 -20.13
CA PHE B 152 24.68 32.13 -20.72
C PHE B 152 24.58 30.64 -21.05
N PHE B 153 23.44 30.24 -21.61
CA PHE B 153 23.17 28.81 -21.80
C PHE B 153 24.17 28.18 -22.77
N PHE B 154 24.55 28.91 -23.81
CA PHE B 154 25.48 28.40 -24.80
C PHE B 154 26.95 28.62 -24.41
N ASN B 155 27.21 29.28 -23.28
CA ASN B 155 28.57 29.47 -22.81
C ASN B 155 29.02 28.39 -21.83
N GLN B 156 28.10 27.62 -21.27
CA GLN B 156 28.44 26.68 -20.21
C GLN B 156 28.51 25.24 -20.69
N THR B 157 28.00 24.92 -21.88
CA THR B 157 28.10 23.57 -22.40
C THR B 157 28.08 23.64 -23.92
N PRO B 158 29.00 22.93 -24.59
CA PRO B 158 28.97 22.93 -26.06
C PRO B 158 27.74 22.28 -26.64
N GLY B 159 27.07 21.41 -25.89
CA GLY B 159 25.84 20.79 -26.35
C GLY B 159 24.69 21.75 -26.56
N LEU B 160 24.80 22.98 -26.03
CA LEU B 160 23.80 24.01 -26.24
C LEU B 160 24.35 25.16 -27.09
N ALA B 161 25.34 24.85 -27.93
CA ALA B 161 25.95 25.87 -28.78
C ALA B 161 24.90 26.54 -29.65
N LEU B 162 24.90 27.87 -29.63
CA LEU B 162 23.91 28.63 -30.39
C LEU B 162 24.21 28.53 -31.88
N PRO B 163 23.31 27.95 -32.67
CA PRO B 163 23.62 27.76 -34.10
C PRO B 163 23.39 29.01 -34.93
N LEU B 164 24.46 29.76 -35.19
CA LEU B 164 24.35 30.92 -36.07
C LEU B 164 23.95 30.51 -37.48
N ILE B 165 24.34 29.32 -37.92
CA ILE B 165 23.98 28.86 -39.25
C ILE B 165 22.48 28.65 -39.41
N ALA B 166 21.77 28.40 -38.31
CA ALA B 166 20.32 28.23 -38.33
C ALA B 166 19.58 29.52 -38.00
N LEU B 167 20.28 30.63 -37.91
CA LEU B 167 19.68 31.93 -37.60
C LEU B 167 20.04 33.02 -38.62
N GLN B 168 20.06 32.65 -39.89
CA GLN B 168 20.42 33.58 -40.97
C GLN B 168 19.56 34.85 -41.04
N TYR B 169 18.37 34.82 -40.45
CA TYR B 169 17.47 35.97 -40.51
C TYR B 169 17.27 36.67 -39.17
N HIS B 170 17.99 36.24 -38.14
CA HIS B 170 17.89 36.85 -36.83
C HIS B 170 19.28 37.26 -36.33
N GLU B 171 19.36 38.42 -35.75
CA GLU B 171 20.59 38.92 -35.22
C GLU B 171 20.79 38.56 -33.74
N VAL B 172 22.00 38.13 -33.39
CA VAL B 172 22.39 37.82 -32.02
C VAL B 172 23.17 39.01 -31.49
N LYS B 173 22.70 39.60 -30.39
CA LYS B 173 23.28 40.81 -29.87
C LYS B 173 23.53 40.69 -28.37
N LEU B 174 24.55 41.41 -27.90
CA LEU B 174 24.85 41.55 -26.48
C LEU B 174 24.85 43.02 -26.13
N TYR B 175 24.12 43.39 -25.07
CA TYR B 175 24.02 44.77 -24.59
C TYR B 175 24.72 44.87 -23.24
N PHE B 176 25.81 45.61 -23.20
CA PHE B 176 26.61 45.78 -21.99
C PHE B 176 26.29 47.11 -21.32
N THR B 177 26.34 47.10 -19.99
CA THR B 177 26.30 48.32 -19.19
C THR B 177 27.45 48.26 -18.21
N LEU B 178 28.33 49.25 -18.27
CA LEU B 178 29.51 49.28 -17.41
C LEU B 178 29.21 50.01 -16.11
N ALA B 179 29.79 49.51 -15.03
CA ALA B 179 29.60 50.15 -13.73
C ALA B 179 30.23 51.54 -13.73
N SER B 180 29.69 52.42 -12.89
CA SER B 180 30.18 53.79 -12.82
C SER B 180 31.39 53.89 -11.90
N GLN B 181 31.32 53.28 -10.73
CA GLN B 181 32.35 53.39 -9.71
C GLN B 181 32.84 52.01 -9.33
N VAL B 182 34.15 51.80 -9.41
CA VAL B 182 34.79 50.51 -9.12
C VAL B 182 35.85 50.75 -8.04
N GLN B 183 35.67 50.10 -6.89
CA GLN B 183 36.56 50.29 -5.76
C GLN B 183 37.98 49.87 -6.10
N GLY B 184 38.95 50.69 -5.71
CA GLY B 184 40.34 50.41 -5.96
C GLY B 184 40.78 50.60 -7.38
N VAL B 185 39.89 51.01 -8.27
CA VAL B 185 40.24 51.24 -9.67
C VAL B 185 40.04 52.70 -10.02
N ASN B 186 38.81 53.21 -9.89
CA ASN B 186 38.55 54.63 -10.13
C ASN B 186 37.95 55.36 -8.93
N TYR B 187 37.60 54.65 -7.85
CA TYR B 187 37.11 55.27 -6.63
C TYR B 187 37.75 54.58 -5.43
N ASN B 188 37.85 55.33 -4.33
CA ASN B 188 38.31 54.76 -3.06
C ASN B 188 37.21 55.09 -2.07
N GLY B 189 36.28 54.16 -1.90
CA GLY B 189 35.08 54.43 -1.13
C GLY B 189 34.16 55.36 -1.88
N SER B 190 33.87 56.53 -1.30
CA SER B 190 33.05 57.53 -1.95
C SER B 190 33.87 58.59 -2.67
N SER B 191 35.20 58.57 -2.52
CA SER B 191 36.07 59.58 -3.10
C SER B 191 36.71 59.05 -4.38
N ALA B 192 36.66 59.86 -5.43
CA ALA B 192 37.23 59.46 -6.72
C ALA B 192 38.75 59.46 -6.66
N ILE B 193 39.35 58.49 -7.34
CA ILE B 193 40.80 58.40 -7.46
C ILE B 193 41.24 59.31 -8.61
N ALA B 194 42.05 60.33 -8.28
CA ALA B 194 42.48 61.28 -9.28
C ALA B 194 43.36 60.60 -10.33
N GLY B 195 43.17 60.98 -11.59
CA GLY B 195 43.95 60.43 -12.67
C GLY B 195 43.56 59.03 -13.08
N ALA B 196 42.41 58.54 -12.65
CA ALA B 196 41.99 57.18 -12.99
C ALA B 196 41.77 57.05 -14.50
N ALA B 197 42.32 55.98 -15.08
CA ALA B 197 42.24 55.75 -16.51
C ALA B 197 40.94 55.02 -16.85
N GLN B 198 40.38 55.36 -18.02
CA GLN B 198 39.19 54.68 -18.49
C GLN B 198 39.55 53.25 -18.92
N PRO B 199 38.63 52.30 -18.75
CA PRO B 199 38.92 50.94 -19.15
C PRO B 199 38.87 50.77 -20.66
N THR B 200 39.64 49.80 -21.15
CA THR B 200 39.57 49.36 -22.54
C THR B 200 38.95 47.98 -22.58
N MET B 201 38.07 47.75 -23.56
CA MET B 201 37.26 46.54 -23.60
C MET B 201 37.36 45.89 -24.97
N SER B 202 37.30 44.56 -24.97
CA SER B 202 37.19 43.78 -26.20
C SER B 202 36.40 42.51 -25.89
N VAL B 203 35.63 42.07 -26.87
CA VAL B 203 34.77 40.89 -26.74
C VAL B 203 35.27 39.83 -27.69
N TRP B 204 35.46 38.61 -27.18
CA TRP B 204 35.95 37.49 -27.97
C TRP B 204 34.94 36.35 -27.90
N VAL B 205 34.60 35.79 -29.05
CA VAL B 205 33.61 34.72 -29.16
C VAL B 205 34.28 33.51 -29.79
N ASP B 206 34.06 32.34 -29.19
CA ASP B 206 34.59 31.09 -29.71
C ASP B 206 33.59 30.50 -30.70
N TYR B 207 34.01 30.35 -31.94
CA TYR B 207 33.15 29.84 -33.00
C TYR B 207 33.46 28.37 -33.25
N ILE B 208 32.42 27.61 -33.62
CA ILE B 208 32.56 26.21 -33.98
C ILE B 208 32.32 26.10 -35.48
N PHE B 209 33.29 25.53 -36.19
CA PHE B 209 33.18 25.27 -37.61
C PHE B 209 32.89 23.79 -37.81
N LEU B 210 31.76 23.49 -38.45
CA LEU B 210 31.31 22.11 -38.57
C LEU B 210 31.65 21.57 -39.95
N ASP B 211 31.75 20.25 -40.04
CA ASP B 211 32.01 19.62 -41.32
C ASP B 211 30.76 19.65 -42.18
N THR B 212 30.94 19.29 -43.46
CA THR B 212 29.89 19.51 -44.45
C THR B 212 28.60 18.78 -44.08
N GLN B 213 28.71 17.52 -43.66
CA GLN B 213 27.51 16.70 -43.45
C GLN B 213 26.68 17.24 -42.29
N GLU B 214 27.29 17.44 -41.11
CA GLU B 214 26.53 17.97 -39.99
C GLU B 214 26.14 19.43 -40.20
N ARG B 215 26.88 20.17 -41.02
CA ARG B 215 26.53 21.55 -41.31
C ARG B 215 25.21 21.64 -42.08
N THR B 216 24.96 20.69 -42.98
CA THR B 216 23.73 20.70 -43.75
C THR B 216 22.52 20.40 -42.87
N ARG B 217 22.68 19.54 -41.86
CA ARG B 217 21.56 19.19 -41.00
C ARG B 217 21.17 20.35 -40.10
N PHE B 218 22.15 21.10 -39.60
CA PHE B 218 21.84 22.25 -38.74
C PHE B 218 21.06 23.32 -39.50
N ALA B 219 21.31 23.46 -40.80
CA ALA B 219 20.65 24.47 -41.61
C ALA B 219 19.32 24.02 -42.19
N GLN B 220 18.99 22.73 -42.12
CA GLN B 220 17.81 22.17 -42.76
C GLN B 220 16.70 21.76 -41.80
N LEU B 221 17.02 21.15 -40.66
CA LEU B 221 15.96 20.69 -39.80
C LEU B 221 15.63 21.72 -38.72
N PRO B 222 14.41 21.69 -38.19
CA PRO B 222 14.10 22.52 -37.03
C PRO B 222 14.84 22.02 -35.79
N HIS B 223 15.13 22.95 -34.89
CA HIS B 223 15.86 22.66 -33.67
C HIS B 223 15.08 23.09 -32.45
N GLU B 224 15.22 22.33 -31.37
CA GLU B 224 14.68 22.67 -30.07
C GLU B 224 15.77 22.51 -29.03
N TYR B 225 16.11 23.61 -28.36
CA TYR B 225 17.15 23.61 -27.33
C TYR B 225 16.51 23.88 -25.98
N LEU B 226 16.84 23.04 -24.99
CA LEU B 226 16.42 23.25 -23.61
C LEU B 226 17.47 24.12 -22.94
N ILE B 227 17.15 25.40 -22.74
CA ILE B 227 18.10 26.38 -22.25
C ILE B 227 17.73 26.77 -20.83
N GLU B 228 18.62 27.53 -20.19
CA GLU B 228 18.39 28.07 -18.86
C GLU B 228 18.37 29.58 -18.91
N GLN B 229 17.58 30.18 -18.01
CA GLN B 229 17.48 31.63 -17.90
C GLN B 229 17.62 32.04 -16.45
N LEU B 230 18.00 33.29 -16.25
CA LEU B 230 18.07 33.89 -14.93
C LEU B 230 16.88 34.85 -14.75
N GLN B 231 16.27 34.80 -13.58
CA GLN B 231 15.18 35.69 -13.23
C GLN B 231 15.62 36.58 -12.07
N PHE B 232 15.35 37.88 -12.21
CA PHE B 232 15.70 38.84 -11.16
C PHE B 232 14.81 40.06 -11.37
N THR B 233 13.96 40.36 -10.38
CA THR B 233 12.99 41.43 -10.49
C THR B 233 13.44 42.72 -9.81
N GLY B 234 14.70 42.79 -9.39
CA GLY B 234 15.21 43.94 -8.69
C GLY B 234 15.44 43.65 -7.21
N SER B 235 16.24 44.52 -6.59
CA SER B 235 16.55 44.34 -5.18
C SER B 235 15.34 44.64 -4.31
N GLU B 236 15.25 43.91 -3.21
CA GLU B 236 14.20 44.08 -2.22
C GLU B 236 14.87 44.77 -1.02
N THR B 237 14.06 45.47 -0.22
CA THR B 237 14.56 46.20 0.95
C THR B 237 14.42 45.31 2.18
N ALA B 238 15.55 44.82 2.69
CA ALA B 238 15.56 44.09 3.94
C ALA B 238 15.57 45.06 5.12
N THR B 239 14.93 44.66 6.20
CA THR B 239 14.83 45.51 7.37
C THR B 239 15.29 44.88 8.69
N PRO B 240 16.58 44.53 8.77
CA PRO B 240 17.11 43.97 10.03
C PRO B 240 17.15 45.04 11.12
N SER B 241 16.91 44.63 12.36
CA SER B 241 16.88 45.54 13.50
C SER B 241 17.90 45.13 14.55
N ALA B 242 18.24 46.08 15.42
CA ALA B 242 19.23 45.87 16.47
C ALA B 242 18.62 45.58 17.84
N THR B 243 17.30 45.66 17.97
CA THR B 243 16.63 45.48 19.25
C THR B 243 15.71 44.27 19.31
N THR B 244 15.27 43.74 18.17
CA THR B 244 14.39 42.58 18.14
C THR B 244 14.66 41.80 16.86
N GLN B 245 13.92 40.69 16.69
CA GLN B 245 14.02 39.87 15.49
C GLN B 245 12.91 40.28 14.53
N ALA B 246 13.27 41.04 13.50
CA ALA B 246 12.32 41.48 12.50
C ALA B 246 12.02 40.35 11.51
N SER B 247 10.88 40.49 10.83
CA SER B 247 10.44 39.49 9.85
C SER B 247 9.91 40.19 8.62
N GLN B 248 9.95 39.48 7.48
CA GLN B 248 9.46 39.98 6.22
C GLN B 248 8.83 38.84 5.42
N ASN B 249 7.93 39.21 4.52
CA ASN B 249 7.33 38.29 3.56
C ASN B 249 7.49 38.91 2.17
N ILE B 250 8.43 38.42 1.39
CA ILE B 250 8.73 38.97 0.07
C ILE B 250 7.97 38.17 -0.97
N ARG B 251 7.08 38.85 -1.69
CA ARG B 251 6.32 38.22 -2.76
C ARG B 251 7.21 38.01 -3.98
N LEU B 252 7.47 36.74 -4.30
CA LEU B 252 8.28 36.41 -5.47
C LEU B 252 7.45 36.49 -6.75
N ASN B 253 8.09 36.90 -7.83
CA ASN B 253 7.45 37.01 -9.14
C ASN B 253 8.29 36.23 -10.16
N PHE B 254 8.30 34.91 -10.01
CA PHE B 254 9.02 34.02 -10.91
C PHE B 254 8.04 33.18 -11.71
N ASN B 255 8.56 32.58 -12.78
CA ASN B 255 7.78 31.73 -13.68
C ASN B 255 8.66 30.58 -14.14
N HIS B 256 8.06 29.69 -14.95
CA HIS B 256 8.75 28.61 -15.64
C HIS B 256 9.27 27.53 -14.69
N PRO B 257 9.60 26.34 -15.18
CA PRO B 257 10.22 25.34 -14.32
C PRO B 257 11.57 25.81 -13.79
N THR B 258 11.65 25.96 -12.47
CA THR B 258 12.80 26.57 -11.80
C THR B 258 13.65 25.53 -11.10
N LYS B 259 14.96 25.59 -11.32
CA LYS B 259 15.87 24.64 -10.69
C LYS B 259 16.12 24.98 -9.22
N TYR B 260 16.36 26.26 -8.93
CA TYR B 260 16.72 26.66 -7.58
C TYR B 260 16.45 28.14 -7.39
N LEU B 261 16.42 28.55 -6.12
CA LEU B 261 16.41 29.95 -5.74
C LEU B 261 17.70 30.27 -5.01
N ALA B 262 18.30 31.41 -5.34
CA ALA B 262 19.51 31.88 -4.69
C ALA B 262 19.31 33.34 -4.31
N TRP B 263 19.69 33.69 -3.07
CA TRP B 263 19.49 35.05 -2.61
C TRP B 263 20.62 35.44 -1.67
N ASN B 264 20.76 36.75 -1.49
CA ASN B 264 21.75 37.31 -0.59
C ASN B 264 21.24 38.65 -0.08
N PHE B 265 21.83 39.08 1.02
CA PHE B 265 21.58 40.40 1.56
C PHE B 265 22.87 41.21 1.41
N ASN B 266 22.81 42.25 0.60
CA ASN B 266 23.98 43.02 0.21
C ASN B 266 23.89 44.44 0.73
N ASN B 267 25.02 44.97 1.21
CA ASN B 267 25.12 46.38 1.53
C ASN B 267 25.46 47.13 0.24
N PRO B 268 24.53 47.90 -0.32
CA PRO B 268 24.78 48.48 -1.65
C PRO B 268 26.00 49.39 -1.71
N THR B 269 26.52 49.83 -0.57
CA THR B 269 27.70 50.70 -0.57
C THR B 269 28.93 49.94 -1.06
N ASN B 270 29.06 48.67 -0.68
CA ASN B 270 30.25 47.88 -0.96
C ASN B 270 29.87 46.67 -1.81
N TYR B 271 30.62 46.48 -2.90
CA TYR B 271 30.32 45.39 -3.83
C TYR B 271 30.63 44.05 -3.18
N GLY B 272 29.70 43.10 -3.32
CA GLY B 272 29.90 41.77 -2.80
C GLY B 272 29.86 41.63 -1.29
N GLN B 273 29.51 42.68 -0.56
CA GLN B 273 29.42 42.60 0.90
C GLN B 273 28.11 41.94 1.27
N TYR B 274 28.17 40.67 1.66
CA TYR B 274 26.98 39.91 2.05
C TYR B 274 26.90 39.68 3.55
N THR B 275 27.88 40.15 4.32
CA THR B 275 27.94 39.96 5.75
C THR B 275 28.26 41.27 6.44
N ALA B 276 28.21 41.26 7.77
CA ALA B 276 28.48 42.45 8.58
C ALA B 276 29.97 42.70 8.71
N LEU B 277 30.32 43.98 8.78
CA LEU B 277 31.68 44.36 9.06
C LEU B 277 31.91 44.31 10.56
N ALA B 278 33.09 43.84 10.95
CA ALA B 278 33.40 43.68 12.37
C ALA B 278 34.90 43.84 12.57
N ASN B 279 35.28 44.08 13.83
CA ASN B 279 36.67 44.29 14.20
C ASN B 279 37.36 42.96 14.43
N ILE B 280 37.27 42.05 13.46
CA ILE B 280 38.02 40.80 13.48
C ILE B 280 38.80 40.72 12.17
N PRO B 281 39.97 40.05 12.16
CA PRO B 281 40.80 40.06 10.95
C PRO B 281 40.07 39.64 9.68
N GLY B 282 40.10 40.52 8.68
CA GLY B 282 39.45 40.26 7.41
C GLY B 282 38.03 40.79 7.28
N ALA B 283 37.45 41.34 8.34
CA ALA B 283 36.06 41.77 8.32
C ALA B 283 35.87 43.29 8.28
N CYS B 284 36.94 44.06 8.44
CA CYS B 284 36.85 45.51 8.32
C CYS B 284 38.24 46.06 8.05
N SER B 285 38.28 47.34 7.68
CA SER B 285 39.55 47.99 7.38
C SER B 285 40.39 48.15 8.64
N GLY B 286 41.62 47.66 8.59
CA GLY B 286 42.51 47.80 9.73
C GLY B 286 42.10 47.03 10.96
N ALA B 287 41.39 45.92 10.78
CA ALA B 287 40.90 45.15 11.91
C ALA B 287 42.06 44.63 12.76
N GLY B 288 41.87 44.61 14.08
CA GLY B 288 42.88 44.15 15.00
C GLY B 288 43.90 45.19 15.41
N THR B 289 43.87 46.38 14.82
CA THR B 289 44.83 47.44 15.13
C THR B 289 44.09 48.66 15.66
N ALA B 290 44.86 49.71 15.96
CA ALA B 290 44.28 50.95 16.45
C ALA B 290 43.58 51.74 15.35
N ALA B 291 43.79 51.38 14.08
CA ALA B 291 43.14 52.03 12.95
C ALA B 291 41.91 51.28 12.50
N ALA B 292 41.34 50.43 13.36
CA ALA B 292 40.19 49.64 12.97
C ALA B 292 38.94 50.51 12.86
N THR B 293 38.15 50.26 11.82
CA THR B 293 36.88 50.96 11.64
C THR B 293 35.90 50.00 10.96
N VAL B 294 34.74 49.79 11.60
CA VAL B 294 33.74 48.86 11.09
C VAL B 294 32.88 49.58 10.06
N THR B 295 33.33 50.77 9.64
CA THR B 295 32.67 51.54 8.58
C THR B 295 33.20 51.17 7.21
N THR B 296 34.45 50.71 7.12
CA THR B 296 35.08 50.40 5.87
C THR B 296 35.49 48.93 5.83
N PRO B 297 35.20 48.21 4.76
CA PRO B 297 35.59 46.80 4.69
C PRO B 297 37.07 46.63 4.38
N ASP B 298 37.56 45.42 4.65
CA ASP B 298 38.82 44.97 4.08
C ASP B 298 38.47 44.49 2.68
N TYR B 299 38.55 45.41 1.71
CA TYR B 299 37.96 45.20 0.39
C TYR B 299 38.46 43.90 -0.25
N GLY B 300 39.76 43.65 -0.19
CA GLY B 300 40.31 42.44 -0.76
C GLY B 300 39.81 41.17 -0.10
N ASN B 301 39.31 41.27 1.12
CA ASN B 301 38.80 40.13 1.88
C ASN B 301 37.35 40.38 2.29
N THR B 302 36.54 40.87 1.35
CA THR B 302 35.17 41.24 1.67
C THR B 302 34.35 40.02 2.07
N GLY B 303 34.59 38.88 1.43
CA GLY B 303 33.87 37.67 1.77
C GLY B 303 34.34 37.06 3.07
N THR B 304 33.51 36.16 3.61
CA THR B 304 33.83 35.46 4.84
C THR B 304 33.03 34.18 4.91
N TYR B 305 33.50 33.26 5.74
CA TYR B 305 32.77 32.03 6.04
C TYR B 305 32.12 32.05 7.42
N ASN B 306 32.26 33.16 8.15
CA ASN B 306 31.75 33.25 9.52
C ASN B 306 30.24 33.49 9.49
N GLU B 307 29.48 32.47 9.92
CA GLU B 307 28.03 32.61 9.97
C GLU B 307 27.58 33.68 10.96
N GLN B 308 28.41 33.95 11.98
CA GLN B 308 28.06 34.94 13.01
C GLN B 308 27.81 36.32 12.42
N LEU B 309 28.36 36.63 11.25
CA LEU B 309 28.20 37.95 10.63
C LEU B 309 27.04 38.01 9.64
N ALA B 310 26.39 36.88 9.39
CA ALA B 310 25.24 36.81 8.51
C ALA B 310 24.02 37.28 9.31
N VAL B 311 23.03 37.85 8.62
CA VAL B 311 21.86 38.38 9.30
C VAL B 311 20.61 37.49 9.33
N LEU B 312 20.50 36.54 8.42
CA LEU B 312 19.33 35.67 8.37
C LEU B 312 19.28 34.64 9.49
N ASP B 313 18.20 34.67 10.26
CA ASP B 313 18.00 33.74 11.35
C ASP B 313 17.29 32.48 10.86
N SER B 314 16.16 32.65 10.18
CA SER B 314 15.41 31.52 9.66
C SER B 314 14.72 31.95 8.39
N ALA B 315 14.30 30.97 7.60
CA ALA B 315 13.65 31.25 6.34
C ALA B 315 12.83 30.05 5.90
N LYS B 316 11.81 30.32 5.10
CA LYS B 316 11.01 29.27 4.47
C LYS B 316 10.37 29.86 3.23
N ILE B 317 9.96 28.98 2.32
CA ILE B 317 9.29 29.36 1.09
C ILE B 317 7.84 28.91 1.18
N GLN B 318 6.93 29.80 0.78
CA GLN B 318 5.50 29.50 0.80
C GLN B 318 4.98 29.38 -0.63
N LEU B 319 4.16 28.36 -0.87
CA LEU B 319 3.58 28.07 -2.17
C LEU B 319 2.07 28.16 -2.04
N ASN B 320 1.49 29.23 -2.58
CA ASN B 320 0.04 29.48 -2.48
C ASN B 320 -0.43 29.47 -1.04
N GLY B 321 0.34 30.10 -0.16
CA GLY B 321 -0.02 30.17 1.24
C GLY B 321 0.41 28.99 2.07
N GLN B 322 0.88 27.91 1.44
CA GLN B 322 1.26 26.69 2.13
C GLN B 322 2.77 26.62 2.27
N ASP B 323 3.23 26.05 3.38
CA ASP B 323 4.66 25.89 3.61
C ASP B 323 5.20 24.84 2.64
N ARG B 324 6.16 25.25 1.81
CA ARG B 324 6.83 24.29 0.94
C ARG B 324 7.73 23.36 1.74
N PHE B 325 8.30 23.86 2.84
CA PHE B 325 9.10 23.05 3.75
C PHE B 325 9.11 23.73 5.11
N ALA B 326 9.51 22.97 6.13
CA ALA B 326 9.57 23.52 7.47
C ALA B 326 10.70 24.56 7.56
N THR B 327 10.52 25.50 8.49
CA THR B 327 11.48 26.60 8.64
C THR B 327 12.83 26.08 9.08
N ARG B 328 13.88 26.53 8.41
CA ARG B 328 15.26 26.19 8.75
C ARG B 328 16.06 27.46 9.01
N LYS B 329 17.16 27.29 9.74
CA LYS B 329 18.04 28.41 10.05
C LYS B 329 18.77 28.88 8.79
N GLY B 330 19.35 30.08 8.89
CA GLY B 330 20.09 30.61 7.76
C GLY B 330 21.31 29.78 7.40
N SER B 331 21.93 29.13 8.39
CA SER B 331 23.08 28.28 8.11
C SER B 331 22.69 27.04 7.30
N TYR B 332 21.42 26.64 7.32
CA TYR B 332 20.99 25.50 6.53
C TYR B 332 21.08 25.79 5.03
N PHE B 333 20.61 26.95 4.60
CA PHE B 333 20.64 27.31 3.19
C PHE B 333 22.03 27.69 2.71
N ASN B 334 22.94 28.00 3.63
CA ASN B 334 24.31 28.37 3.26
C ASN B 334 25.28 27.20 3.34
N LYS B 335 25.06 26.26 4.25
CA LYS B 335 25.94 25.11 4.42
C LYS B 335 25.33 23.81 3.91
N VAL B 336 24.09 23.50 4.29
CA VAL B 336 23.54 22.17 4.05
C VAL B 336 23.02 22.04 2.63
N GLN B 337 22.23 23.01 2.17
CA GLN B 337 21.76 22.97 0.79
C GLN B 337 22.90 22.91 -0.22
N PRO B 338 23.98 23.70 -0.10
CA PRO B 338 25.12 23.48 -1.00
C PRO B 338 25.83 22.15 -0.78
N TYR B 339 25.92 21.67 0.47
CA TYR B 339 26.57 20.39 0.71
C TYR B 339 25.82 19.24 0.04
N GLN B 340 24.49 19.28 0.08
CA GLN B 340 23.69 18.16 -0.42
C GLN B 340 23.56 18.15 -1.94
N SER B 341 23.75 19.30 -2.61
CA SER B 341 23.45 19.38 -4.04
C SER B 341 24.56 19.96 -4.90
N ILE B 342 25.61 20.56 -4.32
CA ILE B 342 26.69 21.18 -5.08
C ILE B 342 28.03 20.53 -4.77
N GLY B 343 28.42 20.49 -3.50
CA GLY B 343 29.68 19.89 -3.12
C GLY B 343 30.86 20.82 -3.12
N GLY B 344 30.65 22.11 -2.86
CA GLY B 344 31.75 23.04 -2.73
C GLY B 344 31.74 23.70 -1.37
N VAL B 345 32.01 25.00 -1.32
CA VAL B 345 31.88 25.77 -0.09
C VAL B 345 31.37 27.15 -0.46
N THR B 346 30.38 27.62 0.29
CA THR B 346 29.73 28.89 0.01
C THR B 346 29.99 29.86 1.16
N PRO B 347 30.49 31.06 0.88
CA PRO B 347 30.72 32.03 1.96
C PRO B 347 29.41 32.44 2.62
N ALA B 348 29.54 32.88 3.87
CA ALA B 348 28.37 33.31 4.62
C ALA B 348 27.67 34.46 3.92
N GLY B 349 26.35 34.52 4.06
CA GLY B 349 25.56 35.56 3.43
C GLY B 349 24.96 35.19 2.09
N VAL B 350 25.30 34.03 1.54
CA VAL B 350 24.72 33.54 0.28
C VAL B 350 23.92 32.28 0.60
N TYR B 351 22.68 32.25 0.15
CA TYR B 351 21.76 31.19 0.52
C TYR B 351 21.17 30.55 -0.72
N LEU B 352 20.79 29.29 -0.58
CA LEU B 352 20.29 28.49 -1.69
C LEU B 352 19.19 27.57 -1.20
N TYR B 353 18.15 27.40 -2.02
CA TYR B 353 17.22 26.30 -1.90
C TYR B 353 17.03 25.69 -3.28
N SER B 354 17.41 24.42 -3.43
CA SER B 354 17.40 23.77 -4.72
C SER B 354 16.18 22.86 -4.85
N PHE B 355 15.49 22.99 -5.97
CA PHE B 355 14.46 22.03 -6.35
C PHE B 355 15.02 20.89 -7.18
N ALA B 356 16.32 20.94 -7.50
CA ALA B 356 16.97 19.94 -8.34
C ALA B 356 17.96 19.12 -7.53
N LEU B 357 18.19 17.89 -7.98
CA LEU B 357 19.19 17.04 -7.34
C LEU B 357 20.60 17.50 -7.67
N LYS B 358 20.81 18.03 -8.88
CA LYS B 358 22.10 18.57 -9.32
C LYS B 358 21.85 19.92 -9.97
N PRO B 359 21.70 20.98 -9.17
CA PRO B 359 21.42 22.30 -9.76
C PRO B 359 22.55 22.84 -10.61
N ALA B 360 23.79 22.40 -10.35
CA ALA B 360 24.93 22.86 -11.13
C ALA B 360 25.11 22.06 -12.42
N GLY B 361 24.30 21.03 -12.63
CA GLY B 361 24.37 20.23 -13.82
C GLY B 361 23.40 20.75 -14.87
N ARG B 362 23.77 20.64 -16.14
CA ARG B 362 22.92 21.11 -17.22
C ARG B 362 21.70 20.20 -17.39
N GLN B 363 21.92 18.90 -17.22
CA GLN B 363 20.84 17.93 -17.33
C GLN B 363 19.85 18.18 -16.22
N PRO B 364 18.57 18.37 -16.58
CA PRO B 364 17.54 18.62 -15.58
C PRO B 364 17.42 17.48 -14.59
N SER B 365 17.24 17.82 -13.31
CA SER B 365 17.15 16.84 -12.24
C SER B 365 16.16 17.32 -11.18
N GLY B 366 15.04 17.89 -11.61
CA GLY B 366 14.03 18.38 -10.69
C GLY B 366 13.78 19.86 -10.79
N THR B 367 12.53 20.25 -11.03
CA THR B 367 12.16 21.65 -11.13
C THR B 367 10.82 21.87 -10.43
N CYS B 368 10.51 23.15 -10.20
CA CYS B 368 9.20 23.57 -9.75
C CYS B 368 8.68 24.62 -10.71
N ASN B 369 7.47 24.41 -11.22
CA ASN B 369 6.89 25.28 -12.24
C ASN B 369 6.24 26.47 -11.53
N PHE B 370 6.91 27.61 -11.52
CA PHE B 370 6.37 28.82 -10.92
C PHE B 370 5.23 29.41 -11.75
N SER B 371 5.03 28.95 -12.99
CA SER B 371 3.87 29.38 -13.76
C SER B 371 2.58 28.74 -13.26
N ARG B 372 2.69 27.73 -12.40
CA ARG B 372 1.56 27.04 -11.81
C ARG B 372 1.30 27.49 -10.37
N ILE B 373 2.00 28.53 -9.92
CA ILE B 373 1.89 29.05 -8.56
C ILE B 373 1.41 30.49 -8.64
N ASP B 374 0.24 30.76 -8.04
CA ASP B 374 -0.28 32.13 -8.05
C ASP B 374 0.47 33.01 -7.06
N ASN B 375 0.78 32.49 -5.86
CA ASN B 375 1.40 33.27 -4.80
C ASN B 375 2.60 32.50 -4.26
N ALA B 376 3.80 33.02 -4.50
CA ALA B 376 5.03 32.49 -3.92
C ALA B 376 5.68 33.58 -3.09
N THR B 377 6.01 33.25 -1.84
CA THR B 377 6.51 34.23 -0.88
C THR B 377 7.72 33.66 -0.15
N LEU B 378 8.74 34.49 0.03
CA LEU B 378 9.92 34.14 0.81
C LEU B 378 9.77 34.76 2.20
N SER B 379 9.49 33.92 3.19
CA SER B 379 9.30 34.36 4.56
C SER B 379 10.65 34.38 5.28
N LEU B 380 11.04 35.56 5.77
CA LEU B 380 12.34 35.77 6.37
C LEU B 380 12.21 36.16 7.84
N THR B 381 13.22 35.80 8.62
CA THR B 381 13.35 36.25 10.00
C THR B 381 14.82 36.55 10.26
N TYR B 382 15.10 37.76 10.73
CA TYR B 382 16.47 38.23 10.90
C TYR B 382 16.94 38.06 12.34
N LYS B 383 18.25 37.98 12.50
CA LYS B 383 18.85 37.97 13.81
C LYS B 383 18.74 39.36 14.45
N THR B 384 18.94 39.40 15.77
CA THR B 384 18.98 40.67 16.49
C THR B 384 20.40 41.24 16.36
N CYS B 385 20.53 42.35 15.65
CA CYS B 385 21.84 42.97 15.40
C CYS B 385 22.30 43.71 16.66
N SER B 386 22.58 42.92 17.70
CA SER B 386 22.87 43.47 19.02
C SER B 386 24.34 43.34 19.43
N ILE B 387 25.17 42.67 18.66
CA ILE B 387 26.57 42.50 19.04
C ILE B 387 27.34 43.77 18.69
N ASP B 388 28.22 44.18 19.59
CA ASP B 388 29.10 45.30 19.30
C ASP B 388 30.11 44.85 18.26
N ALA B 389 30.05 45.47 17.08
CA ALA B 389 30.91 45.03 15.98
C ALA B 389 32.37 45.39 16.18
N THR B 390 32.66 46.37 17.05
CA THR B 390 34.03 46.79 17.30
C THR B 390 34.72 45.95 18.37
N SER B 391 34.03 45.02 19.01
CA SER B 391 34.62 44.19 20.05
C SER B 391 34.87 42.79 19.50
N PRO B 392 36.13 42.37 19.32
CA PRO B 392 36.38 41.00 18.87
C PRO B 392 35.91 39.95 19.86
N ALA B 393 35.99 40.23 21.16
CA ALA B 393 35.53 39.26 22.15
C ALA B 393 34.03 39.04 22.06
N ALA B 394 33.27 40.07 21.69
CA ALA B 394 31.83 39.92 21.55
C ALA B 394 31.46 39.24 20.24
N VAL B 395 32.22 39.50 19.17
CA VAL B 395 31.91 38.90 17.87
C VAL B 395 32.36 37.44 17.83
N LEU B 396 33.55 37.16 18.36
CA LEU B 396 34.08 35.80 18.34
C LEU B 396 33.54 34.94 19.47
N GLY B 397 32.62 35.45 20.28
CA GLY B 397 32.04 34.67 21.36
C GLY B 397 30.60 35.05 21.66
N ASN B 398 29.68 34.73 20.76
CA ASN B 398 28.27 35.03 20.98
C ASN B 398 27.44 33.84 20.52
N THR B 399 26.12 34.01 20.55
CA THR B 399 25.17 32.94 20.34
C THR B 399 24.65 32.95 18.90
N GLU B 400 23.69 32.08 18.63
CA GLU B 400 23.29 31.77 17.25
C GLU B 400 22.34 32.81 16.66
N THR B 401 21.48 33.42 17.48
CA THR B 401 20.40 34.26 16.97
C THR B 401 20.73 35.75 17.00
N VAL B 402 22.00 36.12 17.15
CA VAL B 402 22.41 37.51 17.17
C VAL B 402 23.55 37.72 16.19
N THR B 403 23.73 38.97 15.77
CA THR B 403 24.81 39.33 14.86
C THR B 403 25.29 40.75 15.20
N ALA B 404 26.31 41.21 14.48
CA ALA B 404 26.91 42.51 14.75
C ALA B 404 25.92 43.64 14.48
N ASN B 405 26.07 44.75 15.22
CA ASN B 405 25.17 45.88 15.08
C ASN B 405 25.30 46.53 13.72
N THR B 406 26.41 46.29 13.03
CA THR B 406 26.61 46.80 11.68
C THR B 406 25.81 46.02 10.65
N ALA B 407 25.09 44.99 11.08
CA ALA B 407 24.30 44.17 10.16
C ALA B 407 23.10 44.90 9.61
N THR B 408 22.72 46.03 10.21
CA THR B 408 21.58 46.79 9.72
C THR B 408 21.83 47.41 8.34
N LEU B 409 23.07 47.41 7.85
CA LEU B 409 23.38 47.99 6.54
C LEU B 409 23.09 47.04 5.39
N LEU B 410 22.79 45.78 5.67
CA LEU B 410 22.46 44.78 4.65
C LEU B 410 20.99 44.95 4.27
N THR B 411 20.73 45.99 3.47
CA THR B 411 19.36 46.36 3.14
C THR B 411 18.93 45.97 1.74
N ALA B 412 19.84 45.50 0.89
CA ALA B 412 19.50 45.09 -0.47
C ALA B 412 19.39 43.57 -0.52
N LEU B 413 18.16 43.08 -0.70
CA LEU B 413 17.89 41.65 -0.83
C LEU B 413 17.75 41.30 -2.31
N ASN B 414 18.71 40.55 -2.84
CA ASN B 414 18.69 40.12 -4.23
C ASN B 414 18.29 38.65 -4.28
N ILE B 415 17.18 38.35 -4.94
CA ILE B 415 16.67 36.98 -5.05
C ILE B 415 16.75 36.58 -6.52
N TYR B 416 17.42 35.47 -6.78
CA TYR B 416 17.60 34.96 -8.14
C TYR B 416 16.89 33.62 -8.31
N ALA B 417 16.44 33.37 -9.53
CA ALA B 417 15.81 32.11 -9.89
C ALA B 417 16.36 31.66 -11.24
N LYS B 418 16.77 30.40 -11.32
CA LYS B 418 17.26 29.81 -12.56
C LYS B 418 16.20 28.85 -13.07
N ASN B 419 15.66 29.13 -14.25
CA ASN B 419 14.57 28.34 -14.81
C ASN B 419 14.99 27.76 -16.15
N TYR B 420 14.18 26.82 -16.63
CA TYR B 420 14.34 26.23 -17.95
C TYR B 420 13.37 26.87 -18.93
N ASN B 421 13.74 26.86 -20.20
CA ASN B 421 12.89 27.32 -21.28
C ASN B 421 13.29 26.58 -22.54
N VAL B 422 12.48 26.74 -23.58
CA VAL B 422 12.70 26.06 -24.85
C VAL B 422 12.92 27.11 -25.92
N LEU B 423 14.04 27.02 -26.62
CA LEU B 423 14.38 27.89 -27.72
C LEU B 423 14.21 27.10 -29.01
N ARG B 424 13.18 27.42 -29.78
CA ARG B 424 12.93 26.76 -31.06
C ARG B 424 13.54 27.59 -32.18
N ILE B 425 14.28 26.91 -33.05
CA ILE B 425 14.98 27.57 -34.16
C ILE B 425 14.58 26.83 -35.44
N MET B 426 13.98 27.56 -36.38
CA MET B 426 13.49 26.96 -37.61
C MET B 426 13.35 28.04 -38.66
N SER B 427 13.64 27.68 -39.91
CA SER B 427 13.50 28.58 -41.06
C SER B 427 14.31 29.85 -40.87
N GLY B 428 15.48 29.71 -40.26
CA GLY B 428 16.39 30.83 -40.09
C GLY B 428 16.01 31.80 -38.99
N MET B 429 15.05 31.45 -38.13
CA MET B 429 14.62 32.34 -37.06
C MET B 429 14.48 31.56 -35.77
N GLY B 430 14.69 32.23 -34.66
CA GLY B 430 14.60 31.62 -33.35
C GLY B 430 13.69 32.39 -32.43
N GLY B 431 13.06 31.67 -31.52
CA GLY B 431 12.16 32.28 -30.56
C GLY B 431 11.92 31.35 -29.38
N LEU B 432 11.71 31.95 -28.21
CA LEU B 432 11.44 31.18 -27.02
C LEU B 432 10.02 30.61 -27.07
N ALA B 433 9.87 29.40 -26.55
CA ALA B 433 8.57 28.73 -26.59
C ALA B 433 7.61 29.27 -25.53
N TYR B 434 8.13 29.73 -24.39
CA TYR B 434 7.30 30.16 -23.28
C TYR B 434 7.75 31.54 -22.82
N ALA B 435 6.77 32.44 -22.66
CA ALA B 435 7.03 33.82 -22.26
C ALA B 435 6.75 34.06 -20.77
N ASN B 436 5.88 33.26 -20.17
CA ASN B 436 5.57 33.34 -18.75
C ASN B 436 5.16 31.98 -18.17
N ALA C 1 -50.30 -1.60 -4.51
CA ALA C 1 -51.39 -1.28 -3.60
C ALA C 1 -50.85 -0.85 -2.24
N GLY C 2 -50.24 0.34 -2.19
CA GLY C 2 -49.74 0.90 -0.96
C GLY C 2 -48.43 0.30 -0.47
N GLY C 3 -48.33 0.10 0.85
CA GLY C 3 -47.09 -0.39 1.42
C GLY C 3 -46.78 -1.84 1.08
N LEU C 4 -47.81 -2.66 0.88
CA LEU C 4 -47.59 -4.06 0.56
C LEU C 4 -46.85 -4.23 -0.76
N SER C 5 -47.06 -3.30 -1.70
CA SER C 5 -46.35 -3.36 -2.97
C SER C 5 -44.86 -3.06 -2.82
N GLN C 6 -44.47 -2.35 -1.75
CA GLN C 6 -43.06 -2.08 -1.51
C GLN C 6 -42.32 -3.28 -0.94
N LEU C 7 -43.00 -4.10 -0.13
CA LEU C 7 -42.36 -5.28 0.43
C LEU C 7 -41.97 -6.27 -0.66
N VAL C 8 -42.83 -6.44 -1.67
CA VAL C 8 -42.53 -7.38 -2.74
C VAL C 8 -41.41 -6.85 -3.62
N ALA C 9 -41.24 -5.53 -3.67
CA ALA C 9 -40.14 -4.90 -4.41
C ALA C 9 -38.83 -5.16 -3.67
N TYR C 10 -38.31 -6.37 -3.84
CA TYR C 10 -37.12 -6.83 -3.15
C TYR C 10 -36.06 -7.20 -4.18
N GLY C 11 -34.84 -6.71 -3.98
CA GLY C 11 -33.78 -6.96 -4.94
C GLY C 11 -32.47 -7.40 -4.33
N ALA C 12 -31.44 -7.52 -5.18
CA ALA C 12 -30.13 -7.98 -4.71
C ALA C 12 -29.41 -6.91 -3.89
N GLN C 13 -29.75 -5.64 -4.06
CA GLN C 13 -29.11 -4.58 -3.30
C GLN C 13 -29.62 -4.51 -1.87
N ASP C 14 -30.80 -5.08 -1.61
CA ASP C 14 -31.35 -5.11 -0.26
C ASP C 14 -30.64 -6.11 0.65
N VAL C 15 -29.71 -6.89 0.11
CA VAL C 15 -29.01 -7.88 0.92
C VAL C 15 -28.17 -7.21 2.00
N TYR C 16 -27.48 -6.12 1.64
CA TYR C 16 -26.67 -5.40 2.61
C TYR C 16 -27.51 -4.70 3.66
N LEU C 17 -28.83 -4.58 3.46
CA LEU C 17 -29.70 -3.84 4.37
C LEU C 17 -30.60 -4.74 5.21
N THR C 18 -31.27 -5.71 4.59
CA THR C 18 -32.26 -6.51 5.31
C THR C 18 -32.02 -8.02 5.20
N GLY C 19 -30.92 -8.43 4.58
CA GLY C 19 -30.55 -9.85 4.57
C GLY C 19 -29.94 -10.23 5.90
N ASN C 20 -30.40 -11.37 6.44
CA ASN C 20 -30.03 -11.73 7.80
C ASN C 20 -30.29 -10.56 8.75
N PRO C 21 -31.54 -10.21 9.02
CA PRO C 21 -31.77 -9.14 10.00
C PRO C 21 -31.01 -9.47 11.28
N GLN C 22 -30.44 -8.46 11.88
CA GLN C 22 -29.76 -8.65 13.15
C GLN C 22 -30.53 -8.00 14.27
N ILE C 23 -31.26 -6.95 13.95
CA ILE C 23 -32.09 -6.19 14.86
C ILE C 23 -33.46 -6.05 14.20
N THR C 24 -34.40 -5.52 14.97
CA THR C 24 -35.70 -5.12 14.47
C THR C 24 -36.07 -3.82 15.16
N PHE C 25 -36.77 -2.95 14.45
CA PHE C 25 -37.11 -1.65 14.99
C PHE C 25 -38.43 -1.64 15.76
N PHE C 26 -39.17 -2.76 15.74
CA PHE C 26 -40.53 -2.78 16.26
C PHE C 26 -40.70 -3.73 17.44
N LYS C 27 -39.61 -4.06 18.14
CA LYS C 27 -39.69 -4.90 19.32
C LYS C 27 -38.49 -4.61 20.21
N THR C 28 -38.49 -3.44 20.84
CA THR C 28 -37.36 -3.06 21.69
C THR C 28 -37.39 -3.84 22.99
N VAL C 29 -36.27 -4.44 23.34
CA VAL C 29 -36.11 -5.15 24.61
C VAL C 29 -35.37 -4.20 25.54
N TYR C 30 -36.10 -3.61 26.48
CA TYR C 30 -35.52 -2.64 27.39
C TYR C 30 -34.69 -3.33 28.46
N ARG C 31 -33.64 -2.64 28.89
CA ARG C 31 -32.72 -3.19 29.88
C ARG C 31 -33.24 -2.93 31.28
N ARG C 32 -32.98 -3.89 32.18
CA ARG C 32 -33.32 -3.75 33.58
C ARG C 32 -32.09 -3.29 34.34
N TYR C 33 -32.29 -2.33 35.24
CA TYR C 33 -31.20 -1.65 35.91
C TYR C 33 -31.27 -1.92 37.41
N THR C 34 -30.27 -1.39 38.14
CA THR C 34 -30.24 -1.54 39.58
C THR C 34 -31.18 -0.54 40.25
N ASN C 35 -31.92 -1.02 41.25
CA ASN C 35 -32.85 -0.15 41.95
C ASN C 35 -32.10 0.96 42.68
N PHE C 36 -32.64 2.17 42.61
CA PHE C 36 -32.01 3.32 43.26
C PHE C 36 -33.08 4.36 43.54
N ALA C 37 -32.68 5.43 44.21
CA ALA C 37 -33.54 6.57 44.47
C ALA C 37 -32.66 7.81 44.60
N ILE C 38 -33.21 8.96 44.18
CA ILE C 38 -32.47 10.21 44.15
C ILE C 38 -33.13 11.18 45.13
N GLU C 39 -32.30 11.97 45.80
CA GLU C 39 -32.79 13.00 46.71
C GLU C 39 -31.76 14.12 46.79
N SER C 40 -32.21 15.35 46.58
CA SER C 40 -31.37 16.53 46.70
C SER C 40 -31.40 17.01 48.14
N ILE C 41 -30.22 17.10 48.77
CA ILE C 41 -30.09 17.41 50.18
C ILE C 41 -29.19 18.62 50.35
N GLN C 42 -29.63 19.58 51.14
CA GLN C 42 -28.88 20.82 51.31
C GLN C 42 -27.65 20.60 52.18
N GLN C 43 -26.60 21.36 51.88
CA GLN C 43 -25.33 21.25 52.57
C GLN C 43 -25.13 22.42 53.53
N THR C 44 -24.20 22.22 54.46
CA THR C 44 -23.82 23.25 55.41
C THR C 44 -22.64 24.03 54.86
N ILE C 45 -22.77 25.36 54.82
CA ILE C 45 -21.73 26.23 54.31
C ILE C 45 -20.93 26.78 55.48
N ASN C 46 -19.62 26.59 55.45
CA ASN C 46 -18.73 27.09 56.49
C ASN C 46 -18.12 28.41 56.04
N GLY C 47 -18.26 29.43 56.87
CA GLY C 47 -17.77 30.75 56.56
C GLY C 47 -18.92 31.74 56.39
N SER C 48 -18.53 33.01 56.27
CA SER C 48 -19.49 34.10 56.11
C SER C 48 -19.71 34.36 54.63
N VAL C 49 -20.94 34.13 54.16
CA VAL C 49 -21.25 34.37 52.76
C VAL C 49 -21.33 35.86 52.50
N GLY C 50 -20.60 36.33 51.49
CA GLY C 50 -20.59 37.73 51.15
C GLY C 50 -19.62 37.97 50.01
N PHE C 51 -19.74 39.16 49.43
CA PHE C 51 -18.89 39.52 48.29
C PHE C 51 -17.42 39.47 48.67
N GLY C 52 -16.62 38.76 47.88
CA GLY C 52 -15.20 38.69 48.10
C GLY C 52 -14.77 37.76 49.22
N ASN C 53 -15.67 36.91 49.72
CA ASN C 53 -15.36 36.02 50.82
C ASN C 53 -15.09 34.60 50.30
N LYS C 54 -14.40 33.83 51.13
CA LYS C 54 -14.10 32.43 50.85
C LYS C 54 -14.93 31.56 51.79
N VAL C 55 -15.74 30.67 51.22
CA VAL C 55 -16.54 29.73 51.98
C VAL C 55 -16.21 28.33 51.49
N SER C 56 -16.54 27.34 52.33
CA SER C 56 -16.26 25.95 51.99
C SER C 56 -17.44 25.08 52.40
N THR C 57 -17.44 23.86 51.86
CA THR C 57 -18.49 22.89 52.12
C THR C 57 -17.87 21.50 52.22
N GLN C 58 -18.22 20.77 53.28
CA GLN C 58 -17.86 19.37 53.42
C GLN C 58 -19.09 18.53 53.09
N ILE C 59 -18.98 17.70 52.05
CA ILE C 59 -20.13 16.94 51.58
C ILE C 59 -20.53 15.93 52.67
N SER C 60 -21.74 16.10 53.20
CA SER C 60 -22.25 15.22 54.23
C SER C 60 -22.53 13.85 53.66
N ARG C 61 -22.40 12.82 54.50
CA ARG C 61 -22.62 11.45 54.07
C ARG C 61 -24.06 11.00 54.24
N ASN C 62 -24.94 11.49 53.38
CA ASN C 62 -26.35 11.14 53.47
C ASN C 62 -26.70 9.94 52.61
N GLY C 63 -26.16 9.88 51.40
CA GLY C 63 -26.43 8.78 50.50
C GLY C 63 -25.17 8.05 50.11
N ASP C 64 -25.26 7.17 49.12
CA ASP C 64 -24.13 6.34 48.74
C ASP C 64 -23.26 6.99 47.67
N LEU C 65 -23.87 7.63 46.68
CA LEU C 65 -23.16 8.34 45.63
C LEU C 65 -23.66 9.77 45.58
N ILE C 66 -22.90 10.63 44.92
CA ILE C 66 -23.31 12.01 44.67
C ILE C 66 -23.16 12.31 43.20
N THR C 67 -24.10 13.09 42.67
CA THR C 67 -24.08 13.45 41.25
C THR C 67 -24.12 14.97 41.09
N ASP C 68 -25.32 15.49 40.88
CA ASP C 68 -25.47 16.92 40.60
C ASP C 68 -25.26 17.76 41.85
N ILE C 69 -24.63 18.92 41.68
CA ILE C 69 -24.46 19.91 42.74
C ILE C 69 -24.87 21.28 42.20
N VAL C 70 -25.78 21.95 42.90
CA VAL C 70 -26.31 23.24 42.49
C VAL C 70 -26.08 24.24 43.62
N VAL C 71 -25.63 25.44 43.26
CA VAL C 71 -25.46 26.54 44.18
C VAL C 71 -26.60 27.53 43.97
N GLU C 72 -27.38 27.79 45.01
CA GLU C 72 -28.48 28.74 44.94
C GLU C 72 -28.01 30.10 45.43
N PHE C 73 -28.32 31.14 44.66
CA PHE C 73 -28.08 32.51 45.05
C PHE C 73 -29.39 33.29 45.03
N VAL C 74 -29.47 34.29 45.90
CA VAL C 74 -30.56 35.26 45.90
C VAL C 74 -29.93 36.63 45.78
N LEU C 75 -30.19 37.31 44.66
CA LEU C 75 -29.57 38.60 44.36
C LEU C 75 -30.64 39.64 44.11
N THR C 76 -30.29 40.89 44.41
CA THR C 76 -31.14 42.05 44.11
C THR C 76 -30.36 42.95 43.18
N LYS C 77 -30.93 43.23 42.01
CA LYS C 77 -30.23 44.01 41.00
C LYS C 77 -30.36 45.49 41.28
N GLY C 78 -29.29 46.23 40.97
CA GLY C 78 -29.23 47.66 41.19
C GLY C 78 -29.33 48.52 39.94
N GLY C 79 -29.66 47.93 38.79
CA GLY C 79 -29.84 48.70 37.57
C GLY C 79 -31.11 48.27 36.85
N ASN C 80 -31.36 48.93 35.72
CA ASN C 80 -32.55 48.67 34.93
C ASN C 80 -32.29 47.59 33.89
N GLY C 81 -32.99 47.66 32.76
CA GLY C 81 -32.88 46.61 31.76
C GLY C 81 -31.53 46.60 31.09
N GLY C 82 -30.99 45.39 30.92
CA GLY C 82 -29.73 45.21 30.22
C GLY C 82 -28.50 45.63 30.99
N THR C 83 -28.55 45.63 32.32
CA THR C 83 -27.43 46.06 33.15
C THR C 83 -26.73 44.90 33.85
N THR C 84 -27.11 43.66 33.56
CA THR C 84 -26.44 42.49 34.12
C THR C 84 -26.07 41.53 33.00
N TYR C 85 -25.02 40.75 33.23
CA TYR C 85 -24.57 39.74 32.28
C TYR C 85 -24.11 38.52 33.09
N TYR C 86 -24.99 37.54 33.23
CA TYR C 86 -24.74 36.32 33.98
C TYR C 86 -24.18 36.64 35.38
N PRO C 87 -24.90 37.41 36.20
CA PRO C 87 -24.32 37.81 37.49
C PRO C 87 -24.15 36.67 38.46
N ALA C 88 -25.07 35.71 38.48
CA ALA C 88 -24.92 34.56 39.38
C ALA C 88 -23.75 33.69 38.98
N GLU C 89 -23.45 33.61 37.68
CA GLU C 89 -22.30 32.85 37.23
C GLU C 89 -20.99 33.52 37.63
N GLU C 90 -20.91 34.85 37.47
CA GLU C 90 -19.69 35.57 37.84
C GLU C 90 -19.47 35.57 39.36
N LEU C 91 -20.55 35.60 40.14
CA LEU C 91 -20.41 35.63 41.59
C LEU C 91 -19.65 34.42 42.10
N LEU C 92 -19.81 33.27 41.44
CA LEU C 92 -19.10 32.04 41.76
C LEU C 92 -17.74 32.14 41.11
N GLN C 93 -16.84 32.88 41.71
CA GLN C 93 -15.57 33.20 41.06
C GLN C 93 -14.74 31.96 40.80
N ASP C 94 -14.64 31.07 41.80
CA ASP C 94 -13.97 29.80 41.58
C ASP C 94 -14.48 28.78 42.58
N VAL C 95 -14.41 27.51 42.19
CA VAL C 95 -14.80 26.39 43.04
C VAL C 95 -13.78 25.29 42.87
N GLU C 96 -13.27 24.76 43.98
CA GLU C 96 -12.22 23.76 43.97
C GLU C 96 -12.75 22.49 44.62
N LEU C 97 -12.55 21.36 43.95
CA LEU C 97 -12.98 20.06 44.46
C LEU C 97 -11.81 19.36 45.11
N GLU C 98 -12.01 18.88 46.33
CA GLU C 98 -10.95 18.27 47.13
C GLU C 98 -11.43 16.95 47.72
N ILE C 99 -10.64 15.90 47.54
CA ILE C 99 -10.91 14.58 48.11
C ILE C 99 -9.70 14.17 48.93
N GLY C 100 -9.90 13.98 50.24
CA GLY C 100 -8.81 13.53 51.09
C GLY C 100 -7.62 14.47 51.17
N GLY C 101 -7.87 15.77 51.12
CA GLY C 101 -6.80 16.75 51.17
C GLY C 101 -6.11 17.02 49.85
N GLN C 102 -6.44 16.29 48.79
CA GLN C 102 -5.82 16.44 47.48
C GLN C 102 -6.80 17.09 46.52
N ARG C 103 -6.33 18.09 45.79
CA ARG C 103 -7.17 18.74 44.79
C ARG C 103 -7.43 17.81 43.62
N ILE C 104 -8.71 17.61 43.31
CA ILE C 104 -9.09 16.81 42.14
C ILE C 104 -9.31 17.69 40.92
N ASP C 105 -9.95 18.85 41.10
CA ASP C 105 -10.23 19.76 40.00
C ASP C 105 -10.54 21.13 40.57
N LYS C 106 -10.40 22.15 39.72
CA LYS C 106 -10.73 23.52 40.10
C LYS C 106 -11.22 24.27 38.88
N HIS C 107 -12.36 24.94 39.03
CA HIS C 107 -12.99 25.70 37.96
C HIS C 107 -13.03 27.18 38.30
N TYR C 108 -13.26 28.00 37.28
CA TYR C 108 -13.31 29.44 37.42
C TYR C 108 -14.55 29.96 36.72
N ASN C 109 -14.97 31.17 37.11
CA ASN C 109 -16.18 31.74 36.53
C ASN C 109 -16.04 31.98 35.03
N ASP C 110 -14.84 32.34 34.58
CA ASP C 110 -14.63 32.52 33.15
C ASP C 110 -14.67 31.18 32.41
N TRP C 111 -14.34 30.08 33.09
CA TRP C 111 -14.53 28.78 32.46
C TRP C 111 -16.02 28.46 32.35
N PHE C 112 -16.79 28.80 33.38
CA PHE C 112 -18.24 28.69 33.28
C PHE C 112 -18.77 29.47 32.08
N ARG C 113 -18.17 30.63 31.82
CA ARG C 113 -18.58 31.44 30.66
C ARG C 113 -18.11 30.80 29.35
N THR C 114 -16.90 30.26 29.33
CA THR C 114 -16.39 29.63 28.11
C THR C 114 -17.10 28.32 27.83
N TYR C 115 -17.35 27.51 28.87
CA TYR C 115 -18.07 26.26 28.68
C TYR C 115 -19.47 26.50 28.13
N ASP C 116 -20.15 27.53 28.63
CA ASP C 116 -21.50 27.83 28.16
C ASP C 116 -21.48 28.27 26.71
N ALA C 117 -20.46 29.04 26.32
CA ALA C 117 -20.39 29.54 24.95
C ALA C 117 -20.06 28.42 23.96
N LEU C 118 -19.39 27.37 24.41
CA LEU C 118 -18.95 26.29 23.52
C LEU C 118 -19.84 25.06 23.58
N PHE C 119 -20.25 24.62 24.76
CA PHE C 119 -20.85 23.30 24.93
C PHE C 119 -22.32 23.32 25.31
N ARG C 120 -22.91 24.48 25.56
CA ARG C 120 -24.35 24.59 25.66
C ARG C 120 -24.93 25.21 24.39
N MET C 121 -26.20 24.93 24.15
CA MET C 121 -26.85 25.38 22.93
C MET C 121 -28.36 25.33 23.09
N ASN C 122 -29.05 26.09 22.25
CA ASN C 122 -30.50 25.96 22.02
C ASN C 122 -31.24 26.31 23.31
N ASP C 123 -32.36 25.65 23.61
CA ASP C 123 -33.17 26.00 24.77
C ASP C 123 -32.45 25.71 26.07
N ASP C 124 -31.57 24.70 26.08
CA ASP C 124 -30.77 24.42 27.26
C ASP C 124 -29.91 25.61 27.65
N ARG C 125 -29.33 26.29 26.65
CA ARG C 125 -28.50 27.45 26.92
C ARG C 125 -29.34 28.62 27.42
N TYR C 126 -30.54 28.80 26.88
CA TYR C 126 -31.43 29.86 27.37
C TYR C 126 -31.91 29.58 28.79
N ASN C 127 -32.24 28.32 29.08
CA ASN C 127 -32.63 27.97 30.44
C ASN C 127 -31.48 28.23 31.42
N TYR C 128 -30.24 28.04 30.97
CA TYR C 128 -29.10 28.33 31.83
C TYR C 128 -29.00 29.81 32.15
N ARG C 129 -29.37 30.69 31.19
CA ARG C 129 -29.35 32.11 31.49
C ARG C 129 -30.51 32.52 32.39
N ARG C 130 -31.66 31.84 32.28
CA ARG C 130 -32.73 32.05 33.25
C ARG C 130 -32.25 31.72 34.65
N MET C 131 -31.40 30.70 34.78
CA MET C 131 -30.92 30.25 36.07
C MET C 131 -29.82 31.13 36.63
N THR C 132 -29.20 31.98 35.81
CA THR C 132 -28.04 32.75 36.25
C THR C 132 -28.15 34.24 35.92
N ASP C 133 -29.29 34.71 35.44
CA ASP C 133 -29.39 36.10 35.02
C ASP C 133 -30.85 36.53 34.99
N TRP C 134 -31.06 37.85 34.95
CA TRP C 134 -32.37 38.43 34.69
C TRP C 134 -32.58 38.53 33.19
N VAL C 135 -33.68 37.96 32.70
CA VAL C 135 -33.90 37.88 31.26
C VAL C 135 -35.29 38.40 30.89
N ASN C 136 -35.96 39.06 31.82
CA ASN C 136 -37.32 39.54 31.59
C ASN C 136 -37.44 41.05 31.81
N ASN C 137 -36.36 41.78 31.53
CA ASN C 137 -36.36 43.25 31.57
C ASN C 137 -36.70 43.78 32.96
N GLU C 138 -36.19 43.11 33.99
CA GLU C 138 -36.47 43.52 35.36
C GLU C 138 -35.80 44.85 35.67
N LEU C 139 -36.36 45.55 36.66
CA LEU C 139 -35.93 46.90 37.01
C LEU C 139 -35.11 46.87 38.30
N VAL C 140 -34.69 48.07 38.73
CA VAL C 140 -33.91 48.20 39.95
C VAL C 140 -34.67 47.59 41.12
N GLY C 141 -33.96 46.86 41.98
CA GLY C 141 -34.54 46.28 43.15
C GLY C 141 -35.22 44.95 42.96
N ALA C 142 -35.19 44.39 41.75
CA ALA C 142 -35.79 43.08 41.51
C ALA C 142 -34.97 42.00 42.19
N GLN C 143 -35.65 41.10 42.90
CA GLN C 143 -35.02 40.01 43.63
C GLN C 143 -35.37 38.69 42.96
N LYS C 144 -34.35 37.85 42.77
CA LYS C 144 -34.53 36.59 42.05
C LYS C 144 -33.63 35.54 42.66
N ARG C 145 -34.10 34.30 42.67
CA ARG C 145 -33.30 33.17 43.10
C ARG C 145 -32.61 32.55 41.89
N PHE C 146 -31.31 32.30 42.02
CA PHE C 146 -30.49 31.79 40.93
C PHE C 146 -29.97 30.40 41.27
N TYR C 147 -29.69 29.62 40.23
CA TYR C 147 -29.20 28.25 40.36
C TYR C 147 -27.99 28.08 39.44
N VAL C 148 -26.81 27.93 40.02
CA VAL C 148 -25.57 27.74 39.26
C VAL C 148 -25.19 26.26 39.36
N PRO C 149 -25.31 25.48 38.28
CA PRO C 149 -24.93 24.06 38.35
C PRO C 149 -23.44 23.88 38.14
N LEU C 150 -22.82 23.06 38.99
CA LEU C 150 -21.41 22.74 38.82
C LEU C 150 -21.22 21.69 37.74
N ILE C 151 -20.04 21.71 37.12
CA ILE C 151 -19.80 20.85 35.95
C ILE C 151 -18.53 20.02 36.16
N PHE C 152 -18.33 19.48 37.34
CA PHE C 152 -17.24 18.55 37.57
C PHE C 152 -17.58 17.20 36.94
N PHE C 153 -16.65 16.24 37.06
CA PHE C 153 -16.81 14.98 36.35
C PHE C 153 -18.03 14.20 36.82
N PHE C 154 -18.32 14.24 38.12
CA PHE C 154 -19.48 13.52 38.66
C PHE C 154 -20.75 14.34 38.58
N ASN C 155 -20.69 15.58 38.08
CA ASN C 155 -21.88 16.40 37.91
C ASN C 155 -22.48 16.28 36.52
N GLN C 156 -21.74 15.75 35.55
CA GLN C 156 -22.18 15.73 34.16
C GLN C 156 -22.69 14.38 33.69
N THR C 157 -22.42 13.30 34.44
CA THR C 157 -22.94 12.00 34.07
C THR C 157 -23.07 11.12 35.30
N PRO C 158 -24.21 10.44 35.48
CA PRO C 158 -24.34 9.53 36.62
C PRO C 158 -23.39 8.35 36.55
N GLY C 159 -22.89 8.00 35.37
CA GLY C 159 -21.92 6.93 35.24
C GLY C 159 -20.60 7.21 35.91
N LEU C 160 -20.33 8.47 36.26
CA LEU C 160 -19.14 8.85 37.00
C LEU C 160 -19.48 9.35 38.39
N ALA C 161 -20.62 8.93 38.93
CA ALA C 161 -21.06 9.38 40.25
C ALA C 161 -20.01 9.05 41.30
N LEU C 162 -19.65 10.05 42.10
CA LEU C 162 -18.62 9.88 43.11
C LEU C 162 -19.14 9.00 44.24
N PRO C 163 -18.54 7.84 44.48
CA PRO C 163 -19.07 6.96 45.51
C PRO C 163 -18.60 7.33 46.91
N LEU C 164 -19.43 8.07 47.64
CA LEU C 164 -19.11 8.39 49.04
C LEU C 164 -19.03 7.14 49.89
N ILE C 165 -19.80 6.10 49.54
CA ILE C 165 -19.78 4.86 50.31
C ILE C 165 -18.43 4.16 50.23
N ALA C 166 -17.66 4.40 49.17
CA ALA C 166 -16.34 3.82 49.02
C ALA C 166 -15.23 4.74 49.50
N LEU C 167 -15.57 5.86 50.13
CA LEU C 167 -14.60 6.85 50.60
C LEU C 167 -14.82 7.15 52.07
N GLN C 168 -14.94 6.09 52.88
CA GLN C 168 -15.27 6.25 54.29
C GLN C 168 -14.15 6.94 55.06
N TYR C 169 -12.93 6.94 54.54
CA TYR C 169 -11.80 7.54 55.23
C TYR C 169 -11.32 8.84 54.59
N HIS C 170 -12.00 9.27 53.54
CA HIS C 170 -11.63 10.50 52.85
C HIS C 170 -12.81 11.45 52.74
N GLU C 171 -12.60 12.70 53.14
CA GLU C 171 -13.65 13.69 53.07
C GLU C 171 -13.64 14.40 51.72
N VAL C 172 -14.82 14.72 51.23
CA VAL C 172 -14.97 15.43 49.97
C VAL C 172 -15.35 16.86 50.32
N LYS C 173 -14.61 17.83 49.78
CA LYS C 173 -14.86 19.22 50.12
C LYS C 173 -14.88 20.08 48.86
N LEU C 174 -15.64 21.17 48.94
CA LEU C 174 -15.69 22.19 47.91
C LEU C 174 -15.30 23.53 48.54
N TYR C 175 -14.38 24.24 47.90
CA TYR C 175 -13.91 25.54 48.38
C TYR C 175 -14.36 26.60 47.37
N PHE C 176 -15.26 27.48 47.82
CA PHE C 176 -15.78 28.54 46.98
C PHE C 176 -15.10 29.87 47.28
N THR C 177 -14.96 30.68 46.23
CA THR C 177 -14.52 32.07 46.36
C THR C 177 -15.53 32.93 45.63
N LEU C 178 -16.14 33.88 46.34
CA LEU C 178 -17.17 34.73 45.75
C LEU C 178 -16.53 35.96 45.15
N ALA C 179 -17.08 36.39 44.01
CA ALA C 179 -16.56 37.57 43.33
C ALA C 179 -16.76 38.82 44.20
N SER C 180 -15.88 39.80 43.98
CA SER C 180 -15.94 41.02 44.78
C SER C 180 -16.96 42.00 44.21
N GLN C 181 -16.92 42.23 42.90
CA GLN C 181 -17.76 43.23 42.25
C GLN C 181 -18.55 42.57 41.12
N VAL C 182 -19.86 42.74 41.14
CA VAL C 182 -20.76 42.16 40.15
C VAL C 182 -21.56 43.28 39.52
N GLN C 183 -21.39 43.45 38.20
CA GLN C 183 -22.05 44.53 37.48
C GLN C 183 -23.56 44.40 37.57
N GLY C 184 -24.22 45.52 37.85
CA GLY C 184 -25.67 45.54 37.96
C GLY C 184 -26.20 44.93 39.24
N VAL C 185 -25.34 44.47 40.15
CA VAL C 185 -25.83 43.89 41.39
C VAL C 185 -25.37 44.72 42.57
N ASN C 186 -24.05 44.83 42.75
CA ASN C 186 -23.49 45.67 43.80
C ASN C 186 -22.54 46.73 43.26
N TYR C 187 -22.25 46.72 41.96
CA TYR C 187 -21.44 47.76 41.33
C TYR C 187 -22.07 48.12 39.98
N ASN C 188 -21.85 49.37 39.55
CA ASN C 188 -22.26 49.86 38.23
C ASN C 188 -20.99 50.42 37.61
N GLY C 189 -20.30 49.58 36.84
CA GLY C 189 -18.99 49.94 36.36
C GLY C 189 -17.99 49.92 37.49
N SER C 190 -17.34 51.06 37.74
CA SER C 190 -16.41 51.18 38.86
C SER C 190 -17.03 51.80 40.10
N SER C 191 -18.28 52.27 40.02
CA SER C 191 -18.95 52.94 41.13
C SER C 191 -19.84 51.94 41.85
N ALA C 192 -19.72 51.89 43.18
CA ALA C 192 -20.53 50.96 43.95
C ALA C 192 -21.97 51.44 44.01
N ILE C 193 -22.90 50.49 43.94
CA ILE C 193 -24.32 50.80 44.05
C ILE C 193 -24.67 50.90 45.53
N ALA C 194 -25.12 52.08 45.95
CA ALA C 194 -25.42 52.29 47.36
C ALA C 194 -26.59 51.43 47.79
N GLY C 195 -26.49 50.87 49.00
CA GLY C 195 -27.53 50.02 49.53
C GLY C 195 -27.60 48.64 48.94
N ALA C 196 -26.56 48.21 48.22
CA ALA C 196 -26.55 46.88 47.61
C ALA C 196 -26.56 45.80 48.68
N ALA C 197 -27.43 44.81 48.52
CA ALA C 197 -27.59 43.74 49.49
C ALA C 197 -26.56 42.64 49.26
N GLN C 198 -26.10 42.05 50.35
CA GLN C 198 -25.18 40.92 50.25
C GLN C 198 -25.92 39.69 49.74
N PRO C 199 -25.22 38.82 49.00
CA PRO C 199 -25.89 37.64 48.44
C PRO C 199 -26.19 36.60 49.51
N THR C 200 -27.23 35.81 49.25
CA THR C 200 -27.55 34.64 50.05
C THR C 200 -27.23 33.40 49.24
N MET C 201 -26.60 32.42 49.88
CA MET C 201 -26.06 31.26 49.18
C MET C 201 -26.45 29.98 49.90
N SER C 202 -26.69 28.93 49.11
CA SER C 202 -26.90 27.60 49.65
C SER C 202 -26.44 26.58 48.61
N VAL C 203 -25.92 25.45 49.11
CA VAL C 203 -25.38 24.40 48.25
C VAL C 203 -26.25 23.16 48.41
N TRP C 204 -26.66 22.58 47.28
CA TRP C 204 -27.50 21.39 47.26
C TRP C 204 -26.80 20.30 46.45
N VAL C 205 -26.80 19.10 47.01
CA VAL C 205 -26.16 17.96 46.39
C VAL C 205 -27.15 16.82 46.18
N ASP C 206 -27.15 16.25 44.99
CA ASP C 206 -28.04 15.15 44.68
C ASP C 206 -27.39 13.83 45.06
N TYR C 207 -28.01 13.10 45.98
CA TYR C 207 -27.47 11.84 46.46
C TYR C 207 -28.17 10.64 45.85
N ILE C 208 -27.40 9.58 45.62
CA ILE C 208 -27.94 8.33 45.09
C ILE C 208 -27.96 7.31 46.21
N PHE C 209 -29.14 6.74 46.47
CA PHE C 209 -29.29 5.67 47.45
C PHE C 209 -29.40 4.35 46.70
N LEU C 210 -28.49 3.42 46.99
CA LEU C 210 -28.41 2.18 46.25
C LEU C 210 -29.06 1.03 47.01
N ASP C 211 -29.48 0.01 46.26
CA ASP C 211 -30.05 -1.18 46.83
C ASP C 211 -28.95 -2.06 47.41
N THR C 212 -29.36 -3.11 48.13
CA THR C 212 -28.45 -3.88 48.96
C THR C 212 -27.30 -4.47 48.16
N GLN C 213 -27.60 -5.09 47.02
CA GLN C 213 -26.57 -5.82 46.27
C GLN C 213 -25.50 -4.87 45.74
N GLU C 214 -25.91 -3.83 45.02
CA GLU C 214 -24.97 -2.89 44.46
C GLU C 214 -24.22 -2.10 45.53
N ARG C 215 -24.90 -1.82 46.64
CA ARG C 215 -24.30 -1.09 47.73
C ARG C 215 -23.11 -1.86 48.30
N THR C 216 -23.29 -3.17 48.46
CA THR C 216 -22.24 -4.05 48.97
C THR C 216 -21.00 -4.05 48.07
N ARG C 217 -21.21 -4.01 46.75
CA ARG C 217 -20.09 -4.03 45.82
C ARG C 217 -19.35 -2.70 45.78
N PHE C 218 -20.04 -1.58 45.92
CA PHE C 218 -19.34 -0.31 45.89
C PHE C 218 -18.41 -0.19 47.10
N ALA C 219 -18.80 -0.81 48.20
CA ALA C 219 -18.01 -0.74 49.44
C ALA C 219 -16.88 -1.76 49.55
N GLN C 220 -17.03 -2.89 48.89
CA GLN C 220 -16.04 -3.96 48.97
C GLN C 220 -14.92 -3.95 47.91
N LEU C 221 -15.30 -3.85 46.64
CA LEU C 221 -14.31 -3.88 45.55
C LEU C 221 -13.66 -2.54 45.21
N PRO C 222 -12.49 -2.59 44.58
CA PRO C 222 -11.76 -1.39 44.15
C PRO C 222 -12.41 -0.78 42.92
N HIS C 223 -12.29 0.52 42.75
CA HIS C 223 -12.90 1.23 41.64
C HIS C 223 -11.85 2.07 40.93
N GLU C 224 -12.01 2.19 39.61
CA GLU C 224 -11.20 3.07 38.79
C GLU C 224 -12.15 3.89 37.91
N TYR C 225 -12.10 5.21 38.07
CA TYR C 225 -12.95 6.11 37.30
C TYR C 225 -12.09 6.93 36.34
N LEU C 226 -12.48 6.94 35.07
CA LEU C 226 -11.85 7.79 34.07
C LEU C 226 -12.56 9.14 34.12
N ILE C 227 -11.91 10.12 34.73
CA ILE C 227 -12.53 11.41 34.99
C ILE C 227 -11.90 12.47 34.10
N GLU C 228 -12.48 13.66 34.12
CA GLU C 228 -11.96 14.81 33.38
C GLU C 228 -11.56 15.91 34.35
N GLN C 229 -10.54 16.66 33.95
CA GLN C 229 -10.05 17.80 34.73
C GLN C 229 -9.91 19.00 33.83
N LEU C 230 -9.94 20.18 34.46
CA LEU C 230 -9.68 21.43 33.76
C LEU C 230 -8.29 21.93 34.12
N GLN C 231 -7.57 22.45 33.13
CA GLN C 231 -6.26 23.03 33.34
C GLN C 231 -6.31 24.51 32.99
N PHE C 232 -5.76 25.33 33.88
CA PHE C 232 -5.71 26.78 33.67
C PHE C 232 -4.60 27.33 34.56
N THR C 233 -3.57 27.90 33.94
CA THR C 233 -2.40 28.39 34.67
C THR C 233 -2.44 29.89 34.90
N GLY C 234 -3.56 30.54 34.63
CA GLY C 234 -3.68 31.97 34.77
C GLY C 234 -3.73 32.66 33.42
N SER C 235 -4.21 33.91 33.45
CA SER C 235 -4.33 34.68 32.23
C SER C 235 -2.95 35.09 31.71
N GLU C 236 -2.88 35.15 30.37
CA GLU C 236 -1.69 35.59 29.66
C GLU C 236 -2.00 37.00 29.16
N THR C 237 -0.95 37.80 28.92
CA THR C 237 -1.12 39.18 28.48
C THR C 237 -1.07 39.20 26.96
N ALA C 238 -2.22 39.43 26.33
CA ALA C 238 -2.28 39.62 24.89
C ALA C 238 -1.93 41.05 24.55
N THR C 239 -1.25 41.22 23.41
CA THR C 239 -0.81 42.54 22.99
C THR C 239 -1.21 42.91 21.56
N PRO C 240 -2.51 43.11 21.33
CA PRO C 240 -2.96 43.52 20.00
C PRO C 240 -2.67 45.00 19.79
N SER C 241 -2.27 45.37 18.57
CA SER C 241 -1.95 46.76 18.26
C SER C 241 -2.91 47.37 17.23
N ALA C 242 -2.91 48.69 17.17
CA ALA C 242 -3.78 49.44 16.28
C ALA C 242 -3.09 49.88 14.99
N THR C 243 -1.78 49.64 14.86
CA THR C 243 -1.03 50.09 13.69
C THR C 243 -0.47 48.96 12.84
N THR C 244 -0.31 47.75 13.38
CA THR C 244 0.21 46.63 12.63
C THR C 244 -0.38 45.34 13.19
N GLN C 245 0.00 44.21 12.61
CA GLN C 245 -0.43 42.89 13.05
C GLN C 245 0.64 42.32 13.97
N ALA C 246 0.38 42.36 15.27
CA ALA C 246 1.29 41.80 16.25
C ALA C 246 1.17 40.28 16.29
N SER C 247 2.20 39.64 16.82
CA SER C 247 2.21 38.19 16.95
C SER C 247 2.75 37.82 18.32
N GLN C 248 2.35 36.64 18.80
CA GLN C 248 2.78 36.14 20.10
C GLN C 248 2.98 34.63 20.03
N ASN C 249 3.81 34.14 20.95
CA ASN C 249 4.02 32.71 21.13
C ASN C 249 3.83 32.42 22.62
N ILE C 250 2.70 31.83 22.97
CA ILE C 250 2.36 31.54 24.36
C ILE C 250 2.79 30.12 24.68
N ARG C 251 3.72 29.98 25.63
CA ARG C 251 4.19 28.67 26.06
C ARG C 251 3.12 27.99 26.90
N LEU C 252 2.58 26.88 26.40
CA LEU C 252 1.58 26.13 27.13
C LEU C 252 2.24 25.26 28.19
N ASN C 253 1.58 25.13 29.33
CA ASN C 253 2.04 24.28 30.42
C ASN C 253 0.90 23.33 30.80
N PHE C 254 0.58 22.44 29.87
CA PHE C 254 -0.47 21.45 30.05
C PHE C 254 0.13 20.05 30.14
N ASN C 255 -0.67 19.12 30.65
CA ASN C 255 -0.27 17.72 30.83
C ASN C 255 -1.47 16.84 30.55
N HIS C 256 -1.25 15.52 30.62
CA HIS C 256 -2.26 14.47 30.53
C HIS C 256 -2.86 14.39 29.13
N PRO C 257 -3.54 13.29 28.79
CA PRO C 257 -4.28 13.24 27.53
C PRO C 257 -5.38 14.29 27.50
N THR C 258 -5.26 15.22 26.57
CA THR C 258 -6.13 16.40 26.52
C THR C 258 -7.13 16.27 25.38
N LYS C 259 -8.40 16.55 25.68
CA LYS C 259 -9.46 16.45 24.68
C LYS C 259 -9.44 17.65 23.73
N TYR C 260 -9.31 18.85 24.28
CA TYR C 260 -9.40 20.05 23.46
C TYR C 260 -8.72 21.20 24.19
N LEU C 261 -8.42 22.25 23.43
CA LEU C 261 -7.99 23.53 23.96
C LEU C 261 -9.05 24.58 23.66
N ALA C 262 -9.36 25.40 24.65
CA ALA C 262 -10.33 26.48 24.50
C ALA C 262 -9.72 27.75 25.05
N TRP C 263 -9.84 28.84 24.30
CA TRP C 263 -9.24 30.10 24.74
C TRP C 263 -10.10 31.27 24.30
N ASN C 264 -9.86 32.41 24.94
CA ASN C 264 -10.55 33.64 24.61
C ASN C 264 -9.63 34.82 24.94
N PHE C 265 -9.93 35.96 24.36
CA PHE C 265 -9.27 37.22 24.69
C PHE C 265 -10.30 38.10 25.38
N ASN C 266 -10.09 38.35 26.65
CA ASN C 266 -11.08 39.02 27.50
C ASN C 266 -10.56 40.36 27.96
N ASN C 267 -11.45 41.35 27.97
CA ASN C 267 -11.15 42.64 28.58
C ASN C 267 -11.43 42.49 30.07
N PRO C 268 -10.38 42.47 30.91
CA PRO C 268 -10.59 42.17 32.34
C PRO C 268 -11.52 43.14 33.04
N THR C 269 -11.80 44.29 32.45
CA THR C 269 -12.70 45.26 33.07
C THR C 269 -14.14 44.75 33.09
N ASN C 270 -14.56 44.06 32.03
CA ASN C 270 -15.94 43.64 31.86
C ASN C 270 -16.02 42.12 31.77
N TYR C 271 -16.92 41.54 32.57
CA TYR C 271 -17.05 40.09 32.62
C TYR C 271 -17.61 39.54 31.32
N GLY C 272 -16.97 38.50 30.81
CA GLY C 272 -17.44 37.84 29.61
C GLY C 272 -17.28 38.64 28.34
N GLN C 273 -16.60 39.79 28.39
CA GLN C 273 -16.37 40.58 27.18
C GLN C 273 -15.21 39.95 26.44
N TYR C 274 -15.52 39.21 25.37
CA TYR C 274 -14.52 38.55 24.55
C TYR C 274 -14.34 39.23 23.21
N THR C 275 -15.07 40.31 22.95
CA THR C 275 -15.05 41.00 21.68
C THR C 275 -14.88 42.49 21.91
N ALA C 276 -14.65 43.23 20.83
CA ALA C 276 -14.46 44.67 20.90
C ALA C 276 -15.80 45.38 20.98
N LEU C 277 -15.79 46.52 21.68
CA LEU C 277 -16.97 47.38 21.77
C LEU C 277 -17.03 48.31 20.55
N ALA C 278 -18.24 48.52 20.05
CA ALA C 278 -18.43 49.34 18.85
C ALA C 278 -19.80 50.00 18.88
N ASN C 279 -19.95 51.03 18.06
CA ASN C 279 -21.20 51.79 17.97
C ASN C 279 -22.16 51.14 16.96
N ILE C 280 -22.42 49.85 17.16
CA ILE C 280 -23.44 49.13 16.42
C ILE C 280 -24.39 48.51 17.43
N PRO C 281 -25.68 48.29 17.08
CA PRO C 281 -26.64 47.83 18.09
C PRO C 281 -26.20 46.58 18.85
N GLY C 282 -26.15 46.68 20.17
CA GLY C 282 -25.77 45.57 21.01
C GLY C 282 -24.31 45.49 21.37
N ALA C 283 -23.46 46.37 20.83
CA ALA C 283 -22.02 46.28 21.04
C ALA C 283 -21.48 47.34 21.99
N CYS C 284 -22.29 48.31 22.40
CA CYS C 284 -21.85 49.29 23.38
C CYS C 284 -23.09 49.92 24.01
N SER C 285 -22.86 50.67 25.09
CA SER C 285 -23.95 51.31 25.80
C SER C 285 -24.55 52.43 24.96
N GLY C 286 -25.87 52.38 24.77
CA GLY C 286 -26.56 53.40 24.02
C GLY C 286 -26.21 53.45 22.55
N ALA C 287 -25.84 52.32 21.96
CA ALA C 287 -25.45 52.29 20.56
C ALA C 287 -26.61 52.70 19.67
N GLY C 288 -26.29 53.42 18.59
CA GLY C 288 -27.29 53.91 17.67
C GLY C 288 -27.96 55.20 18.07
N THR C 289 -27.69 55.71 19.26
CA THR C 289 -28.29 56.94 19.76
C THR C 289 -27.20 57.97 20.03
N ALA C 290 -27.62 59.16 20.49
CA ALA C 290 -26.69 60.22 20.82
C ALA C 290 -25.92 59.97 22.11
N ALA C 291 -26.34 59.00 22.92
CA ALA C 291 -25.66 58.65 24.15
C ALA C 291 -24.70 57.47 23.96
N ALA C 292 -24.32 57.19 22.72
CA ALA C 292 -23.44 56.05 22.45
C ALA C 292 -22.02 56.33 22.94
N THR C 293 -21.42 55.31 23.55
CA THR C 293 -20.04 55.40 24.00
C THR C 293 -19.42 54.01 23.89
N VAL C 294 -18.30 53.90 23.18
CA VAL C 294 -17.64 52.62 22.99
C VAL C 294 -16.76 52.31 24.19
N THR C 295 -16.94 53.09 25.27
CA THR C 295 -16.21 52.85 26.51
C THR C 295 -16.93 51.88 27.42
N THR C 296 -18.26 51.82 27.35
CA THR C 296 -19.07 50.98 28.21
C THR C 296 -19.88 50.00 27.38
N PRO C 297 -19.91 48.73 27.74
CA PRO C 297 -20.67 47.75 26.97
C PRO C 297 -22.16 47.84 27.25
N ASP C 298 -22.94 47.24 26.35
CA ASP C 298 -24.33 46.91 26.62
C ASP C 298 -24.32 45.62 27.43
N TYR C 299 -24.31 45.78 28.76
CA TYR C 299 -23.98 44.67 29.65
C TYR C 299 -24.87 43.46 29.38
N GLY C 300 -26.18 43.68 29.23
CA GLY C 300 -27.07 42.57 28.95
C GLY C 300 -26.81 41.88 27.63
N ASN C 301 -26.14 42.56 26.70
CA ASN C 301 -25.85 41.99 25.39
C ASN C 301 -24.35 42.02 25.11
N THR C 302 -23.55 41.60 26.10
CA THR C 302 -22.11 41.69 25.97
C THR C 302 -21.58 40.80 24.85
N GLY C 303 -22.16 39.61 24.68
CA GLY C 303 -21.73 38.71 23.63
C GLY C 303 -22.18 39.15 22.25
N THR C 304 -21.53 38.57 21.24
CA THR C 304 -21.89 38.86 19.86
C THR C 304 -21.42 37.71 18.99
N TYR C 305 -22.00 37.63 17.79
CA TYR C 305 -21.57 36.68 16.77
C TYR C 305 -20.78 37.33 15.65
N ASN C 306 -20.52 38.63 15.74
CA ASN C 306 -19.83 39.38 14.70
C ASN C 306 -18.34 39.09 14.77
N GLU C 307 -17.82 38.36 13.79
CA GLU C 307 -16.39 38.06 13.75
C GLU C 307 -15.55 39.32 13.58
N GLN C 308 -16.12 40.36 12.96
CA GLN C 308 -15.38 41.59 12.75
C GLN C 308 -14.94 42.23 14.05
N LEU C 309 -15.62 41.94 15.15
CA LEU C 309 -15.28 42.50 16.45
C LEU C 309 -14.35 41.60 17.27
N ALA C 310 -14.00 40.42 16.75
CA ALA C 310 -13.02 39.58 17.40
C ALA C 310 -11.61 40.05 17.03
N VAL C 311 -10.63 39.66 17.84
CA VAL C 311 -9.30 40.27 17.74
C VAL C 311 -8.31 39.35 17.05
N LEU C 312 -8.54 38.04 17.11
CA LEU C 312 -7.58 37.08 16.60
C LEU C 312 -7.66 37.00 15.07
N ASP C 313 -6.52 37.19 14.42
CA ASP C 313 -6.45 37.08 12.96
C ASP C 313 -6.16 35.65 12.52
N SER C 314 -5.10 35.04 13.06
CA SER C 314 -4.74 33.68 12.71
C SER C 314 -4.07 33.02 13.91
N ALA C 315 -4.01 31.69 13.87
CA ALA C 315 -3.42 30.93 14.97
C ALA C 315 -3.02 29.56 14.49
N LYS C 316 -2.05 28.98 15.20
CA LYS C 316 -1.64 27.59 15.00
C LYS C 316 -1.02 27.09 16.29
N ILE C 317 -0.96 25.77 16.44
CA ILE C 317 -0.36 25.13 17.60
C ILE C 317 0.92 24.45 17.16
N GLN C 318 1.98 24.62 17.92
CA GLN C 318 3.27 24.01 17.64
C GLN C 318 3.61 22.97 18.70
N LEU C 319 4.13 21.83 18.25
CA LEU C 319 4.50 20.71 19.12
C LEU C 319 6.00 20.49 18.97
N ASN C 320 6.75 20.86 19.99
CA ASN C 320 8.21 20.76 19.99
C ASN C 320 8.82 21.50 18.81
N GLY C 321 8.31 22.71 18.55
CA GLY C 321 8.83 23.56 17.50
C GLY C 321 8.23 23.33 16.13
N GLN C 322 7.53 22.22 15.92
CA GLN C 322 6.91 21.91 14.64
C GLN C 322 5.40 22.12 14.69
N ASP C 323 4.85 22.53 13.55
CA ASP C 323 3.43 22.84 13.45
C ASP C 323 2.58 21.59 13.64
N ARG C 324 1.67 21.64 14.61
CA ARG C 324 0.68 20.58 14.77
C ARG C 324 -0.33 20.60 13.63
N PHE C 325 -0.62 21.79 13.09
CA PHE C 325 -1.48 21.92 11.92
C PHE C 325 -1.16 23.25 11.24
N ALA C 326 -1.60 23.38 9.99
CA ALA C 326 -1.35 24.60 9.25
C ALA C 326 -2.14 25.77 9.84
N THR C 327 -1.61 26.98 9.64
CA THR C 327 -2.21 28.18 10.22
C THR C 327 -3.59 28.43 9.63
N ARG C 328 -4.57 28.68 10.51
CA ARG C 328 -5.93 28.99 10.11
C ARG C 328 -6.34 30.33 10.69
N LYS C 329 -7.36 30.93 10.09
CA LYS C 329 -7.89 32.19 10.59
C LYS C 329 -8.62 31.98 11.91
N GLY C 330 -8.85 33.09 12.60
CA GLY C 330 -9.58 33.03 13.86
C GLY C 330 -11.01 32.54 13.71
N SER C 331 -11.63 32.85 12.57
CA SER C 331 -12.99 32.39 12.31
C SER C 331 -13.07 30.87 12.15
N TYR C 332 -11.97 30.22 11.80
CA TYR C 332 -11.97 28.76 11.70
C TYR C 332 -12.16 28.12 13.07
N PHE C 333 -11.45 28.62 14.09
CA PHE C 333 -11.56 28.06 15.43
C PHE C 333 -12.86 28.46 16.11
N ASN C 334 -13.54 29.49 15.61
CA ASN C 334 -14.80 29.95 16.18
C ASN C 334 -16.02 29.35 15.50
N LYS C 335 -15.94 29.08 14.19
CA LYS C 335 -17.07 28.54 13.44
C LYS C 335 -16.89 27.08 13.05
N VAL C 336 -15.75 26.71 12.48
CA VAL C 336 -15.62 25.39 11.85
C VAL C 336 -15.34 24.31 12.89
N GLN C 337 -14.39 24.56 13.80
CA GLN C 337 -14.11 23.58 14.85
C GLN C 337 -15.34 23.24 15.67
N PRO C 338 -16.17 24.18 16.12
CA PRO C 338 -17.42 23.78 16.79
C PRO C 338 -18.41 23.11 15.86
N TYR C 339 -18.50 23.56 14.60
CA TYR C 339 -19.43 22.93 13.66
C TYR C 339 -19.08 21.47 13.43
N GLN C 340 -17.78 21.15 13.34
CA GLN C 340 -17.35 19.80 13.03
C GLN C 340 -17.42 18.86 14.22
N SER C 341 -17.41 19.39 15.45
CA SER C 341 -17.29 18.55 16.63
C SER C 341 -18.33 18.81 17.71
N ILE C 342 -19.08 19.91 17.64
CA ILE C 342 -20.04 20.22 18.70
C ILE C 342 -21.45 20.27 18.13
N GLY C 343 -21.66 21.10 17.11
CA GLY C 343 -22.96 21.20 16.49
C GLY C 343 -23.87 22.25 17.10
N GLY C 344 -23.32 23.32 17.66
CA GLY C 344 -24.12 24.41 18.18
C GLY C 344 -23.75 25.71 17.51
N VAL C 345 -23.67 26.79 18.28
CA VAL C 345 -23.17 28.07 17.78
C VAL C 345 -22.38 28.74 18.89
N THR C 346 -21.20 29.25 18.55
CA THR C 346 -20.30 29.85 19.52
C THR C 346 -20.13 31.33 19.20
N PRO C 347 -20.34 32.22 20.16
CA PRO C 347 -20.16 33.65 19.90
C PRO C 347 -18.71 33.98 19.56
N ALA C 348 -18.55 35.10 18.84
CA ALA C 348 -17.21 35.54 18.45
C ALA C 348 -16.36 35.80 19.69
N GLY C 349 -15.06 35.57 19.54
CA GLY C 349 -14.13 35.75 20.64
C GLY C 349 -13.84 34.50 21.43
N VAL C 350 -14.55 33.41 21.18
CA VAL C 350 -14.30 32.13 21.83
C VAL C 350 -13.85 31.16 20.74
N TYR C 351 -12.72 30.48 20.99
CA TYR C 351 -12.08 29.66 19.99
C TYR C 351 -11.85 28.26 20.54
N LEU C 352 -11.78 27.29 19.63
CA LEU C 352 -11.66 25.90 20.00
C LEU C 352 -10.74 25.18 19.00
N TYR C 353 -9.90 24.29 19.54
CA TYR C 353 -9.24 23.27 18.72
C TYR C 353 -9.39 21.94 19.43
N SER C 354 -10.05 21.00 18.78
CA SER C 354 -10.40 19.72 19.39
C SER C 354 -9.44 18.64 18.90
N PHE C 355 -8.89 17.87 19.84
CA PHE C 355 -8.19 16.64 19.52
C PHE C 355 -9.13 15.44 19.49
N ALA C 356 -10.40 15.63 19.85
CA ALA C 356 -11.38 14.56 19.93
C ALA C 356 -12.45 14.74 18.85
N LEU C 357 -13.08 13.62 18.48
CA LEU C 357 -14.15 13.66 17.49
C LEU C 357 -15.38 14.27 18.14
N LYS C 358 -15.58 13.98 19.43
CA LYS C 358 -16.71 14.48 20.20
C LYS C 358 -16.20 15.05 21.53
N PRO C 359 -15.73 16.29 21.53
CA PRO C 359 -15.18 16.87 22.77
C PRO C 359 -16.22 17.06 23.85
N ALA C 360 -17.50 17.22 23.48
CA ALA C 360 -18.56 17.39 24.46
C ALA C 360 -19.06 16.08 25.04
N GLY C 361 -18.58 14.96 24.51
CA GLY C 361 -18.99 13.65 24.98
C GLY C 361 -18.06 13.10 26.05
N ARG C 362 -18.64 12.41 27.03
CA ARG C 362 -17.88 11.84 28.12
C ARG C 362 -16.97 10.72 27.65
N GLN C 363 -17.45 9.95 26.67
CA GLN C 363 -16.66 8.86 26.12
C GLN C 363 -15.49 9.45 25.33
N PRO C 364 -14.28 8.98 25.64
CA PRO C 364 -13.07 9.45 24.95
C PRO C 364 -13.15 9.16 23.46
N SER C 365 -12.73 10.13 22.66
CA SER C 365 -12.79 10.02 21.20
C SER C 365 -11.61 10.73 20.57
N GLY C 366 -10.43 10.59 21.16
CA GLY C 366 -9.23 11.23 20.65
C GLY C 366 -8.62 12.21 21.63
N THR C 367 -7.36 12.00 21.98
CA THR C 367 -6.66 12.87 22.91
C THR C 367 -5.24 13.09 22.42
N CYS C 368 -4.58 14.08 23.02
CA CYS C 368 -3.15 14.29 22.86
C CYS C 368 -2.52 14.36 24.23
N ASN C 369 -1.49 13.55 24.45
CA ASN C 369 -0.84 13.45 25.75
C ASN C 369 0.19 14.56 25.86
N PHE C 370 -0.17 15.62 26.60
CA PHE C 370 0.74 16.73 26.83
C PHE C 370 1.87 16.38 27.81
N SER C 371 1.78 15.24 28.49
CA SER C 371 2.89 14.82 29.35
C SER C 371 4.08 14.28 28.55
N ARG C 372 3.89 14.06 27.28
CA ARG C 372 4.91 13.54 26.44
C ARG C 372 5.42 14.57 25.46
N ILE C 373 5.07 15.82 25.68
CA ILE C 373 5.47 16.95 24.86
C ILE C 373 6.25 17.91 25.75
N ASP C 374 7.52 18.15 25.40
CA ASP C 374 8.32 19.06 26.20
C ASP C 374 7.93 20.51 25.96
N ASN C 375 7.69 20.89 24.70
CA ASN C 375 7.40 22.28 24.34
C ASN C 375 6.16 22.32 23.47
N ALA C 376 5.07 22.87 24.01
CA ALA C 376 3.85 23.13 23.27
C ALA C 376 3.57 24.62 23.32
N THR C 377 3.34 25.23 22.15
CA THR C 377 3.22 26.68 22.05
C THR C 377 2.00 27.04 21.19
N LEU C 378 1.26 28.05 21.63
CA LEU C 378 0.16 28.61 20.87
C LEU C 378 0.65 29.89 20.19
N SER C 379 0.88 29.82 18.88
CA SER C 379 1.37 30.95 18.11
C SER C 379 0.18 31.75 17.59
N LEU C 380 0.11 33.02 17.97
CA LEU C 380 -1.03 33.88 17.66
C LEU C 380 -0.60 35.04 16.77
N THR C 381 -1.55 35.53 15.97
CA THR C 381 -1.37 36.75 15.19
C THR C 381 -2.68 37.52 15.24
N TYR C 382 -2.61 38.79 15.64
CA TYR C 382 -3.79 39.61 15.86
C TYR C 382 -4.11 40.46 14.64
N LYS C 383 -5.38 40.84 14.53
CA LYS C 383 -5.80 41.78 13.51
C LYS C 383 -5.27 43.17 13.82
N THR C 384 -5.28 44.03 12.81
CA THR C 384 -4.90 45.43 13.00
C THR C 384 -6.13 46.19 13.50
N CYS C 385 -6.08 46.63 14.76
CA CYS C 385 -7.21 47.30 15.41
C CYS C 385 -7.27 48.76 14.92
N SER C 386 -7.60 48.92 13.64
CA SER C 386 -7.57 50.21 12.98
C SER C 386 -8.95 50.77 12.65
N ILE C 387 -10.03 50.02 12.87
CA ILE C 387 -11.36 50.48 12.53
C ILE C 387 -11.84 51.45 13.61
N ASP C 388 -12.49 52.53 13.17
CA ASP C 388 -13.11 53.48 14.10
C ASP C 388 -14.31 52.81 14.74
N ALA C 389 -14.24 52.58 16.05
CA ALA C 389 -15.30 51.86 16.74
C ALA C 389 -16.56 52.70 16.90
N THR C 390 -16.47 54.02 16.77
CA THR C 390 -17.62 54.89 16.90
C THR C 390 -18.38 55.07 15.58
N SER C 391 -17.88 54.52 14.49
CA SER C 391 -18.53 54.67 13.20
C SER C 391 -19.20 53.36 12.81
N PRO C 392 -20.53 53.29 12.76
CA PRO C 392 -21.17 52.05 12.31
C PRO C 392 -20.85 51.70 10.86
N ALA C 393 -20.69 52.70 10.00
CA ALA C 393 -20.33 52.43 8.61
C ALA C 393 -18.96 51.80 8.49
N ALA C 394 -18.03 52.15 9.39
CA ALA C 394 -16.71 51.55 9.37
C ALA C 394 -16.71 50.15 9.96
N VAL C 395 -17.54 49.90 10.96
CA VAL C 395 -17.58 48.58 11.60
C VAL C 395 -18.33 47.58 10.75
N LEU C 396 -19.45 47.99 10.15
CA LEU C 396 -20.28 47.10 9.35
C LEU C 396 -19.79 46.97 7.91
N GLY C 397 -18.67 47.58 7.56
CA GLY C 397 -18.15 47.47 6.20
C GLY C 397 -16.65 47.54 6.12
N ASN C 398 -15.97 46.49 6.57
CA ASN C 398 -14.51 46.44 6.53
C ASN C 398 -14.07 45.05 6.12
N THR C 399 -12.77 44.81 6.16
CA THR C 399 -12.16 43.60 5.65
C THR C 399 -11.90 42.61 6.78
N GLU C 400 -11.25 41.50 6.43
CA GLU C 400 -11.16 40.35 7.32
C GLU C 400 -10.07 40.51 8.38
N THR C 401 -8.96 41.18 8.04
CA THR C 401 -7.79 41.20 8.90
C THR C 401 -7.73 42.45 9.79
N VAL C 402 -8.84 43.17 9.93
CA VAL C 402 -8.89 44.34 10.78
C VAL C 402 -10.08 44.22 11.73
N THR C 403 -10.00 44.96 12.83
CA THR C 403 -11.08 44.99 13.82
C THR C 403 -11.15 46.39 14.42
N ALA C 404 -12.11 46.59 15.32
CA ALA C 404 -12.29 47.89 15.93
C ALA C 404 -11.09 48.25 16.79
N ASN C 405 -10.79 49.55 16.85
CA ASN C 405 -9.63 50.02 17.61
C ASN C 405 -9.79 49.78 19.12
N THR C 406 -11.01 49.53 19.59
CA THR C 406 -11.23 49.24 21.01
C THR C 406 -10.81 47.82 21.38
N ALA C 407 -10.35 47.02 20.42
CA ALA C 407 -9.91 45.66 20.69
C ALA C 407 -8.61 45.61 21.49
N THR C 408 -7.90 46.72 21.61
CA THR C 408 -6.65 46.75 22.37
C THR C 408 -6.85 46.53 23.86
N LEU C 409 -8.09 46.60 24.34
CA LEU C 409 -8.38 46.31 25.74
C LEU C 409 -8.52 44.82 26.01
N LEU C 410 -8.56 43.99 24.97
CA LEU C 410 -8.64 42.54 25.10
C LEU C 410 -7.25 41.99 25.38
N THR C 411 -6.81 42.19 26.63
CA THR C 411 -5.44 41.89 27.02
C THR C 411 -5.30 40.64 27.88
N ALA C 412 -6.42 40.03 28.30
CA ALA C 412 -6.39 38.83 29.12
C ALA C 412 -6.65 37.62 28.23
N LEU C 413 -5.62 36.81 28.03
CA LEU C 413 -5.73 35.57 27.25
C LEU C 413 -5.89 34.41 28.22
N ASN C 414 -7.07 33.81 28.24
CA ASN C 414 -7.35 32.65 29.08
C ASN C 414 -7.35 31.42 28.20
N ILE C 415 -6.44 30.49 28.47
CA ILE C 415 -6.31 29.26 27.71
C ILE C 415 -6.69 28.10 28.61
N TYR C 416 -7.65 27.29 28.17
CA TYR C 416 -8.15 26.17 28.95
C TYR C 416 -7.83 24.86 28.24
N ALA C 417 -7.63 23.81 29.03
CA ALA C 417 -7.40 22.47 28.51
C ALA C 417 -8.19 21.49 29.35
N LYS C 418 -8.91 20.59 28.68
CA LYS C 418 -9.68 19.55 29.34
C LYS C 418 -9.00 18.21 29.11
N ASN C 419 -8.55 17.57 30.19
CA ASN C 419 -7.77 16.35 30.09
C ASN C 419 -8.48 15.22 30.82
N TYR C 420 -7.99 14.00 30.61
CA TYR C 420 -8.47 12.82 31.31
C TYR C 420 -7.51 12.45 32.44
N ASN C 421 -8.05 11.80 33.46
CA ASN C 421 -7.25 11.27 34.55
C ASN C 421 -7.99 10.09 35.15
N VAL C 422 -7.31 9.36 36.03
CA VAL C 422 -7.86 8.16 36.64
C VAL C 422 -7.95 8.37 38.13
N LEU C 423 -9.15 8.20 38.68
CA LEU C 423 -9.41 8.29 40.11
C LEU C 423 -9.60 6.87 40.63
N ARG C 424 -8.62 6.38 41.40
CA ARG C 424 -8.68 5.05 41.98
C ARG C 424 -9.22 5.14 43.39
N ILE C 425 -10.19 4.28 43.72
CA ILE C 425 -10.82 4.27 45.02
C ILE C 425 -10.77 2.85 45.56
N MET C 426 -10.14 2.66 46.72
CA MET C 426 -9.97 1.34 47.30
C MET C 426 -9.72 1.49 48.79
N SER C 427 -10.26 0.55 49.57
CA SER C 427 -10.06 0.50 51.02
C SER C 427 -10.48 1.82 51.68
N GLY C 428 -11.55 2.42 51.16
CA GLY C 428 -12.09 3.63 51.73
C GLY C 428 -11.32 4.89 51.42
N MET C 429 -10.41 4.87 50.46
CA MET C 429 -9.59 6.03 50.14
C MET C 429 -9.53 6.22 48.63
N GLY C 430 -9.40 7.47 48.21
CA GLY C 430 -9.32 7.80 46.81
C GLY C 430 -8.12 8.67 46.49
N GLY C 431 -7.59 8.50 45.28
CA GLY C 431 -6.45 9.27 44.84
C GLY C 431 -6.31 9.22 43.34
N LEU C 432 -5.79 10.31 42.77
CA LEU C 432 -5.55 10.38 41.33
C LEU C 432 -4.34 9.55 40.94
N ALA C 433 -4.42 8.91 39.78
CA ALA C 433 -3.33 8.06 39.32
C ALA C 433 -2.17 8.85 38.76
N TYR C 434 -2.43 10.02 38.16
CA TYR C 434 -1.39 10.81 37.52
C TYR C 434 -1.44 12.25 38.02
N ALA C 435 -0.27 12.77 38.40
CA ALA C 435 -0.15 14.13 38.90
C ALA C 435 0.43 15.09 37.87
N ASN C 436 1.22 14.60 36.93
CA ASN C 436 1.82 15.44 35.89
C ASN C 436 2.06 14.71 34.57
N ALA D 1 -31.61 -26.63 58.25
CA ALA D 1 -32.75 -26.27 57.40
C ALA D 1 -32.49 -26.65 55.95
N GLY D 2 -31.48 -27.48 55.72
CA GLY D 2 -31.19 -27.95 54.38
C GLY D 2 -30.54 -26.90 53.51
N GLY D 3 -30.94 -26.82 52.24
CA GLY D 3 -30.34 -25.87 51.33
C GLY D 3 -30.69 -24.43 51.62
N LEU D 4 -31.89 -24.19 52.15
CA LEU D 4 -32.31 -22.82 52.44
C LEU D 4 -31.42 -22.17 53.50
N SER D 5 -30.91 -22.96 54.45
CA SER D 5 -30.00 -22.41 55.45
C SER D 5 -28.65 -22.03 54.86
N GLN D 6 -28.29 -22.59 53.70
CA GLN D 6 -27.05 -22.23 53.04
C GLN D 6 -27.15 -20.87 52.35
N LEU D 7 -28.35 -20.51 51.87
CA LEU D 7 -28.54 -19.21 51.24
C LEU D 7 -28.29 -18.07 52.21
N VAL D 8 -28.72 -18.23 53.46
CA VAL D 8 -28.53 -17.18 54.45
C VAL D 8 -27.07 -17.04 54.86
N ALA D 9 -26.28 -18.10 54.72
CA ALA D 9 -24.85 -18.05 55.01
C ALA D 9 -24.17 -17.23 53.91
N TYR D 10 -24.30 -15.91 54.03
CA TYR D 10 -23.83 -14.97 53.03
C TYR D 10 -22.83 -14.01 53.65
N GLY D 11 -21.69 -13.82 52.99
CA GLY D 11 -20.64 -12.97 53.50
C GLY D 11 -20.08 -12.03 52.45
N ALA D 12 -19.03 -11.29 52.81
CA ALA D 12 -18.45 -10.31 51.89
C ALA D 12 -17.67 -10.97 50.76
N GLN D 13 -17.24 -12.23 50.93
CA GLN D 13 -16.48 -12.90 49.88
C GLN D 13 -17.35 -13.34 48.71
N ASP D 14 -18.66 -13.44 48.90
CA ASP D 14 -19.57 -13.83 47.83
C ASP D 14 -19.79 -12.74 46.79
N VAL D 15 -19.23 -11.55 46.99
CA VAL D 15 -19.43 -10.46 46.05
C VAL D 15 -18.78 -10.77 44.70
N TYR D 16 -17.56 -11.32 44.71
CA TYR D 16 -16.90 -11.67 43.46
C TYR D 16 -17.60 -12.80 42.72
N LEU D 17 -18.52 -13.50 43.36
CA LEU D 17 -19.18 -14.65 42.75
C LEU D 17 -20.62 -14.38 42.35
N THR D 18 -21.43 -13.79 43.23
CA THR D 18 -22.85 -13.64 42.99
C THR D 18 -23.37 -12.21 43.17
N GLY D 19 -22.49 -11.23 43.38
CA GLY D 19 -22.96 -9.88 43.56
C GLY D 19 -23.40 -9.27 42.25
N ASN D 20 -24.61 -8.73 42.24
CA ASN D 20 -25.19 -8.17 41.03
C ASN D 20 -25.04 -9.19 39.90
N PRO D 21 -25.73 -10.32 39.96
CA PRO D 21 -25.52 -11.38 38.94
C PRO D 21 -25.66 -10.87 37.51
N GLN D 22 -24.86 -11.47 36.63
CA GLN D 22 -24.88 -11.18 35.20
C GLN D 22 -25.50 -12.31 34.39
N ILE D 23 -25.36 -13.54 34.89
CA ILE D 23 -25.91 -14.71 34.25
C ILE D 23 -26.72 -15.49 35.27
N THR D 24 -27.43 -16.49 34.77
CA THR D 24 -28.13 -17.46 35.60
C THR D 24 -27.96 -18.81 34.94
N PHE D 25 -27.83 -19.84 35.76
CA PHE D 25 -27.62 -21.19 35.24
C PHE D 25 -28.91 -21.94 34.99
N PHE D 26 -30.06 -21.37 35.36
CA PHE D 26 -31.32 -22.09 35.34
C PHE D 26 -32.32 -21.50 34.35
N LYS D 27 -31.83 -20.74 33.36
CA LYS D 27 -32.70 -20.22 32.31
C LYS D 27 -31.89 -19.92 31.06
N THR D 28 -31.45 -20.96 30.36
CA THR D 28 -30.66 -20.78 29.15
C THR D 28 -31.55 -20.30 28.01
N VAL D 29 -31.10 -19.26 27.32
CA VAL D 29 -31.79 -18.75 26.15
C VAL D 29 -31.07 -19.30 24.92
N TYR D 30 -31.68 -20.28 24.28
CA TYR D 30 -31.08 -20.93 23.12
C TYR D 30 -31.19 -20.04 21.88
N ARG D 31 -30.22 -20.18 20.99
CA ARG D 31 -30.13 -19.35 19.80
C ARG D 31 -30.95 -19.94 18.66
N ARG D 32 -31.54 -19.06 17.85
CA ARG D 32 -32.27 -19.46 16.67
C ARG D 32 -31.35 -19.37 15.45
N TYR D 33 -31.42 -20.38 14.58
CA TYR D 33 -30.50 -20.52 13.47
C TYR D 33 -31.26 -20.45 12.14
N THR D 34 -30.50 -20.49 11.05
CA THR D 34 -31.11 -20.51 9.73
C THR D 34 -31.54 -21.93 9.36
N ASN D 35 -32.72 -22.03 8.78
CA ASN D 35 -33.25 -23.33 8.38
C ASN D 35 -32.38 -23.97 7.31
N PHE D 36 -32.17 -25.28 7.42
CA PHE D 36 -31.34 -26.00 6.45
C PHE D 36 -31.75 -27.47 6.45
N ALA D 37 -31.13 -28.23 5.55
CA ALA D 37 -31.34 -29.67 5.47
C ALA D 37 -30.07 -30.32 4.93
N ILE D 38 -29.81 -31.54 5.38
CA ILE D 38 -28.58 -32.25 5.04
C ILE D 38 -28.95 -33.51 4.26
N GLU D 39 -28.12 -33.86 3.28
CA GLU D 39 -28.29 -35.09 2.52
C GLU D 39 -26.94 -35.55 1.99
N SER D 40 -26.60 -36.81 2.25
CA SER D 40 -25.38 -37.41 1.74
C SER D 40 -25.66 -37.99 0.35
N ILE D 41 -24.89 -37.55 -0.64
CA ILE D 41 -25.14 -37.90 -2.04
C ILE D 41 -23.87 -38.51 -2.62
N GLN D 42 -24.02 -39.63 -3.31
CA GLN D 42 -22.88 -40.34 -3.86
C GLN D 42 -22.36 -39.63 -5.11
N GLN D 43 -21.05 -39.70 -5.29
CA GLN D 43 -20.36 -39.03 -6.38
C GLN D 43 -19.91 -40.03 -7.44
N THR D 44 -19.60 -39.50 -8.62
CA THR D 44 -19.08 -40.31 -9.72
C THR D 44 -17.55 -40.33 -9.65
N ILE D 45 -16.99 -41.54 -9.66
CA ILE D 45 -15.54 -41.72 -9.59
C ILE D 45 -15.00 -41.91 -11.00
N ASN D 46 -14.02 -41.10 -11.40
CA ASN D 46 -13.38 -41.19 -12.71
C ASN D 46 -12.07 -41.93 -12.67
N GLY D 47 -11.96 -42.96 -13.45
CA GLY D 47 -10.79 -43.83 -13.45
C GLY D 47 -11.14 -45.25 -13.04
N SER D 48 -10.15 -46.11 -13.18
CA SER D 48 -10.29 -47.52 -12.84
C SER D 48 -9.88 -47.74 -11.39
N VAL D 49 -10.83 -48.16 -10.56
CA VAL D 49 -10.54 -48.42 -9.15
C VAL D 49 -9.76 -49.70 -9.03
N GLY D 50 -8.62 -49.64 -8.33
CA GLY D 50 -7.79 -50.81 -8.14
C GLY D 50 -6.53 -50.44 -7.39
N PHE D 51 -5.83 -51.47 -6.91
CA PHE D 51 -4.59 -51.24 -6.18
C PHE D 51 -3.57 -50.51 -7.07
N GLY D 52 -3.03 -49.42 -6.54
CA GLY D 52 -2.02 -48.65 -7.26
C GLY D 52 -2.54 -47.75 -8.36
N ASN D 53 -3.84 -47.52 -8.43
CA ASN D 53 -4.41 -46.66 -9.46
C ASN D 53 -4.74 -45.29 -8.90
N LYS D 54 -4.81 -44.31 -9.79
CA LYS D 54 -5.18 -42.94 -9.45
C LYS D 54 -6.57 -42.66 -10.02
N VAL D 55 -7.51 -42.30 -9.14
CA VAL D 55 -8.86 -41.95 -9.56
C VAL D 55 -9.17 -40.56 -9.02
N SER D 56 -10.17 -39.93 -9.62
CA SER D 56 -10.56 -38.58 -9.26
C SER D 56 -12.08 -38.48 -9.22
N THR D 57 -12.56 -37.41 -8.58
CA THR D 57 -13.98 -37.13 -8.46
C THR D 57 -14.20 -35.63 -8.59
N GLN D 58 -15.16 -35.26 -9.44
CA GLN D 58 -15.60 -33.87 -9.54
C GLN D 58 -16.91 -33.74 -8.77
N ILE D 59 -16.90 -32.89 -7.74
CA ILE D 59 -18.06 -32.76 -6.86
C ILE D 59 -19.24 -32.21 -7.65
N SER D 60 -20.31 -32.98 -7.69
CA SER D 60 -21.52 -32.55 -8.40
C SER D 60 -22.19 -31.42 -7.65
N ARG D 61 -22.86 -30.55 -8.37
CA ARG D 61 -23.53 -29.40 -7.76
C ARG D 61 -24.98 -29.71 -7.39
N ASN D 62 -25.16 -30.48 -6.32
CA ASN D 62 -26.49 -30.84 -5.88
C ASN D 62 -27.04 -29.90 -4.82
N GLY D 63 -26.18 -29.49 -3.88
CA GLY D 63 -26.63 -28.60 -2.82
C GLY D 63 -25.88 -27.29 -2.79
N ASP D 64 -26.07 -26.52 -1.72
CA ASP D 64 -25.47 -25.19 -1.62
C ASP D 64 -24.10 -25.22 -0.96
N LEU D 65 -23.94 -26.01 0.10
CA LEU D 65 -22.67 -26.17 0.77
C LEU D 65 -22.34 -27.66 0.85
N ILE D 66 -21.08 -27.97 1.12
CA ILE D 66 -20.65 -29.34 1.36
C ILE D 66 -19.88 -29.39 2.66
N THR D 67 -20.05 -30.49 3.41
CA THR D 67 -19.39 -30.66 4.69
C THR D 67 -18.61 -31.96 4.73
N ASP D 68 -19.20 -33.01 5.29
CA ASP D 68 -18.47 -34.27 5.44
C ASP D 68 -18.32 -34.97 4.10
N ILE D 69 -17.17 -35.63 3.92
CA ILE D 69 -16.90 -36.45 2.75
C ILE D 69 -16.35 -37.78 3.24
N VAL D 70 -16.96 -38.88 2.81
CA VAL D 70 -16.59 -40.22 3.24
C VAL D 70 -16.28 -41.07 2.01
N VAL D 71 -15.17 -41.81 2.09
CA VAL D 71 -14.78 -42.77 1.05
C VAL D 71 -15.07 -44.16 1.57
N GLU D 72 -15.93 -44.90 0.85
CA GLU D 72 -16.29 -46.26 1.22
C GLU D 72 -15.42 -47.25 0.46
N PHE D 73 -14.87 -48.22 1.19
CA PHE D 73 -14.13 -49.33 0.60
C PHE D 73 -14.77 -50.65 1.03
N VAL D 74 -14.68 -51.65 0.16
CA VAL D 74 -15.05 -53.02 0.48
C VAL D 74 -13.84 -53.90 0.23
N LEU D 75 -13.32 -54.50 1.28
CA LEU D 75 -12.09 -55.27 1.20
C LEU D 75 -12.31 -56.69 1.73
N THR D 76 -11.51 -57.61 1.21
CA THR D 76 -11.49 -58.99 1.67
C THR D 76 -10.09 -59.28 2.21
N LYS D 77 -10.00 -59.67 3.47
CA LYS D 77 -8.71 -59.87 4.09
C LYS D 77 -8.16 -61.25 3.73
N GLY D 78 -6.84 -61.33 3.57
CA GLY D 78 -6.17 -62.55 3.21
C GLY D 78 -5.41 -63.22 4.33
N GLY D 79 -5.58 -62.76 5.58
CA GLY D 79 -4.96 -63.39 6.72
C GLY D 79 -5.97 -63.55 7.84
N ASN D 80 -5.48 -64.13 8.94
CA ASN D 80 -6.34 -64.39 10.09
C ASN D 80 -6.34 -63.20 11.04
N GLY D 81 -6.54 -63.46 12.34
CA GLY D 81 -6.64 -62.38 13.30
C GLY D 81 -5.32 -61.67 13.50
N GLY D 82 -5.37 -60.34 13.53
CA GLY D 82 -4.20 -59.55 13.81
C GLY D 82 -3.20 -59.45 12.68
N THR D 83 -3.64 -59.64 11.44
CA THR D 83 -2.76 -59.56 10.28
C THR D 83 -2.98 -58.29 9.47
N THR D 84 -3.83 -57.39 9.96
CA THR D 84 -4.08 -56.11 9.31
C THR D 84 -3.89 -54.99 10.32
N TYR D 85 -3.51 -53.82 9.81
CA TYR D 85 -3.32 -52.62 10.63
C TYR D 85 -3.82 -51.42 9.81
N TYR D 86 -5.06 -51.02 10.08
CA TYR D 86 -5.70 -49.92 9.37
C TYR D 86 -5.60 -50.07 7.85
N PRO D 87 -6.12 -51.17 7.28
CA PRO D 87 -5.93 -51.39 5.84
C PRO D 87 -6.68 -50.38 4.98
N ALA D 88 -7.88 -49.96 5.39
CA ALA D 88 -8.61 -48.96 4.62
C ALA D 88 -7.94 -47.60 4.68
N GLU D 89 -7.29 -47.28 5.80
CA GLU D 89 -6.56 -46.03 5.92
C GLU D 89 -5.31 -46.02 5.04
N GLU D 90 -4.57 -47.13 5.04
CA GLU D 90 -3.38 -47.21 4.20
C GLU D 90 -3.73 -47.21 2.71
N LEU D 91 -4.87 -47.81 2.35
CA LEU D 91 -5.27 -47.88 0.96
C LEU D 91 -5.42 -46.49 0.35
N LEU D 92 -5.92 -45.53 1.14
CA LEU D 92 -6.03 -44.14 0.71
C LEU D 92 -4.66 -43.49 0.87
N GLN D 93 -3.80 -43.73 -0.12
CA GLN D 93 -2.40 -43.32 -0.01
C GLN D 93 -2.27 -41.81 0.07
N ASP D 94 -2.98 -41.08 -0.79
CA ASP D 94 -3.02 -39.63 -0.67
C ASP D 94 -4.30 -39.12 -1.32
N VAL D 95 -4.77 -37.97 -0.84
CA VAL D 95 -5.96 -37.32 -1.35
C VAL D 95 -5.69 -35.83 -1.45
N GLU D 96 -6.01 -35.24 -2.60
CA GLU D 96 -5.73 -33.84 -2.89
C GLU D 96 -7.04 -33.09 -3.12
N LEU D 97 -7.18 -31.95 -2.46
CA LEU D 97 -8.35 -31.08 -2.64
C LEU D 97 -7.98 -29.95 -3.57
N GLU D 98 -8.79 -29.73 -4.61
CA GLU D 98 -8.52 -28.76 -5.65
C GLU D 98 -9.76 -27.93 -5.92
N ILE D 99 -9.61 -26.61 -5.98
CA ILE D 99 -10.69 -25.69 -6.31
C ILE D 99 -10.25 -24.86 -7.50
N GLY D 100 -10.97 -24.98 -8.61
CA GLY D 100 -10.67 -24.19 -9.79
C GLY D 100 -9.28 -24.45 -10.35
N GLY D 101 -8.81 -25.69 -10.27
CA GLY D 101 -7.48 -26.02 -10.73
C GLY D 101 -6.37 -25.72 -9.73
N GLN D 102 -6.69 -25.13 -8.59
CA GLN D 102 -5.71 -24.75 -7.59
C GLN D 102 -5.79 -25.70 -6.40
N ARG D 103 -4.64 -26.24 -6.00
CA ARG D 103 -4.60 -27.10 -4.84
C ARG D 103 -4.82 -26.30 -3.57
N ILE D 104 -5.81 -26.71 -2.78
CA ILE D 104 -6.05 -26.07 -1.50
C ILE D 104 -5.35 -26.82 -0.36
N ASP D 105 -5.36 -28.15 -0.43
CA ASP D 105 -4.70 -28.96 0.57
C ASP D 105 -4.48 -30.36 0.00
N LYS D 106 -3.54 -31.09 0.61
CA LYS D 106 -3.25 -32.45 0.20
C LYS D 106 -2.81 -33.25 1.41
N HIS D 107 -3.44 -34.40 1.62
CA HIS D 107 -3.15 -35.26 2.77
C HIS D 107 -2.59 -36.60 2.28
N TYR D 108 -1.99 -37.33 3.22
CA TYR D 108 -1.37 -38.61 2.95
C TYR D 108 -1.83 -39.62 3.99
N ASN D 109 -1.69 -40.91 3.67
CA ASN D 109 -2.14 -41.94 4.58
C ASN D 109 -1.37 -41.91 5.90
N ASP D 110 -0.08 -41.56 5.85
CA ASP D 110 0.69 -41.47 7.08
C ASP D 110 0.26 -40.27 7.93
N TRP D 111 -0.29 -39.22 7.29
CA TRP D 111 -0.86 -38.14 8.07
C TRP D 111 -2.15 -38.59 8.76
N PHE D 112 -2.99 -39.36 8.07
CA PHE D 112 -4.15 -39.96 8.71
C PHE D 112 -3.74 -40.80 9.91
N ARG D 113 -2.60 -41.49 9.80
CA ARG D 113 -2.11 -42.29 10.92
C ARG D 113 -1.58 -41.40 12.04
N THR D 114 -0.87 -40.32 11.68
CA THR D 114 -0.35 -39.40 12.70
C THR D 114 -1.46 -38.60 13.33
N TYR D 115 -2.43 -38.15 12.54
CA TYR D 115 -3.56 -37.39 13.08
C TYR D 115 -4.36 -38.24 14.07
N ASP D 116 -4.57 -39.52 13.75
CA ASP D 116 -5.33 -40.39 14.65
C ASP D 116 -4.59 -40.60 15.96
N ALA D 117 -3.26 -40.71 15.91
CA ALA D 117 -2.49 -40.93 17.13
C ALA D 117 -2.45 -39.68 18.01
N LEU D 118 -2.61 -38.50 17.42
CA LEU D 118 -2.48 -37.25 18.15
C LEU D 118 -3.81 -36.62 18.55
N PHE D 119 -4.79 -36.57 17.64
CA PHE D 119 -5.97 -35.75 17.84
C PHE D 119 -7.26 -36.52 18.00
N ARG D 120 -7.26 -37.84 17.83
CA ARG D 120 -8.39 -38.66 18.22
C ARG D 120 -8.09 -39.36 19.53
N MET D 121 -9.15 -39.73 20.25
CA MET D 121 -8.98 -40.31 21.57
C MET D 121 -10.24 -41.05 21.97
N ASN D 122 -10.09 -41.95 22.94
CA ASN D 122 -11.20 -42.54 23.67
C ASN D 122 -12.05 -43.38 22.71
N ASP D 123 -13.37 -43.41 22.91
CA ASP D 123 -14.23 -44.26 22.09
C ASP D 123 -14.30 -43.78 20.65
N ASP D 124 -14.15 -42.48 20.41
CA ASP D 124 -14.14 -41.98 19.04
C ASP D 124 -12.99 -42.58 18.25
N ARG D 125 -11.83 -42.72 18.87
CA ARG D 125 -10.68 -43.31 18.19
C ARG D 125 -10.91 -44.79 17.90
N TYR D 126 -11.54 -45.50 18.83
CA TYR D 126 -11.85 -46.91 18.57
C TYR D 126 -12.89 -47.04 17.49
N ASN D 127 -13.89 -46.14 17.48
CA ASN D 127 -14.87 -46.13 16.41
C ASN D 127 -14.22 -45.88 15.06
N TYR D 128 -13.16 -45.07 15.03
CA TYR D 128 -12.43 -44.85 13.78
C TYR D 128 -11.75 -46.12 13.30
N ARG D 129 -11.25 -46.95 14.22
CA ARG D 129 -10.62 -48.19 13.78
C ARG D 129 -11.65 -49.21 13.32
N ARG D 130 -12.86 -49.18 13.90
CA ARG D 130 -13.95 -50.00 13.36
C ARG D 130 -14.23 -49.65 11.91
N MET D 131 -14.12 -48.36 11.57
CA MET D 131 -14.42 -47.90 10.23
C MET D 131 -13.30 -48.18 9.23
N THR D 132 -12.10 -48.50 9.70
CA THR D 132 -10.94 -48.63 8.81
C THR D 132 -10.17 -49.93 9.01
N ASP D 133 -10.68 -50.88 9.80
CA ASP D 133 -9.92 -52.09 10.09
C ASP D 133 -10.87 -53.17 10.58
N TRP D 134 -10.37 -54.41 10.56
CA TRP D 134 -11.03 -55.54 11.22
C TRP D 134 -10.60 -55.58 12.68
N VAL D 135 -11.57 -55.57 13.59
CA VAL D 135 -11.28 -55.47 15.01
C VAL D 135 -11.99 -56.57 15.80
N ASN D 136 -12.52 -57.57 15.10
CA ASN D 136 -13.29 -58.63 15.74
C ASN D 136 -12.71 -60.01 15.47
N ASN D 137 -11.38 -60.08 15.31
CA ASN D 137 -10.66 -61.36 15.17
C ASN D 137 -11.11 -62.13 13.92
N GLU D 138 -11.39 -61.41 12.84
CA GLU D 138 -11.87 -62.03 11.63
C GLU D 138 -10.77 -62.87 10.98
N LEU D 139 -11.18 -63.87 10.21
CA LEU D 139 -10.29 -64.84 9.59
C LEU D 139 -10.17 -64.54 8.09
N VAL D 140 -9.42 -65.40 7.40
CA VAL D 140 -9.22 -65.25 5.96
C VAL D 140 -10.58 -65.27 5.26
N GLY D 141 -10.72 -64.39 4.27
CA GLY D 141 -11.92 -64.35 3.47
C GLY D 141 -13.05 -63.51 4.03
N ALA D 142 -12.85 -62.85 5.17
CA ALA D 142 -13.87 -61.97 5.70
C ALA D 142 -13.96 -60.70 4.85
N GLN D 143 -15.18 -60.31 4.50
CA GLN D 143 -15.43 -59.13 3.69
C GLN D 143 -16.12 -58.08 4.54
N LYS D 144 -15.64 -56.84 4.45
CA LYS D 144 -16.16 -55.77 5.29
C LYS D 144 -16.16 -54.46 4.51
N ARG D 145 -17.15 -53.62 4.78
CA ARG D 145 -17.21 -52.29 4.22
C ARG D 145 -16.55 -51.31 5.19
N PHE D 146 -15.67 -50.48 4.67
CA PHE D 146 -14.91 -49.52 5.47
C PHE D 146 -15.30 -48.11 5.09
N TYR D 147 -15.13 -47.18 6.04
CA TYR D 147 -15.48 -45.78 5.86
C TYR D 147 -14.31 -44.93 6.29
N VAL D 148 -13.66 -44.27 5.34
CA VAL D 148 -12.51 -43.41 5.62
C VAL D 148 -12.99 -41.96 5.55
N PRO D 149 -13.11 -41.26 6.68
CA PRO D 149 -13.56 -39.86 6.64
C PRO D 149 -12.41 -38.93 6.32
N LEU D 150 -12.65 -37.99 5.41
CA LEU D 150 -11.64 -37.00 5.08
C LEU D 150 -11.61 -35.91 6.14
N ILE D 151 -10.45 -35.30 6.30
CA ILE D 151 -10.23 -34.34 7.38
C ILE D 151 -9.69 -33.03 6.86
N PHE D 152 -10.24 -32.56 5.73
CA PHE D 152 -9.90 -31.22 5.24
C PHE D 152 -10.64 -30.17 6.08
N PHE D 153 -10.43 -28.90 5.75
CA PHE D 153 -10.93 -27.82 6.60
C PHE D 153 -12.45 -27.81 6.65
N PHE D 154 -13.12 -28.07 5.53
CA PHE D 154 -14.57 -28.06 5.50
C PHE D 154 -15.19 -29.38 5.93
N ASN D 155 -14.38 -30.39 6.26
CA ASN D 155 -14.89 -31.65 6.77
C ASN D 155 -14.95 -31.70 8.29
N GLN D 156 -14.25 -30.79 8.97
CA GLN D 156 -14.08 -30.89 10.42
C GLN D 156 -14.99 -29.95 11.21
N THR D 157 -15.59 -28.95 10.55
CA THR D 157 -16.49 -28.05 11.25
C THR D 157 -17.51 -27.49 10.26
N PRO D 158 -18.80 -27.49 10.60
CA PRO D 158 -19.78 -26.89 9.67
C PRO D 158 -19.61 -25.40 9.48
N GLY D 159 -18.95 -24.71 10.41
CA GLY D 159 -18.70 -23.29 10.25
C GLY D 159 -17.77 -22.94 9.11
N LEU D 160 -17.08 -23.93 8.55
CA LEU D 160 -16.22 -23.74 7.38
C LEU D 160 -16.75 -24.51 6.17
N ALA D 161 -18.07 -24.75 6.12
CA ALA D 161 -18.66 -25.50 5.02
C ALA D 161 -18.36 -24.82 3.69
N LEU D 162 -17.84 -25.59 2.75
CA LEU D 162 -17.44 -25.05 1.46
C LEU D 162 -18.67 -24.69 0.62
N PRO D 163 -18.85 -23.43 0.25
CA PRO D 163 -20.06 -23.04 -0.49
C PRO D 163 -19.95 -23.30 -1.99
N LEU D 164 -20.49 -24.43 -2.45
CA LEU D 164 -20.52 -24.68 -3.89
C LEU D 164 -21.35 -23.64 -4.63
N ILE D 165 -22.39 -23.12 -4.00
CA ILE D 165 -23.23 -22.13 -4.65
C ILE D 165 -22.47 -20.83 -4.91
N ALA D 166 -21.41 -20.57 -4.15
CA ALA D 166 -20.57 -19.40 -4.36
C ALA D 166 -19.38 -19.69 -5.26
N LEU D 167 -19.31 -20.88 -5.85
CA LEU D 167 -18.21 -21.31 -6.71
C LEU D 167 -18.74 -21.82 -8.04
N GLN D 168 -19.66 -21.06 -8.66
CA GLN D 168 -20.30 -21.53 -9.88
C GLN D 168 -19.36 -21.58 -11.07
N TYR D 169 -18.22 -20.89 -11.00
CA TYR D 169 -17.25 -20.88 -12.09
C TYR D 169 -15.98 -21.66 -11.77
N HIS D 170 -15.92 -22.30 -10.60
CA HIS D 170 -14.78 -23.10 -10.19
C HIS D 170 -15.25 -24.49 -9.84
N GLU D 171 -14.53 -25.49 -10.28
CA GLU D 171 -14.82 -26.87 -10.04
C GLU D 171 -14.09 -27.37 -8.78
N VAL D 172 -14.79 -28.09 -7.95
CA VAL D 172 -14.18 -28.71 -6.78
C VAL D 172 -13.93 -30.17 -7.10
N LYS D 173 -12.67 -30.59 -6.99
CA LYS D 173 -12.28 -31.95 -7.35
C LYS D 173 -11.43 -32.56 -6.25
N LEU D 174 -11.49 -33.89 -6.16
CA LEU D 174 -10.66 -34.66 -5.25
C LEU D 174 -9.85 -35.65 -6.08
N TYR D 175 -8.55 -35.71 -5.84
CA TYR D 175 -7.66 -36.61 -6.56
C TYR D 175 -7.15 -37.67 -5.59
N PHE D 176 -7.54 -38.91 -5.82
CA PHE D 176 -7.17 -40.02 -4.96
C PHE D 176 -6.04 -40.82 -5.60
N THR D 177 -5.17 -41.36 -4.74
CA THR D 177 -4.14 -42.30 -5.15
C THR D 177 -4.26 -43.51 -4.25
N LEU D 178 -4.50 -44.68 -4.83
CA LEU D 178 -4.68 -45.89 -4.05
C LEU D 178 -3.35 -46.60 -3.88
N ALA D 179 -3.14 -47.15 -2.68
CA ALA D 179 -1.90 -47.86 -2.39
C ALA D 179 -1.79 -49.11 -3.25
N SER D 180 -0.55 -49.53 -3.49
CA SER D 180 -0.31 -50.72 -4.32
C SER D 180 -0.42 -52.00 -3.49
N GLN D 181 0.24 -52.03 -2.34
CA GLN D 181 0.32 -53.22 -1.50
C GLN D 181 -0.19 -52.90 -0.10
N VAL D 182 -1.17 -53.68 0.37
CA VAL D 182 -1.79 -53.48 1.68
C VAL D 182 -1.64 -54.78 2.47
N GLN D 183 -0.95 -54.69 3.62
CA GLN D 183 -0.68 -55.87 4.43
C GLN D 183 -1.97 -56.53 4.92
N GLY D 184 -2.00 -57.86 4.81
CA GLY D 184 -3.17 -58.59 5.26
C GLY D 184 -4.36 -58.52 4.32
N VAL D 185 -4.26 -57.78 3.20
CA VAL D 185 -5.35 -57.69 2.24
C VAL D 185 -4.94 -58.27 0.89
N ASN D 186 -3.89 -57.71 0.23
CA ASN D 186 -3.39 -58.28 -1.02
C ASN D 186 -1.92 -58.67 -0.97
N TYR D 187 -1.22 -58.39 0.14
CA TYR D 187 0.16 -58.82 0.34
C TYR D 187 0.30 -59.31 1.77
N ASN D 188 1.21 -60.26 1.97
CA ASN D 188 1.55 -60.79 3.29
C ASN D 188 3.04 -60.59 3.41
N GLY D 189 3.43 -59.46 4.00
CA GLY D 189 4.82 -59.07 3.97
C GLY D 189 5.20 -58.62 2.57
N SER D 190 6.20 -59.29 1.99
CA SER D 190 6.61 -59.02 0.63
C SER D 190 6.01 -59.97 -0.39
N SER D 191 5.29 -60.99 0.04
CA SER D 191 4.72 -61.99 -0.86
C SER D 191 3.26 -61.68 -1.12
N ALA D 192 2.88 -61.68 -2.39
CA ALA D 192 1.49 -61.39 -2.75
C ALA D 192 0.58 -62.54 -2.38
N ILE D 193 -0.62 -62.21 -1.89
CA ILE D 193 -1.62 -63.21 -1.56
C ILE D 193 -2.40 -63.56 -2.83
N ALA D 194 -2.34 -64.84 -3.20
CA ALA D 194 -3.00 -65.29 -4.42
C ALA D 194 -4.51 -65.14 -4.31
N GLY D 195 -5.13 -64.71 -5.42
CA GLY D 195 -6.56 -64.55 -5.47
C GLY D 195 -7.10 -63.33 -4.77
N ALA D 196 -6.23 -62.37 -4.41
CA ALA D 196 -6.69 -61.18 -3.71
C ALA D 196 -7.62 -60.36 -4.60
N ALA D 197 -8.73 -59.93 -4.03
CA ALA D 197 -9.74 -59.20 -4.78
C ALA D 197 -9.40 -57.72 -4.84
N GLN D 198 -9.72 -57.10 -5.98
CA GLN D 198 -9.53 -55.67 -6.11
C GLN D 198 -10.55 -54.92 -5.25
N PRO D 199 -10.18 -53.76 -4.72
CA PRO D 199 -11.12 -53.00 -3.89
C PRO D 199 -12.19 -52.34 -4.75
N THR D 200 -13.36 -52.14 -4.15
CA THR D 200 -14.42 -51.33 -4.73
C THR D 200 -14.56 -50.06 -3.89
N MET D 201 -14.75 -48.93 -4.57
CA MET D 201 -14.68 -47.62 -3.95
C MET D 201 -15.92 -46.80 -4.29
N SER D 202 -16.34 -45.98 -3.33
CA SER D 202 -17.40 -45.01 -3.57
C SER D 202 -17.15 -43.81 -2.69
N VAL D 203 -17.50 -42.62 -3.20
CA VAL D 203 -17.31 -41.36 -2.51
C VAL D 203 -18.68 -40.74 -2.25
N TRP D 204 -18.92 -40.34 -1.01
CA TRP D 204 -20.18 -39.74 -0.59
C TRP D 204 -19.90 -38.37 0.02
N VAL D 205 -20.68 -37.38 -0.41
CA VAL D 205 -20.53 -36.00 0.04
C VAL D 205 -21.84 -35.56 0.68
N ASP D 206 -21.73 -34.94 1.87
CA ASP D 206 -22.90 -34.41 2.58
C ASP D 206 -23.15 -32.97 2.14
N TYR D 207 -24.31 -32.73 1.56
CA TYR D 207 -24.66 -31.41 1.06
C TYR D 207 -25.58 -30.68 2.04
N ILE D 208 -25.45 -29.36 2.08
CA ILE D 208 -26.30 -28.50 2.90
C ILE D 208 -27.22 -27.74 1.96
N PHE D 209 -28.53 -27.85 2.19
CA PHE D 209 -29.52 -27.11 1.43
C PHE D 209 -30.01 -25.93 2.27
N LEU D 210 -29.82 -24.73 1.74
CA LEU D 210 -30.13 -23.51 2.46
C LEU D 210 -31.44 -22.91 1.97
N ASP D 211 -32.05 -22.10 2.83
CA ASP D 211 -33.26 -21.40 2.44
C ASP D 211 -32.92 -20.26 1.48
N THR D 212 -33.96 -19.70 0.85
CA THR D 212 -33.76 -18.76 -0.24
C THR D 212 -32.94 -17.56 0.21
N GLN D 213 -33.23 -17.04 1.39
CA GLN D 213 -32.57 -15.83 1.86
C GLN D 213 -31.07 -16.03 2.03
N GLU D 214 -30.69 -17.06 2.79
CA GLU D 214 -29.27 -17.33 2.97
C GLU D 214 -28.64 -17.86 1.69
N ARG D 215 -29.45 -18.48 0.82
CA ARG D 215 -28.94 -18.94 -0.47
C ARG D 215 -28.54 -17.76 -1.34
N THR D 216 -29.31 -16.65 -1.26
CA THR D 216 -28.97 -15.48 -2.05
C THR D 216 -27.73 -14.77 -1.52
N ARG D 217 -27.53 -14.76 -0.20
CA ARG D 217 -26.38 -14.06 0.36
C ARG D 217 -25.09 -14.80 0.08
N PHE D 218 -25.09 -16.13 0.13
CA PHE D 218 -23.88 -16.88 -0.17
C PHE D 218 -23.45 -16.68 -1.60
N ALA D 219 -24.40 -16.43 -2.51
CA ALA D 219 -24.08 -16.25 -3.92
C ALA D 219 -23.72 -14.82 -4.30
N GLN D 220 -23.95 -13.85 -3.41
CA GLN D 220 -23.75 -12.45 -3.75
C GLN D 220 -22.61 -11.77 -3.03
N LEU D 221 -22.40 -12.05 -1.74
CA LEU D 221 -21.35 -11.31 -1.05
C LEU D 221 -20.05 -12.08 -1.07
N PRO D 222 -18.96 -11.40 -0.87
CA PRO D 222 -17.66 -12.05 -0.84
C PRO D 222 -17.49 -12.80 0.49
N HIS D 223 -16.76 -13.87 0.50
CA HIS D 223 -16.55 -14.69 1.69
C HIS D 223 -15.05 -14.80 1.95
N GLU D 224 -14.70 -14.86 3.23
CA GLU D 224 -13.33 -15.09 3.67
C GLU D 224 -13.36 -16.18 4.73
N TYR D 225 -12.69 -17.30 4.44
CA TYR D 225 -12.64 -18.44 5.34
C TYR D 225 -11.22 -18.60 5.85
N LEU D 226 -11.06 -18.70 7.17
CA LEU D 226 -9.78 -19.01 7.78
C LEU D 226 -9.65 -20.52 7.84
N ILE D 227 -8.85 -21.08 6.95
CA ILE D 227 -8.77 -22.52 6.77
C ILE D 227 -7.42 -23.00 7.30
N GLU D 228 -7.28 -24.32 7.37
CA GLU D 228 -6.03 -24.97 7.75
C GLU D 228 -5.52 -25.82 6.60
N GLN D 229 -4.21 -25.94 6.51
CA GLN D 229 -3.56 -26.73 5.48
C GLN D 229 -2.53 -27.64 6.12
N LEU D 230 -2.18 -28.71 5.43
CA LEU D 230 -1.12 -29.61 5.84
C LEU D 230 0.12 -29.36 5.00
N GLN D 231 1.27 -29.36 5.64
CA GLN D 231 2.56 -29.21 4.97
C GLN D 231 3.38 -30.47 5.19
N PHE D 232 3.94 -30.99 4.10
CA PHE D 232 4.77 -32.18 4.14
C PHE D 232 5.63 -32.19 2.89
N THR D 233 6.95 -32.10 3.08
CA THR D 233 7.88 -31.99 1.97
C THR D 233 8.53 -33.32 1.60
N GLY D 234 8.04 -34.42 2.15
CA GLY D 234 8.62 -35.72 1.90
C GLY D 234 9.38 -36.25 3.11
N SER D 235 9.62 -37.55 3.10
CA SER D 235 10.32 -38.19 4.21
C SER D 235 11.78 -37.79 4.21
N GLU D 236 12.33 -37.70 5.42
CA GLU D 236 13.74 -37.41 5.64
C GLU D 236 14.39 -38.74 6.02
N THR D 237 15.70 -38.85 5.80
CA THR D 237 16.44 -40.08 6.09
C THR D 237 17.03 -39.97 7.49
N ALA D 238 16.45 -40.72 8.43
CA ALA D 238 16.99 -40.79 9.77
C ALA D 238 18.14 -41.78 9.83
N THR D 239 19.10 -41.50 10.71
CA THR D 239 20.29 -42.34 10.84
C THR D 239 20.59 -42.80 12.26
N PRO D 240 19.69 -43.58 12.86
CA PRO D 240 19.95 -44.08 14.21
C PRO D 240 21.09 -45.09 14.17
N SER D 241 21.91 -45.12 15.22
CA SER D 241 23.03 -46.05 15.26
C SER D 241 22.99 -46.98 16.46
N ALA D 242 23.72 -48.09 16.38
CA ALA D 242 23.75 -49.08 17.43
C ALA D 242 25.00 -49.01 18.31
N THR D 243 25.95 -48.15 17.97
CA THR D 243 27.20 -48.05 18.72
C THR D 243 27.39 -46.71 19.43
N THR D 244 26.68 -45.67 19.01
CA THR D 244 26.77 -44.36 19.65
C THR D 244 25.44 -43.65 19.49
N GLN D 245 25.36 -42.43 20.02
CA GLN D 245 24.17 -41.59 19.89
C GLN D 245 24.38 -40.67 18.70
N ALA D 246 23.72 -40.99 17.59
CA ALA D 246 23.83 -40.15 16.41
C ALA D 246 22.98 -38.88 16.58
N SER D 247 23.33 -37.87 15.79
CA SER D 247 22.62 -36.60 15.82
C SER D 247 22.39 -36.11 14.40
N GLN D 248 21.35 -35.30 14.24
CA GLN D 248 21.02 -34.74 12.94
C GLN D 248 20.47 -33.33 13.11
N ASN D 249 20.58 -32.54 12.04
CA ASN D 249 19.97 -31.22 11.96
C ASN D 249 19.17 -31.17 10.65
N ILE D 250 17.85 -31.28 10.76
CA ILE D 250 16.97 -31.29 9.60
C ILE D 250 16.49 -29.87 9.35
N ARG D 251 16.84 -29.31 8.20
CA ARG D 251 16.41 -27.97 7.82
C ARG D 251 14.95 -28.02 7.40
N LEU D 252 14.09 -27.35 8.17
CA LEU D 252 12.66 -27.33 7.85
C LEU D 252 12.38 -26.32 6.75
N ASN D 253 11.41 -26.65 5.88
CA ASN D 253 10.99 -25.79 4.79
C ASN D 253 9.47 -25.62 4.86
N PHE D 254 9.00 -24.92 5.89
CA PHE D 254 7.59 -24.63 6.09
C PHE D 254 7.35 -23.14 5.91
N ASN D 255 6.06 -22.78 5.78
CA ASN D 255 5.66 -21.39 5.61
C ASN D 255 4.36 -21.16 6.38
N HIS D 256 3.89 -19.91 6.35
CA HIS D 256 2.61 -19.48 6.89
C HIS D 256 2.57 -19.57 8.41
N PRO D 257 1.61 -18.91 9.07
CA PRO D 257 1.44 -19.10 10.51
C PRO D 257 1.08 -20.54 10.83
N THR D 258 1.96 -21.22 11.57
CA THR D 258 1.86 -22.65 11.81
C THR D 258 1.41 -22.91 13.24
N LYS D 259 0.43 -23.81 13.39
CA LYS D 259 -0.09 -24.13 14.71
C LYS D 259 0.85 -25.06 15.48
N TYR D 260 1.35 -26.10 14.81
CA TYR D 260 2.18 -27.09 15.49
C TYR D 260 3.01 -27.86 14.48
N LEU D 261 4.03 -28.54 15.00
CA LEU D 261 4.82 -29.50 14.24
C LEU D 261 4.61 -30.88 14.83
N ALA D 262 4.42 -31.87 13.95
CA ALA D 262 4.25 -33.26 14.36
C ALA D 262 5.15 -34.14 13.51
N TRP D 263 5.85 -35.08 14.15
CA TRP D 263 6.77 -35.92 13.41
C TRP D 263 6.82 -37.32 13.99
N ASN D 264 7.34 -38.24 13.19
CA ASN D 264 7.52 -39.63 13.59
C ASN D 264 8.70 -40.21 12.82
N PHE D 265 9.25 -41.29 13.35
CA PHE D 265 10.28 -42.07 12.68
C PHE D 265 9.67 -43.42 12.31
N ASN D 266 9.52 -43.65 11.01
CA ASN D 266 8.77 -44.80 10.50
C ASN D 266 9.68 -45.74 9.73
N ASN D 267 9.46 -47.04 9.92
CA ASN D 267 10.08 -48.06 9.09
C ASN D 267 9.25 -48.23 7.83
N PRO D 268 9.75 -47.78 6.67
CA PRO D 268 8.91 -47.78 5.46
C PRO D 268 8.41 -49.15 5.06
N THR D 269 8.99 -50.23 5.58
CA THR D 269 8.55 -51.57 5.22
C THR D 269 7.16 -51.86 5.76
N ASN D 270 6.85 -51.40 6.96
CA ASN D 270 5.60 -51.72 7.64
C ASN D 270 4.81 -50.46 7.92
N TYR D 271 3.53 -50.47 7.56
CA TYR D 271 2.69 -49.30 7.72
C TYR D 271 2.42 -49.00 9.18
N GLY D 272 2.57 -47.72 9.56
CA GLY D 272 2.31 -47.31 10.91
C GLY D 272 3.30 -47.77 11.95
N GLN D 273 4.41 -48.39 11.55
CA GLN D 273 5.43 -48.83 12.49
C GLN D 273 6.28 -47.63 12.86
N TYR D 274 6.05 -47.08 14.05
CA TYR D 274 6.80 -45.92 14.54
C TYR D 274 7.80 -46.27 15.63
N THR D 275 7.85 -47.52 16.07
CA THR D 275 8.74 -47.97 17.13
C THR D 275 9.44 -49.24 16.69
N ALA D 276 10.40 -49.67 17.49
CA ALA D 276 11.13 -50.89 17.20
C ALA D 276 10.33 -52.11 17.60
N LEU D 277 10.52 -53.18 16.84
CA LEU D 277 9.91 -54.46 17.14
C LEU D 277 10.76 -55.18 18.18
N ALA D 278 10.12 -55.90 19.10
CA ALA D 278 10.85 -56.55 20.16
C ALA D 278 10.13 -57.82 20.58
N ASN D 279 10.85 -58.69 21.27
CA ASN D 279 10.31 -59.97 21.71
C ASN D 279 9.58 -59.80 23.02
N ILE D 280 8.66 -58.83 23.06
CA ILE D 280 7.75 -58.66 24.18
C ILE D 280 6.34 -58.67 23.59
N PRO D 281 5.33 -59.13 24.33
CA PRO D 281 3.99 -59.30 23.75
C PRO D 281 3.45 -58.06 23.06
N GLY D 282 3.08 -58.20 21.79
CA GLY D 282 2.54 -57.11 21.01
C GLY D 282 3.55 -56.34 20.18
N ALA D 283 4.84 -56.65 20.30
CA ALA D 283 5.87 -55.87 19.62
C ALA D 283 6.49 -56.60 18.44
N CYS D 284 6.24 -57.89 18.25
CA CYS D 284 6.72 -58.60 17.08
C CYS D 284 5.86 -59.84 16.88
N SER D 285 6.05 -60.48 15.72
CA SER D 285 5.25 -61.65 15.38
C SER D 285 5.60 -62.83 16.28
N GLY D 286 4.59 -63.41 16.93
CA GLY D 286 4.80 -64.55 17.79
C GLY D 286 5.61 -64.26 19.03
N ALA D 287 5.55 -63.03 19.54
CA ALA D 287 6.35 -62.65 20.69
C ALA D 287 5.98 -63.49 21.91
N GLY D 288 6.99 -63.83 22.71
CA GLY D 288 6.80 -64.62 23.90
C GLY D 288 6.75 -66.12 23.68
N THR D 289 6.77 -66.57 22.44
CA THR D 289 6.69 -67.99 22.12
C THR D 289 7.95 -68.41 21.36
N ALA D 290 7.99 -69.70 21.00
CA ALA D 290 9.13 -70.23 20.25
C ALA D 290 9.12 -69.80 18.78
N ALA D 291 8.02 -69.25 18.29
CA ALA D 291 7.92 -68.75 16.92
C ALA D 291 8.18 -67.26 16.84
N ALA D 292 8.83 -66.68 17.85
CA ALA D 292 9.07 -65.25 17.89
C ALA D 292 10.12 -64.85 16.86
N THR D 293 9.87 -63.72 16.19
CA THR D 293 10.83 -63.16 15.26
C THR D 293 10.68 -61.64 15.30
N VAL D 294 11.79 -60.95 15.58
CA VAL D 294 11.77 -59.49 15.66
C VAL D 294 11.89 -58.90 14.27
N THR D 295 11.76 -59.76 13.25
CA THR D 295 11.80 -59.33 11.86
C THR D 295 10.42 -58.97 11.34
N THR D 296 9.37 -59.57 11.90
CA THR D 296 8.01 -59.35 11.44
C THR D 296 7.18 -58.78 12.58
N PRO D 297 6.41 -57.73 12.36
CA PRO D 297 5.61 -57.15 13.44
C PRO D 297 4.39 -57.99 13.76
N ASP D 298 3.82 -57.73 14.93
CA ASP D 298 2.47 -58.15 15.27
C ASP D 298 1.55 -57.11 14.63
N TYR D 299 1.14 -57.39 13.38
CA TYR D 299 0.53 -56.36 12.52
C TYR D 299 -0.67 -55.71 13.19
N GLY D 300 -1.55 -56.51 13.78
CA GLY D 300 -2.71 -55.95 14.45
C GLY D 300 -2.38 -55.08 15.65
N ASN D 301 -1.18 -55.25 16.21
CA ASN D 301 -0.76 -54.49 17.38
C ASN D 301 0.54 -53.75 17.09
N THR D 302 0.61 -53.09 15.92
CA THR D 302 1.84 -52.43 15.50
C THR D 302 2.19 -51.26 16.43
N GLY D 303 1.20 -50.54 16.90
CA GLY D 303 1.46 -49.44 17.81
C GLY D 303 1.81 -49.91 19.20
N THR D 304 2.39 -49.00 19.98
CA THR D 304 2.76 -49.29 21.36
C THR D 304 2.87 -47.97 22.11
N TYR D 305 2.79 -48.08 23.44
CA TYR D 305 3.01 -46.93 24.31
C TYR D 305 4.36 -46.99 25.03
N ASN D 306 5.16 -48.01 24.77
CA ASN D 306 6.43 -48.21 25.46
C ASN D 306 7.48 -47.27 24.87
N GLU D 307 7.89 -46.27 25.67
CA GLU D 307 8.92 -45.33 25.21
C GLU D 307 10.25 -46.04 24.96
N GLN D 308 10.50 -47.16 25.63
CA GLN D 308 11.74 -47.90 25.45
C GLN D 308 11.95 -48.33 24.00
N LEU D 309 10.88 -48.47 23.23
CA LEU D 309 10.97 -48.90 21.84
C LEU D 309 11.06 -47.74 20.87
N ALA D 310 10.99 -46.50 21.35
CA ALA D 310 11.23 -45.33 20.50
C ALA D 310 12.72 -45.07 20.38
N VAL D 311 13.09 -44.33 19.34
CA VAL D 311 14.50 -44.16 18.97
C VAL D 311 15.02 -42.79 19.37
N LEU D 312 14.13 -41.80 19.42
CA LEU D 312 14.56 -40.42 19.66
C LEU D 312 14.89 -40.23 21.13
N ASP D 313 16.12 -39.76 21.40
CA ASP D 313 16.53 -39.48 22.77
C ASP D 313 16.17 -38.06 23.19
N SER D 314 16.55 -37.07 22.38
CA SER D 314 16.26 -35.69 22.69
C SER D 314 16.09 -34.91 21.39
N ALA D 315 15.48 -33.73 21.49
CA ALA D 315 15.24 -32.91 20.31
C ALA D 315 15.07 -31.46 20.74
N LYS D 316 15.38 -30.55 19.82
CA LYS D 316 15.13 -29.13 20.03
C LYS D 316 15.02 -28.46 18.66
N ILE D 317 14.40 -27.28 18.66
CA ILE D 317 14.23 -26.48 17.45
C ILE D 317 15.11 -25.25 17.54
N GLN D 318 15.81 -24.94 16.45
CA GLN D 318 16.65 -23.76 16.35
C GLN D 318 16.04 -22.77 15.37
N LEU D 319 16.04 -21.49 15.75
CA LEU D 319 15.49 -20.42 14.93
C LEU D 319 16.61 -19.44 14.63
N ASN D 320 17.08 -19.45 13.38
CA ASN D 320 18.19 -18.59 12.93
C ASN D 320 19.44 -18.82 13.77
N GLY D 321 19.75 -20.08 14.05
CA GLY D 321 20.94 -20.45 14.77
C GLY D 321 20.83 -20.45 16.28
N GLN D 322 19.80 -19.83 16.83
CA GLN D 322 19.59 -19.78 18.27
C GLN D 322 18.48 -20.75 18.66
N ASP D 323 18.60 -21.32 19.86
CA ASP D 323 17.63 -22.29 20.35
C ASP D 323 16.28 -21.63 20.60
N ARG D 324 15.24 -22.16 19.95
CA ARG D 324 13.88 -21.73 20.25
C ARG D 324 13.46 -22.18 21.64
N PHE D 325 13.96 -23.33 22.09
CA PHE D 325 13.76 -23.78 23.45
C PHE D 325 14.87 -24.77 23.80
N ALA D 326 15.05 -24.99 25.10
CA ALA D 326 16.09 -25.89 25.57
C ALA D 326 15.74 -27.34 25.21
N THR D 327 16.80 -28.15 25.09
CA THR D 327 16.63 -29.54 24.66
C THR D 327 15.84 -30.34 25.68
N ARG D 328 14.85 -31.09 25.21
CA ARG D 328 14.04 -31.97 26.03
C ARG D 328 14.13 -33.38 25.47
N LYS D 329 13.82 -34.36 26.32
CA LYS D 329 13.87 -35.75 25.89
C LYS D 329 12.75 -36.04 24.88
N GLY D 330 12.90 -37.16 24.18
CA GLY D 330 11.88 -37.56 23.23
C GLY D 330 10.55 -37.85 23.89
N SER D 331 10.58 -38.35 25.13
CA SER D 331 9.35 -38.62 25.86
C SER D 331 8.57 -37.36 26.20
N TYR D 332 9.24 -36.20 26.22
CA TYR D 332 8.55 -34.94 26.48
C TYR D 332 7.56 -34.62 25.36
N PHE D 333 8.00 -34.77 24.10
CA PHE D 333 7.12 -34.45 22.98
C PHE D 333 6.04 -35.50 22.75
N ASN D 334 6.19 -36.68 23.35
CA ASN D 334 5.18 -37.73 23.19
C ASN D 334 4.15 -37.71 24.31
N LYS D 335 4.56 -37.32 25.52
CA LYS D 335 3.65 -37.30 26.68
C LYS D 335 3.24 -35.90 27.09
N VAL D 336 4.19 -34.98 27.25
CA VAL D 336 3.90 -33.71 27.90
C VAL D 336 3.24 -32.72 26.95
N GLN D 337 3.80 -32.57 25.75
CA GLN D 337 3.18 -31.68 24.77
C GLN D 337 1.74 -32.08 24.45
N PRO D 338 1.40 -33.35 24.21
CA PRO D 338 -0.02 -33.68 24.05
C PRO D 338 -0.83 -33.50 25.32
N TYR D 339 -0.25 -33.81 26.48
CA TYR D 339 -0.98 -33.63 27.73
C TYR D 339 -1.32 -32.16 27.96
N GLN D 340 -0.40 -31.27 27.62
CA GLN D 340 -0.61 -29.85 27.91
C GLN D 340 -1.54 -29.17 26.91
N SER D 341 -1.70 -29.73 25.71
CA SER D 341 -2.41 -29.03 24.64
C SER D 341 -3.51 -29.84 23.96
N ILE D 342 -3.57 -31.16 24.16
CA ILE D 342 -4.56 -32.01 23.51
C ILE D 342 -5.45 -32.70 24.54
N GLY D 343 -4.85 -33.42 25.48
CA GLY D 343 -5.62 -34.10 26.50
C GLY D 343 -6.05 -35.50 26.16
N GLY D 344 -5.28 -36.21 25.34
CA GLY D 344 -5.56 -37.60 25.04
C GLY D 344 -4.39 -38.48 25.43
N VAL D 345 -4.08 -39.48 24.61
CA VAL D 345 -2.89 -40.29 24.80
C VAL D 345 -2.30 -40.61 23.43
N THR D 346 -0.99 -40.46 23.31
CA THR D 346 -0.30 -40.63 22.04
C THR D 346 0.65 -41.81 22.12
N PRO D 347 0.58 -42.77 21.20
CA PRO D 347 1.52 -43.89 21.22
C PRO D 347 2.95 -43.42 20.99
N ALA D 348 3.89 -44.22 21.49
CA ALA D 348 5.29 -43.91 21.34
C ALA D 348 5.68 -43.81 19.87
N GLY D 349 6.65 -42.94 19.58
CA GLY D 349 7.11 -42.73 18.23
C GLY D 349 6.45 -41.59 17.49
N VAL D 350 5.42 -40.98 18.07
CA VAL D 350 4.75 -39.82 17.49
C VAL D 350 5.00 -38.63 18.42
N TYR D 351 5.47 -37.53 17.84
CA TYR D 351 5.91 -36.39 18.62
C TYR D 351 5.21 -35.12 18.15
N LEU D 352 5.09 -34.17 19.07
CA LEU D 352 4.38 -32.92 18.84
C LEU D 352 5.09 -31.78 19.52
N TYR D 353 5.16 -30.63 18.86
CA TYR D 353 5.47 -29.37 19.51
C TYR D 353 4.46 -28.34 19.03
N SER D 354 3.70 -27.78 19.95
CA SER D 354 2.59 -26.88 19.62
C SER D 354 3.00 -25.44 19.86
N PHE D 355 2.75 -24.59 18.87
CA PHE D 355 2.82 -23.15 19.04
C PHE D 355 1.48 -22.58 19.50
N ALA D 356 0.45 -23.40 19.60
CA ALA D 356 -0.89 -22.99 19.94
C ALA D 356 -1.29 -23.53 21.31
N LEU D 357 -2.20 -22.81 21.96
CA LEU D 357 -2.74 -23.28 23.24
C LEU D 357 -3.70 -24.44 23.04
N LYS D 358 -4.44 -24.44 21.94
CA LYS D 358 -5.42 -25.49 21.61
C LYS D 358 -5.21 -25.89 20.16
N PRO D 359 -4.23 -26.75 19.87
CA PRO D 359 -3.97 -27.11 18.47
C PRO D 359 -5.11 -27.88 17.82
N ALA D 360 -5.92 -28.59 18.59
CA ALA D 360 -7.05 -29.33 18.02
C ALA D 360 -8.28 -28.45 17.79
N GLY D 361 -8.22 -27.20 18.23
CA GLY D 361 -9.33 -26.29 18.06
C GLY D 361 -9.19 -25.50 16.78
N ARG D 362 -10.31 -25.25 16.11
CA ARG D 362 -10.30 -24.51 14.86
C ARG D 362 -9.93 -23.05 15.08
N GLN D 363 -10.34 -22.49 16.21
CA GLN D 363 -10.03 -21.11 16.52
C GLN D 363 -8.54 -20.96 16.77
N PRO D 364 -7.91 -19.97 16.14
CA PRO D 364 -6.48 -19.74 16.34
C PRO D 364 -6.17 -19.43 17.80
N SER D 365 -5.14 -20.05 18.34
CA SER D 365 -4.75 -19.84 19.73
C SER D 365 -3.24 -19.84 19.85
N GLY D 366 -2.56 -19.20 18.91
CA GLY D 366 -1.11 -19.14 18.91
C GLY D 366 -0.49 -19.80 17.69
N THR D 367 0.32 -19.04 16.95
CA THR D 367 0.98 -19.55 15.75
C THR D 367 2.41 -19.04 15.69
N CYS D 368 3.19 -19.66 14.81
CA CYS D 368 4.51 -19.17 14.45
C CYS D 368 4.57 -19.03 12.94
N ASN D 369 4.96 -17.85 12.47
CA ASN D 369 4.98 -17.57 11.04
C ASN D 369 6.29 -18.09 10.46
N PHE D 370 6.24 -19.26 9.82
CA PHE D 370 7.41 -19.81 9.16
C PHE D 370 7.76 -19.07 7.87
N SER D 371 6.88 -18.21 7.38
CA SER D 371 7.21 -17.38 6.23
C SER D 371 8.19 -16.27 6.59
N ARG D 372 8.36 -15.99 7.88
CA ARG D 372 9.27 -14.95 8.34
C ARG D 372 10.55 -15.51 8.96
N ILE D 373 10.81 -16.80 8.83
CA ILE D 373 12.00 -17.42 9.40
C ILE D 373 12.88 -17.91 8.27
N ASP D 374 14.11 -17.39 8.21
CA ASP D 374 15.04 -17.79 7.16
C ASP D 374 15.58 -19.20 7.41
N ASN D 375 15.90 -19.51 8.66
CA ASN D 375 16.51 -20.80 9.00
C ASN D 375 15.74 -21.39 10.18
N ALA D 376 15.02 -22.48 9.92
CA ALA D 376 14.37 -23.28 10.95
C ALA D 376 14.92 -24.69 10.88
N THR D 377 15.38 -25.21 12.02
CA THR D 377 16.07 -26.49 12.07
C THR D 377 15.53 -27.33 13.21
N LEU D 378 15.31 -28.61 12.94
CA LEU D 378 14.94 -29.58 13.96
C LEU D 378 16.18 -30.38 14.33
N SER D 379 16.74 -30.11 15.50
CA SER D 379 17.95 -30.78 15.96
C SER D 379 17.58 -32.05 16.70
N LEU D 380 18.07 -33.19 16.22
CA LEU D 380 17.71 -34.49 16.76
C LEU D 380 18.92 -35.20 17.35
N THR D 381 18.66 -36.02 18.36
CA THR D 381 19.66 -36.92 18.92
C THR D 381 18.98 -38.25 19.22
N TYR D 382 19.54 -39.33 18.71
CA TYR D 382 18.94 -40.65 18.80
C TYR D 382 19.53 -41.43 19.97
N LYS D 383 18.75 -42.39 20.47
CA LYS D 383 19.24 -43.30 21.48
C LYS D 383 20.25 -44.27 20.88
N THR D 384 21.00 -44.94 21.76
CA THR D 384 21.92 -45.98 21.33
C THR D 384 21.12 -47.28 21.20
N CYS D 385 20.94 -47.73 19.95
CA CYS D 385 20.15 -48.93 19.68
C CYS D 385 21.00 -50.16 20.00
N SER D 386 21.27 -50.34 21.30
CA SER D 386 22.19 -51.35 21.78
C SER D 386 21.50 -52.50 22.50
N ILE D 387 20.19 -52.41 22.74
CA ILE D 387 19.49 -53.47 23.47
C ILE D 387 19.21 -54.63 22.54
N ASP D 388 19.40 -55.85 23.05
CA ASP D 388 19.06 -57.04 22.29
C ASP D 388 17.55 -57.11 22.20
N ALA D 389 17.01 -56.97 20.99
CA ALA D 389 15.56 -56.91 20.83
C ALA D 389 14.89 -58.26 21.05
N THR D 390 15.64 -59.34 20.99
CA THR D 390 15.08 -60.67 21.19
C THR D 390 15.02 -61.07 22.66
N SER D 391 15.56 -60.24 23.56
CA SER D 391 15.57 -60.56 24.98
C SER D 391 14.54 -59.73 25.72
N PRO D 392 13.48 -60.33 26.25
CA PRO D 392 12.51 -59.54 27.03
C PRO D 392 13.12 -58.95 28.29
N ALA D 393 14.06 -59.65 28.93
CA ALA D 393 14.69 -59.12 30.13
C ALA D 393 15.51 -57.87 29.83
N ALA D 394 16.09 -57.79 28.64
CA ALA D 394 16.85 -56.61 28.26
C ALA D 394 15.93 -55.47 27.82
N VAL D 395 14.80 -55.78 27.18
CA VAL D 395 13.91 -54.74 26.69
C VAL D 395 13.08 -54.16 27.84
N LEU D 396 12.58 -55.02 28.73
CA LEU D 396 11.74 -54.56 29.83
C LEU D 396 12.54 -54.08 31.03
N GLY D 397 13.87 -54.05 30.95
CA GLY D 397 14.67 -53.59 32.06
C GLY D 397 15.97 -52.94 31.64
N ASN D 398 15.89 -51.74 31.05
CA ASN D 398 17.06 -51.02 30.60
C ASN D 398 16.89 -49.55 30.94
N THR D 399 17.81 -48.72 30.47
CA THR D 399 17.89 -47.33 30.83
C THR D 399 17.21 -46.45 29.77
N GLU D 400 17.30 -45.13 29.97
CA GLU D 400 16.49 -44.20 29.19
C GLU D 400 17.06 -43.92 27.81
N THR D 401 18.39 -43.90 27.67
CA THR D 401 19.03 -43.42 26.46
C THR D 401 19.38 -44.53 25.48
N VAL D 402 18.80 -45.72 25.65
CA VAL D 402 19.04 -46.84 24.75
C VAL D 402 17.70 -47.40 24.29
N THR D 403 17.75 -48.10 23.15
CA THR D 403 16.57 -48.74 22.60
C THR D 403 17.00 -50.03 21.92
N ALA D 404 16.02 -50.75 21.37
CA ALA D 404 16.32 -52.03 20.73
C ALA D 404 17.18 -51.83 19.49
N ASN D 405 18.02 -52.83 19.21
CA ASN D 405 18.90 -52.75 18.05
C ASN D 405 18.12 -52.74 16.75
N THR D 406 16.85 -53.15 16.78
CA THR D 406 16.00 -53.11 15.60
C THR D 406 15.51 -51.71 15.27
N ALA D 407 15.80 -50.73 16.11
CA ALA D 407 15.38 -49.35 15.86
C ALA D 407 16.11 -48.71 14.70
N THR D 408 17.18 -49.33 14.20
CA THR D 408 17.92 -48.79 13.07
C THR D 408 17.11 -48.79 11.78
N LEU D 409 15.97 -49.49 11.75
CA LEU D 409 15.11 -49.50 10.58
C LEU D 409 14.16 -48.32 10.51
N LEU D 410 14.04 -47.53 11.57
CA LEU D 410 13.17 -46.35 11.56
C LEU D 410 13.93 -45.22 10.87
N THR D 411 13.99 -45.30 9.55
CA THR D 411 14.81 -44.41 8.74
C THR D 411 13.99 -43.35 8.00
N ALA D 412 12.67 -43.43 8.02
CA ALA D 412 11.82 -42.46 7.35
C ALA D 412 11.31 -41.48 8.40
N LEU D 413 11.81 -40.24 8.34
CA LEU D 413 11.39 -39.17 9.23
C LEU D 413 10.39 -38.29 8.49
N ASN D 414 9.13 -38.34 8.91
CA ASN D 414 8.07 -37.53 8.32
C ASN D 414 7.73 -36.40 9.27
N ILE D 415 7.90 -35.16 8.81
CA ILE D 415 7.63 -33.96 9.61
C ILE D 415 6.45 -33.24 8.99
N TYR D 416 5.43 -32.99 9.81
CA TYR D 416 4.20 -32.34 9.36
C TYR D 416 4.06 -30.98 10.03
N ALA D 417 3.42 -30.05 9.31
CA ALA D 417 3.12 -28.74 9.84
C ALA D 417 1.70 -28.36 9.44
N LYS D 418 0.92 -27.88 10.40
CA LYS D 418 -0.44 -27.43 10.17
C LYS D 418 -0.46 -25.90 10.26
N ASN D 419 -0.81 -25.25 9.16
CA ASN D 419 -0.77 -23.80 9.10
C ASN D 419 -2.17 -23.26 8.78
N TYR D 420 -2.32 -21.95 8.96
CA TYR D 420 -3.55 -21.25 8.61
C TYR D 420 -3.39 -20.54 7.28
N ASN D 421 -4.52 -20.37 6.60
CA ASN D 421 -4.58 -19.61 5.36
C ASN D 421 -5.98 -19.04 5.23
N VAL D 422 -6.15 -18.15 4.26
CA VAL D 422 -7.42 -17.47 4.03
C VAL D 422 -7.93 -17.83 2.64
N LEU D 423 -9.15 -18.34 2.57
CA LEU D 423 -9.80 -18.68 1.31
C LEU D 423 -10.86 -17.62 1.02
N ARG D 424 -10.60 -16.78 0.03
CA ARG D 424 -11.53 -15.74 -0.38
C ARG D 424 -12.36 -16.24 -1.55
N ILE D 425 -13.68 -16.04 -1.47
CA ILE D 425 -14.61 -16.51 -2.49
C ILE D 425 -15.47 -15.33 -2.93
N MET D 426 -15.40 -14.99 -4.21
CA MET D 426 -16.14 -13.85 -4.73
C MET D 426 -16.29 -14.01 -6.23
N SER D 427 -17.45 -13.57 -6.75
CA SER D 427 -17.74 -13.58 -8.19
C SER D 427 -17.61 -14.99 -8.79
N GLY D 428 -18.04 -15.99 -8.02
CA GLY D 428 -18.06 -17.35 -8.49
C GLY D 428 -16.72 -18.06 -8.55
N MET D 429 -15.68 -17.48 -7.94
CA MET D 429 -14.36 -18.08 -7.94
C MET D 429 -13.76 -17.99 -6.55
N GLY D 430 -12.88 -18.94 -6.24
CA GLY D 430 -12.21 -18.96 -4.96
C GLY D 430 -10.72 -19.05 -5.14
N GLY D 431 -10.00 -18.47 -4.19
CA GLY D 431 -8.55 -18.48 -4.23
C GLY D 431 -7.96 -18.18 -2.87
N LEU D 432 -6.81 -18.81 -2.60
CA LEU D 432 -6.10 -18.61 -1.35
C LEU D 432 -5.41 -17.25 -1.35
N ALA D 433 -5.37 -16.61 -0.18
CA ALA D 433 -4.78 -15.28 -0.08
C ALA D 433 -3.26 -15.35 -0.06
N TYR D 434 -2.67 -16.42 0.47
CA TYR D 434 -1.23 -16.52 0.61
C TYR D 434 -0.72 -17.81 0.01
N ALA D 435 0.31 -17.70 -0.84
CA ALA D 435 0.95 -18.84 -1.48
C ALA D 435 2.26 -19.21 -0.80
N ASN D 436 2.90 -18.24 -0.15
CA ASN D 436 4.13 -18.44 0.61
C ASN D 436 4.16 -17.45 1.77
C2 BGC E . -28.29 -32.79 -54.71
C3 BGC E . -28.46 -33.54 -56.02
C4 BGC E . -27.92 -32.67 -57.15
C5 BGC E . -26.50 -32.20 -56.86
C6 BGC E . -26.03 -31.25 -57.96
C1 BGC E . -26.86 -32.31 -54.50
O2 BGC E . -28.68 -33.64 -53.63
O3 BGC E . -29.85 -33.76 -56.26
O4 BGC E . -27.94 -33.41 -58.38
O5 BGC E . -26.44 -31.52 -55.60
O6 BGC E . -24.72 -30.77 -57.66
C1 FUC E . -30.30 -35.03 -55.79
C2 FUC E . -31.82 -35.13 -55.85
C3 FUC E . -32.29 -35.07 -57.31
C4 FUC E . -31.54 -36.09 -58.14
C5 FUC E . -30.04 -35.91 -57.96
C6 FUC E . -29.26 -36.91 -58.78
O2 FUC E . -32.42 -34.07 -55.11
O3 FUC E . -33.71 -35.30 -57.37
O4 FUC E . -31.85 -37.44 -57.77
O5 FUC E . -29.74 -36.08 -56.57
C1 XYP E . -32.34 -38.34 -58.73
C2 XYP E . -32.28 -39.66 -57.96
C3 XYP E . -33.12 -40.72 -58.66
C4 XYP E . -34.52 -40.19 -58.94
C5 XYP E . -34.46 -38.83 -59.63
O2 XYP E . -30.93 -40.10 -57.87
O3 XYP E . -33.21 -41.88 -57.84
O4 XYP E . -35.24 -41.12 -59.76
O5 XYP E . -33.70 -37.93 -58.81
C1 RM4 E . -36.64 -41.16 -59.61
C2 RM4 E . -36.91 -42.52 -60.24
C3 RM4 E . -38.39 -42.68 -60.53
C4 RM4 E . -38.91 -41.50 -61.32
C5 RM4 E . -38.53 -40.18 -60.65
C6 RM4 E . -38.97 -38.99 -61.50
O2 RM4 E . -36.17 -42.63 -61.46
O3 RM4 E . -38.61 -43.89 -61.27
O4 RM4 E . -40.33 -41.58 -61.44
O5 RM4 E . -37.11 -40.12 -60.46
C1 7CV E . -35.71 -43.96 -61.66
C2 7CV E . -35.50 -44.06 -63.16
C3 7CV E . -34.22 -43.32 -63.53
C4 7CV E . -33.07 -43.86 -62.70
C5 7CV E . -33.42 -43.78 -61.24
C6 7CV E . -32.32 -44.28 -60.32
O2 7CV E . -35.38 -45.41 -63.53
O3 7CV E . -33.95 -43.52 -64.89
O4 7CV E . -31.92 -43.09 -62.95
O5 7CV E . -34.60 -44.51 -60.99
C24 7CV E . -36.61 -46.04 -63.79
C27 7CV E . -33.20 -42.48 -65.49
O4 XXR E . -36.56 -36.19 -60.63
C4 XXR E . -36.13 -35.13 -59.79
C5 XXR E . -34.64 -34.86 -60.01
C6 XXR E . -34.32 -34.40 -61.42
C3 XXR E . -36.36 -35.48 -58.32
O3 XXR E . -37.74 -35.75 -58.08
C2 XXR E . -35.87 -34.34 -57.45
O2 XXR E . -36.61 -33.15 -57.72
C1 XXR E . -34.39 -34.10 -57.73
O5 XXR E . -34.21 -33.80 -59.12
C1 MAN E . -37.82 -37.13 -57.69
C2 MAN E . -39.22 -37.70 -57.91
C3 MAN E . -40.22 -37.07 -56.96
C4 MAN E . -39.70 -37.23 -55.53
C5 MAN E . -38.29 -36.66 -55.43
C6 MAN E . -37.75 -36.81 -54.02
O2 MAN E . -39.16 -39.12 -57.70
O3 MAN E . -41.50 -37.69 -57.09
O4 MAN E . -40.59 -36.59 -54.60
O5 MAN E . -37.44 -37.37 -56.34
O6 MAN E . -36.43 -36.23 -53.95
C1 GLA E . -33.45 -34.45 -54.19
C2 GLA E . -34.05 -33.15 -53.68
C3 GLA E . -33.05 -32.42 -52.79
C4 GLA E . -32.56 -33.33 -51.68
C5 GLA E . -31.99 -34.60 -52.29
C6 GLA E . -31.54 -35.57 -51.22
O2 GLA E . -34.38 -32.30 -54.78
O3 GLA E . -33.66 -31.26 -52.23
O4 GLA E . -33.64 -33.66 -50.79
O5 GLA E . -32.97 -35.24 -53.10
O6 GLA E . -31.03 -36.75 -51.83
C1 XYP E . -28.71 -32.73 -59.40
C2 XYP E . -28.27 -33.32 -60.73
C3 XYP E . -29.04 -32.69 -61.88
C4 XYP E . -30.54 -32.69 -61.59
C5 XYP E . -30.82 -32.13 -60.21
O2 XYP E . -26.87 -33.06 -60.92
O3 XYP E . -28.78 -33.47 -63.06
O4 XYP E . -31.22 -31.90 -62.57
O5 XYP E . -30.10 -32.90 -59.25
C2 BGC F . -12.15 -34.61 -50.14
C3 BGC F . -11.20 -35.42 -51.03
C4 BGC F . -10.57 -34.54 -52.11
C5 BGC F . -9.97 -33.29 -51.47
C6 BGC F . -9.43 -32.37 -52.56
C1 BGC F . -11.50 -33.32 -49.67
O2 BGC F . -12.51 -35.33 -48.98
O3 BGC F . -11.92 -36.48 -51.68
O4 BGC F . -9.59 -35.27 -52.83
O5 BGC F . -10.97 -32.58 -50.75
O6 BGC F . -10.47 -32.09 -53.51
C1 FUC F . -11.94 -37.66 -50.85
C2 FUC F . -12.99 -38.61 -51.41
C3 FUC F . -12.57 -39.00 -52.83
C4 FUC F . -11.19 -39.64 -52.79
C5 FUC F . -10.22 -38.67 -52.12
C6 FUC F . -8.82 -39.29 -52.01
O2 FUC F . -14.27 -37.97 -51.42
O3 FUC F . -13.53 -39.89 -53.42
O4 FUC F . -11.26 -40.87 -52.07
O5 FUC F . -10.70 -38.36 -50.81
C1 XYP F . -10.74 -41.95 -52.80
C2 XYP F . -10.85 -43.09 -51.79
C3 XYP F . -10.63 -44.43 -52.47
C4 XYP F . -11.52 -44.56 -53.69
C5 XYP F . -11.40 -43.33 -54.59
O2 XYP F . -9.89 -42.91 -50.74
O3 XYP F . -10.92 -45.49 -51.55
O4 XYP F . -11.16 -45.73 -54.43
O5 XYP F . -11.70 -42.16 -53.83
C1 RM4 F . -12.24 -46.56 -54.81
C2 RM4 F . -11.46 -47.80 -55.23
C3 RM4 F . -12.31 -48.70 -56.09
C4 RM4 F . -12.91 -47.91 -57.26
C5 RM4 F . -13.61 -46.64 -56.75
C6 RM4 F . -14.13 -45.82 -57.92
O2 RM4 F . -10.29 -47.41 -55.96
O3 RM4 F . -11.52 -49.77 -56.60
O4 RM4 F . -13.85 -48.73 -57.96
O5 RM4 F . -12.69 -45.86 -55.98
C1 7CV F . -9.18 -48.27 -56.04
C2 7CV F . -8.40 -48.16 -57.33
C3 7CV F . -7.86 -46.75 -57.47
C4 7CV F . -7.06 -46.39 -56.22
C5 7CV F . -7.93 -46.61 -54.99
C6 7CV F . -7.23 -46.26 -53.70
O2 7CV F . -7.32 -49.07 -57.31
O3 7CV F . -7.02 -46.66 -58.59
O4 7CV F . -6.68 -45.04 -56.29
O5 7CV F . -8.36 -47.94 -54.96
C24 7CV F . -7.47 -50.15 -58.19
C27 7CV F . -6.95 -45.38 -59.16
O4 XXR F . -13.52 -42.26 -57.30
C4 XXR F . -14.05 -41.08 -56.69
C5 XXR F . -12.92 -40.17 -56.25
C6 XXR F . -12.05 -39.70 -57.40
C3 XXR F . -14.90 -41.44 -55.49
O3 XXR F . -15.99 -42.29 -55.86
C2 XXR F . -15.43 -40.18 -54.84
O2 XXR F . -16.33 -39.51 -55.73
C1 XXR F . -14.27 -39.26 -54.47
O5 XXR F . -13.47 -38.98 -55.64
C1 MAN F . -15.88 -43.52 -55.12
C2 MAN F . -16.74 -44.60 -55.78
C3 MAN F . -18.21 -44.22 -55.69
C4 MAN F . -18.58 -43.91 -54.25
C5 MAN F . -17.62 -42.87 -53.67
C6 MAN F . -17.95 -42.55 -52.21
O2 MAN F . -16.51 -45.87 -55.14
O3 MAN F . -19.02 -45.30 -56.17
O4 MAN F . -19.92 -43.42 -54.19
O5 MAN F . -16.30 -43.39 -53.76
O6 MAN F . -16.90 -41.77 -51.62
C1 GLA F . -15.39 -38.77 -51.02
C2 GLA F . -16.54 -37.82 -51.32
C3 GLA F . -16.59 -36.69 -50.32
C4 GLA F . -16.59 -37.24 -48.90
C5 GLA F . -15.44 -38.21 -48.71
C6 GLA F . -15.49 -38.83 -47.32
O2 GLA F . -16.38 -37.29 -52.64
O3 GLA F . -17.78 -35.91 -50.52
O4 GLA F . -17.83 -37.90 -48.64
O5 GLA F . -15.51 -39.26 -49.68
O6 GLA F . -15.65 -37.80 -46.34
C1 XYP F . -9.88 -35.33 -54.24
C2 XYP F . -8.66 -35.90 -54.94
C3 XYP F . -8.89 -35.91 -56.45
C4 XYP F . -10.22 -36.57 -56.79
C5 XYP F . -11.35 -35.98 -55.95
O2 XYP F . -7.51 -35.12 -54.61
O3 XYP F . -7.84 -36.63 -57.09
O4 XYP F . -10.51 -36.40 -58.18
O5 XYP F . -11.01 -36.12 -54.57
C2 BGC G . -31.89 -17.99 -53.28
C3 BGC G . -33.36 -18.18 -53.59
C4 BGC G . -33.92 -19.32 -52.76
C5 BGC G . -33.64 -19.09 -51.28
C6 BGC G . -34.19 -20.24 -50.44
C1 BGC G . -31.64 -17.90 -51.77
O2 BGC G . -31.40 -16.82 -53.93
O3 BGC G . -33.51 -18.51 -54.98
O4 BGC G . -35.34 -19.43 -52.98
O5 BGC G . -32.24 -18.98 -51.07
O6 BGC G . -33.45 -21.44 -50.75
C1 FUC G . -33.78 -17.35 -55.76
C2 FUC G . -33.92 -17.72 -57.24
C3 FUC G . -35.17 -18.56 -57.43
C4 FUC G . -36.37 -17.84 -56.85
C5 FUC G . -36.10 -17.46 -55.40
C6 FUC G . -37.29 -16.71 -54.80
O2 FUC G . -32.76 -18.43 -57.68
O3 FUC G . -35.38 -18.82 -58.84
O4 FUC G . -36.63 -16.64 -57.59
O5 FUC G . -34.95 -16.63 -55.36
O4 XXR G . -38.40 -20.80 -61.57
C4 XXR G . -37.16 -21.03 -60.90
C5 XXR G . -37.34 -20.88 -59.40
C6 XXR G . -38.32 -21.87 -58.80
C3 XXR G . -36.10 -20.06 -61.38
O3 XXR G . -35.90 -20.21 -62.78
C2 XXR G . -34.80 -20.29 -60.63
O2 XXR G . -34.30 -21.59 -60.91
C1 XXR G . -35.05 -20.18 -59.13
O5 XXR G . -36.07 -21.10 -58.74
C1 MAN G . -36.21 -18.97 -63.45
C2 MAN G . -36.44 -19.26 -64.93
C3 MAN G . -35.17 -19.82 -65.55
C4 MAN G . -34.02 -18.86 -65.29
C5 MAN G . -33.92 -18.57 -63.79
C6 MAN G . -32.80 -17.57 -63.51
O2 MAN G . -36.80 -18.04 -65.60
O3 MAN G . -35.35 -20.01 -66.95
O4 MAN G . -32.79 -19.43 -65.74
O5 MAN G . -35.16 -18.01 -63.35
O6 MAN G . -32.89 -17.12 -62.15
C1 GLA G . -32.19 -17.91 -58.89
C2 GLA G . -30.95 -18.75 -59.14
C3 GLA G . -29.96 -18.49 -58.02
C4 GLA G . -29.62 -17.00 -58.02
C5 GLA G . -30.89 -16.18 -57.83
C6 GLA G . -30.59 -14.68 -57.88
O2 GLA G . -31.36 -20.12 -59.14
O3 GLA G . -28.76 -19.24 -58.19
O4 GLA G . -29.02 -16.69 -59.28
O5 GLA G . -31.84 -16.52 -58.84
O6 GLA G . -31.73 -13.94 -57.45
C1 XYP G . -37.89 -16.50 -58.23
C2 XYP G . -37.96 -15.07 -58.75
C3 XYP G . -39.13 -14.92 -59.71
C4 XYP G . -39.09 -16.00 -60.77
C5 XYP G . -38.92 -17.39 -60.15
O2 XYP G . -38.12 -14.16 -57.65
O3 XYP G . -39.09 -13.63 -60.32
O4 XYP G . -40.29 -15.98 -61.55
O5 XYP G . -37.74 -17.39 -59.34
C1 XYP G . -35.82 -20.67 -53.50
C2 XYP G . -37.30 -20.63 -53.18
C3 XYP G . -38.00 -21.86 -53.78
C4 XYP G . -37.65 -21.99 -55.25
C5 XYP G . -36.15 -21.91 -55.47
O2 XYP G . -37.50 -20.62 -51.76
O3 XYP G . -39.41 -21.73 -53.63
O4 XYP G . -38.15 -23.24 -55.75
O5 XYP G . -35.67 -20.69 -54.93
C2 BGC H . -33.34 -29.10 -43.34
C3 BGC H . -33.41 -30.55 -43.83
C4 BGC H . -33.90 -30.60 -45.27
C5 BGC H . -33.17 -29.60 -46.15
C6 BGC H . -33.77 -29.60 -47.56
C1 BGC H . -32.61 -28.22 -44.35
O2 BGC H . -32.64 -29.06 -42.09
O3 BGC H . -34.32 -31.32 -43.05
O4 BGC H . -33.71 -31.92 -45.79
O5 BGC H . -33.24 -28.29 -45.62
O6 BGC H . -35.14 -29.18 -47.49
C1 FUC H . -33.59 -32.14 -42.12
C2 FUC H . -34.53 -32.63 -41.02
C3 FUC H . -35.59 -33.56 -41.61
C4 FUC H . -34.92 -34.67 -42.40
C5 FUC H . -33.95 -34.08 -43.41
C6 FUC H . -33.24 -35.19 -44.19
O2 FUC H . -35.16 -31.52 -40.38
O3 FUC H . -36.38 -34.12 -40.55
O4 FUC H . -34.21 -35.53 -41.50
O5 FUC H . -32.99 -33.28 -42.72
C2 BGC I . 39.40 47.86 18.24
C3 BGC I . 40.68 48.18 19.01
C4 BGC I . 41.25 46.91 19.62
C5 BGC I . 41.43 45.85 18.54
C6 BGC I . 41.98 44.56 19.12
C1 BGC I . 39.62 46.73 17.25
O2 BGC I . 38.96 49.04 17.54
O3 BGC I . 40.40 49.13 20.04
O4 BGC I . 42.51 47.19 20.24
O5 BGC I . 40.19 45.59 17.88
O6 BGC I . 41.04 44.04 20.08
C1 FUC I . 40.72 50.47 19.63
C2 FUC I . 40.19 51.43 20.69
C3 FUC I . 40.92 51.19 22.01
C4 FUC I . 42.41 51.37 21.78
C5 FUC I . 42.87 50.44 20.67
C6 FUC I . 44.36 50.64 20.37
O2 FUC I . 38.79 51.24 20.88
O3 FUC I . 40.46 52.12 23.01
O4 FUC I . 42.68 52.73 21.41
O5 FUC I . 42.13 50.65 19.47
C1 XYP I . 43.52 53.53 22.22
C2 XYP I . 43.89 54.60 21.20
C3 XYP I . 44.68 55.72 21.87
C4 XYP I . 43.96 56.22 23.10
C5 XYP I . 43.55 55.06 24.01
O2 XYP I . 44.65 54.02 20.14
O3 XYP I . 44.87 56.79 20.95
O4 XYP I . 44.81 57.13 23.83
O5 XYP I . 42.75 54.15 23.26
C1 RM4 I . 44.01 57.89 24.72
C2 RM4 I . 44.80 59.19 24.81
C3 RM4 I . 44.32 60.01 26.00
C4 RM4 I . 44.36 59.17 27.27
C5 RM4 I . 43.62 57.86 27.06
C6 RM4 I . 43.72 56.97 28.31
O2 RM4 I . 46.19 58.90 24.95
O3 RM4 I . 45.17 61.16 26.16
O4 RM4 I . 43.76 59.90 28.35
O5 RM4 I . 44.17 57.16 25.94
C1 GLA I . 37.96 52.43 20.91
C2 GLA I . 36.61 51.97 21.46
C3 GLA I . 35.98 50.97 20.50
C4 GLA I . 35.87 51.55 19.11
C5 GLA I . 37.22 52.10 18.65
C6 GLA I . 37.08 52.84 17.34
O2 GLA I . 36.82 51.31 22.71
O3 GLA I . 34.68 50.59 20.98
O4 GLA I . 34.88 52.59 19.11
O5 GLA I . 37.76 53.01 19.63
O6 GLA I . 38.29 53.54 17.06
O4 XXR I . 41.95 53.62 26.95
C4 XXR I . 40.96 52.76 26.38
C5 XXR I . 41.63 51.66 25.58
C6 XXR I . 42.51 50.75 26.43
C3 XXR I . 40.04 53.56 25.47
O3 XXR I . 39.37 54.59 26.20
C2 XXR I . 39.02 52.63 24.84
O2 XXR I . 38.19 52.05 25.84
C1 XXR I . 39.75 51.51 24.08
O5 XXR I . 40.62 50.81 24.99
C1 XYP I . 42.49 46.83 21.63
C2 XYP I . 43.92 46.70 22.15
C3 XYP I . 43.94 46.26 23.61
C4 XYP I . 42.99 47.12 24.44
C5 XYP I . 41.63 47.27 23.77
O2 XYP I . 44.64 45.73 21.37
O3 XYP I . 45.27 46.39 24.13
O4 XYP I . 42.82 46.50 25.73
O5 XYP I . 41.80 47.78 22.45
C2 BGC J . 44.12 41.66 3.26
C3 BGC J . 45.60 41.49 2.91
C4 BGC J . 46.19 40.18 3.41
C5 BGC J . 45.30 39.01 3.00
C6 BGC J . 45.81 37.71 3.60
C1 BGC J . 43.35 40.38 2.89
O2 BGC J . 43.56 42.74 2.52
O3 BGC J . 46.37 42.55 3.54
O4 BGC J . 47.52 40.00 2.91
O5 BGC J . 43.97 39.22 3.44
O6 BGC J . 45.85 37.85 5.02
C1 FUC J . 46.52 43.67 2.68
C2 FUC J . 46.95 44.89 3.49
C3 FUC J . 48.28 44.58 4.16
C4 FUC J . 49.32 44.30 3.09
C5 FUC J . 48.82 43.17 2.19
C6 FUC J . 49.76 42.94 1.02
O2 FUC J . 45.97 45.23 4.47
O3 FUC J . 48.67 45.65 5.05
O4 FUC J . 49.62 45.46 2.31
O5 FUC J . 47.50 43.40 1.69
C1 XYP J . 50.97 45.87 2.13
C2 XYP J . 50.79 47.06 1.19
C3 XYP J . 52.12 47.77 0.98
C4 XYP J . 52.76 48.10 2.32
C5 XYP J . 52.81 46.86 3.21
O2 XYP J . 50.29 46.60 -0.07
O3 XYP J . 51.91 48.97 0.24
O4 XYP J . 54.09 48.59 2.12
O5 XYP J . 51.47 46.36 3.37
C1 RM4 J . 54.40 49.62 3.04
C2 RM4 J . 55.71 50.10 2.45
C3 RM4 J . 56.45 50.98 3.43
C4 RM4 J . 56.59 50.28 4.78
C5 RM4 J . 55.22 49.77 5.26
C6 RM4 J . 55.36 48.99 6.57
O2 RM4 J . 56.52 48.96 2.12
O3 RM4 J . 57.76 51.28 2.93
O4 RM4 J . 57.13 51.18 5.75
O5 RM4 J . 54.65 48.93 4.27
C1 7CV J . 57.57 49.15 1.19
C2 7CV J . 58.65 48.14 1.50
C3 7CV J . 58.05 46.76 1.52
C4 7CV J . 57.34 46.50 0.21
C5 7CV J . 56.34 47.60 -0.03
C6 7CV J . 55.55 47.43 -1.32
O2 7CV J . 59.65 48.21 0.52
O3 7CV J . 59.09 45.82 1.65
O4 7CV J . 56.68 45.25 0.27
O5 7CV J . 56.99 48.84 -0.05
C24 7CV J . 60.85 48.82 0.97
C27 7CV J . 59.00 44.97 2.77
O4 XXR J . 52.75 46.76 6.83
C4 XXR J . 51.51 46.13 7.15
C5 XXR J . 51.28 44.94 6.25
C6 XXR J . 52.32 43.86 6.41
C3 XXR J . 50.36 47.13 6.96
O3 XXR J . 50.56 48.29 7.78
C2 XXR J . 49.04 46.45 7.27
O2 XXR J . 48.97 46.08 8.65
C1 XXR J . 48.88 45.21 6.40
O5 XXR J . 50.00 44.33 6.57
C1 MAN J . 50.89 49.40 6.92
C2 MAN J . 51.56 50.52 7.72
C3 MAN J . 50.56 51.15 8.68
C4 MAN J . 49.28 51.55 7.93
C5 MAN J . 48.75 50.35 7.15
C6 MAN J . 47.48 50.71 6.39
O2 MAN J . 52.07 51.51 6.82
O3 MAN J . 51.13 52.32 9.27
O4 MAN J . 48.29 52.02 8.86
O5 MAN J . 49.76 49.93 6.23
O6 MAN J . 47.04 49.58 5.64
C1 GLA J . 45.72 46.62 4.74
C2 GLA J . 44.93 46.59 6.03
C3 GLA J . 43.60 45.90 5.79
C4 GLA J . 42.85 46.64 4.69
C5 GLA J . 43.70 46.68 3.44
C6 GLA J . 43.01 47.50 2.36
O2 GLA J . 45.64 45.83 7.02
O3 GLA J . 42.82 45.87 6.99
O4 GLA J . 42.56 47.96 5.13
O5 GLA J . 44.97 47.28 3.73
O6 GLA J . 41.70 46.96 2.16
C1 XYP J . 48.49 39.74 3.94
C2 XYP J . 49.76 39.20 3.27
C3 XYP J . 50.78 38.83 4.32
C4 XYP J . 51.01 39.99 5.28
C5 XYP J . 49.68 40.50 5.81
O2 XYP J . 49.44 38.05 2.48
O3 XYP J . 52.01 38.47 3.68
O4 XYP J . 51.85 39.56 6.36
O5 XYP J . 48.85 40.88 4.72
C2 BGC K . 28.57 38.74 23.91
C3 BGC K . 28.28 39.64 25.10
C4 BGC K . 28.09 41.08 24.62
C5 BGC K . 27.02 41.12 23.55
C6 BGC K . 26.81 42.55 23.04
C1 BGC K . 27.54 38.90 22.81
O2 BGC K . 28.60 37.38 24.35
O3 BGC K . 29.38 39.60 26.02
O4 BGC K . 27.71 41.91 25.72
O5 BGC K . 27.37 40.28 22.44
O6 BGC K . 27.99 42.99 22.36
C1 FUC K . 29.09 38.67 27.08
C2 FUC K . 30.30 38.64 28.01
C3 FUC K . 30.43 39.95 28.77
C4 FUC K . 29.12 40.26 29.48
C5 FUC K . 27.98 40.26 28.48
C6 FUC K . 26.65 40.55 29.16
O2 FUC K . 31.48 38.41 27.22
O3 FUC K . 31.52 39.90 29.70
O4 FUC K . 28.85 39.30 30.52
O5 FUC K . 27.91 39.00 27.82
O4 XXR K . 33.22 42.20 33.23
C4 XXR K . 33.42 41.97 31.84
C5 XXR K . 32.16 42.34 31.06
C6 XXR K . 31.79 43.80 31.18
C3 XXR K . 33.74 40.50 31.58
O3 XXR K . 34.93 40.13 32.28
C2 XXR K . 33.91 40.27 30.09
O2 XXR K . 35.00 41.02 29.59
C1 XXR K . 32.63 40.70 29.37
O5 XXR K . 32.37 42.08 29.65
C1 MAN K . 34.57 39.24 33.36
C2 MAN K . 35.66 39.24 34.44
C3 MAN K . 36.95 38.64 33.87
C4 MAN K . 36.64 37.27 33.27
C5 MAN K . 35.51 37.39 32.26
C6 MAN K . 35.16 36.05 31.61
O2 MAN K . 35.24 38.49 35.57
O3 MAN K . 37.94 38.51 34.90
O4 MAN K . 37.81 36.75 32.63
O5 MAN K . 34.36 37.90 32.94
O6 MAN K . 34.18 36.26 30.60
C1 GLA K . 32.29 37.42 27.79
C2 GLA K . 33.52 37.36 26.87
C3 GLA K . 33.13 36.79 25.51
C4 GLA K . 32.38 35.48 25.67
C5 GLA K . 31.22 35.65 26.64
C6 GLA K . 30.50 34.32 26.86
O2 GLA K . 34.06 38.67 26.72
O3 GLA K . 34.32 36.58 24.74
O4 GLA K . 33.28 34.47 26.16
O5 GLA K . 31.71 36.13 27.90
O6 GLA K . 29.40 34.52 27.76
C1 XYP K . 28.68 39.75 31.87
C2 XYP K . 28.28 38.46 32.58
C3 XYP K . 28.28 38.66 34.10
C4 XYP K . 29.58 39.31 34.56
C5 XYP K . 29.89 40.54 33.73
O2 XYP K . 26.98 38.06 32.15
O3 XYP K . 28.12 37.39 34.74
O4 XYP K . 29.45 39.68 35.95
O5 XYP K . 29.95 40.19 32.35
C1 XYP K . 28.51 43.07 25.92
C2 XYP K . 27.59 43.84 26.86
C3 XYP K . 28.30 45.06 27.43
C4 XYP K . 29.65 44.68 28.01
C5 XYP K . 30.45 43.86 27.00
O2 XYP K . 26.41 44.24 26.16
O3 XYP K . 27.49 45.66 28.45
O4 XYP K . 30.38 45.85 28.37
O5 XYP K . 29.71 42.72 26.61
C2 BGC L . 27.30 51.26 15.91
C3 BGC L . 28.48 52.21 15.75
C4 BGC L . 29.38 52.12 16.99
C5 BGC L . 29.77 50.68 17.26
C6 BGC L . 30.64 50.58 18.50
C1 BGC L . 27.75 49.86 16.30
O2 BGC L . 26.55 51.21 14.69
O3 BGC L . 28.02 53.56 15.61
O4 BGC L . 30.57 52.90 16.77
O5 BGC L . 28.61 49.88 17.44
O6 BGC L . 29.92 51.08 19.63
C1 FUC L . 28.14 53.96 14.24
C2 FUC L . 27.24 55.16 13.98
C3 FUC L . 27.70 56.36 14.79
C4 FUC L . 29.18 56.62 14.53
C5 FUC L . 29.99 55.34 14.75
C6 FUC L . 31.46 55.56 14.46
O2 FUC L . 25.89 54.83 14.33
O3 FUC L . 26.94 57.52 14.42
O4 FUC L . 29.36 57.08 13.19
O5 FUC L . 29.48 54.32 13.88
C2 BGC M . -22.40 57.63 17.24
C3 BGC M . -23.39 58.72 16.82
C4 BGC M . -24.17 58.26 15.59
C5 BGC M . -24.73 56.85 15.77
C6 BGC M . -25.35 56.39 14.46
C1 BGC M . -23.07 56.28 17.34
O2 BGC M . -21.83 57.98 18.50
O3 BGC M . -22.70 59.93 16.51
O4 BGC M . -25.25 59.17 15.33
O5 BGC M . -23.69 55.96 16.11
O6 BGC M . -25.59 54.98 14.52
C1 FUC M . -22.73 60.85 17.59
C2 FUC M . -21.83 62.06 17.31
C3 FUC M . -22.46 62.91 16.23
C4 FUC M . -23.86 63.29 16.68
C5 FUC M . -24.66 62.03 16.98
C6 FUC M . -26.07 62.36 17.42
O2 FUC M . -20.51 61.66 16.92
O3 FUC M . -21.70 64.07 15.97
O4 FUC M . -23.81 64.07 17.87
O5 FUC M . -23.98 61.32 18.00
O4 XXR M . -22.20 67.97 13.76
C4 XXR M . -21.55 66.70 13.65
C5 XXR M . -22.57 65.59 13.61
C6 XXR M . -23.51 65.67 12.43
C3 XXR M . -20.60 66.50 14.82
O3 XXR M . -19.58 67.50 14.82
C2 XXR M . -19.97 65.12 14.77
O2 XXR M . -19.05 65.03 13.68
C1 XXR M . -21.05 64.04 14.63
O5 XXR M . -21.89 64.32 13.51
C1 MAN M . -19.78 68.36 15.97
C2 MAN M . -19.03 69.68 15.81
C3 MAN M . -17.52 69.44 15.73
C4 MAN M . -17.06 68.52 16.85
C5 MAN M . -17.93 67.28 16.94
C6 MAN M . -17.51 66.38 18.10
O2 MAN M . -19.32 70.52 16.94
O3 MAN M . -16.84 70.69 15.83
O4 MAN M . -15.70 68.14 16.62
O5 MAN M . -19.29 67.66 17.10
O6 MAN M . -18.43 65.30 18.24
C1 GLA M . -19.41 62.30 17.65
C2 GLA M . -18.24 61.81 16.81
C3 GLA M . -18.02 60.32 17.02
C4 GLA M . -17.92 60.00 18.50
C5 GLA M . -19.10 60.59 19.26
C6 GLA M . -18.98 60.33 20.76
O2 GLA M . -18.51 62.07 15.42
O3 GLA M . -16.81 59.92 16.35
O4 GLA M . -16.70 60.55 19.02
O5 GLA M . -19.17 62.00 19.03
O6 GLA M . -20.12 60.87 21.43
C1 XYP M . -24.30 65.43 17.73
C2 XYP M . -24.49 65.76 19.20
C3 XYP M . -24.85 67.23 19.37
C4 XYP M . -23.85 68.11 18.63
C5 XYP M . -23.67 67.62 17.19
O2 XYP M . -25.53 64.94 19.76
O3 XYP M . -24.85 67.56 20.76
O4 XYP M . -24.31 69.47 18.62
O5 XYP M . -23.27 66.26 17.20
C1 XYP M . -25.12 59.77 14.01
C2 XYP M . -26.45 60.38 13.61
C3 XYP M . -26.37 60.90 12.17
C4 XYP M . -25.14 61.79 11.99
C5 XYP M . -23.89 61.14 12.56
O2 XYP M . -27.49 59.42 13.74
O3 XYP M . -27.55 61.66 11.87
O4 XYP M . -24.96 62.04 10.59
O5 XYP M . -24.11 60.78 13.93
C2 BGC N . -30.43 45.32 25.55
C3 BGC N . -31.92 45.47 25.80
C4 BGC N . -32.71 44.99 24.58
C5 BGC N . -32.21 43.63 24.11
C6 BGC N . -32.94 43.07 22.89
C1 BGC N . -30.09 43.96 24.96
O2 BGC N . -29.66 45.44 26.73
O3 BGC N . -32.26 46.84 25.98
O4 BGC N . -34.11 44.98 24.84
O5 BGC N . -30.83 43.72 23.79
O6 BGC N . -32.60 43.82 21.73
C1 FUC N . -32.15 47.26 27.34
C2 FUC N . -32.21 48.79 27.38
C3 FUC N . -33.56 49.22 26.84
C4 FUC N . -34.68 48.56 27.64
C5 FUC N . -34.47 47.04 27.65
C6 FUC N . -35.53 46.35 28.49
O2 FUC N . -31.14 49.35 26.63
O3 FUC N . -33.71 50.64 26.86
O4 FUC N . -34.66 49.07 28.98
O5 FUC N . -33.19 46.73 28.17
C1 XYP N . -35.80 49.87 29.42
C2 XYP N . -35.54 50.14 30.89
C3 XYP N . -36.63 51.02 31.49
C4 XYP N . -36.97 52.22 30.61
C5 XYP N . -37.14 51.76 29.18
O2 XYP N . -35.56 48.90 31.57
O3 XYP N . -36.19 51.47 32.77
O4 XYP N . -38.17 52.86 31.01
O5 XYP N . -35.97 51.10 28.75
C1 RM4 N . -38.00 54.25 31.13
C2 RM4 N . -39.20 54.65 31.96
C3 RM4 N . -39.44 56.15 31.89
C4 RM4 N . -39.48 56.60 30.43
C5 RM4 N . -38.27 56.09 29.66
C6 RM4 N . -38.35 56.48 28.19
O2 RM4 N . -40.36 53.95 31.47
O3 RM4 N . -40.68 56.47 32.53
O4 RM4 N . -39.53 58.03 30.38
O5 RM4 N . -38.17 54.68 29.79
C1 7CV N . -41.32 53.44 32.41
C2 7CV N . -42.64 53.35 31.66
C3 7CV N . -42.59 52.16 30.72
C4 7CV N . -42.23 50.92 31.49
C5 7CV N . -40.93 51.14 32.24
C6 7CV N . -40.60 49.92 33.04
O2 7CV N . -43.68 53.18 32.59
O3 7CV N . -43.87 51.98 30.17
O4 7CV N . -42.07 49.85 30.59
O5 7CV N . -41.09 52.25 33.11
C24 7CV N . -44.85 53.89 32.27
C27 7CV N . -43.89 51.80 28.77
O4 XXR N . -37.11 53.60 26.06
C4 XXR N . -35.97 53.00 25.46
C5 XXR N . -36.13 51.49 25.45
C6 XXR N . -37.31 51.01 24.64
C3 XXR N . -34.71 53.37 26.22
O3 XXR N . -34.53 54.79 26.22
C2 XXR N . -33.50 52.69 25.59
O2 XXR N . -33.29 53.18 24.26
C1 XXR N . -33.73 51.19 25.52
O5 XXR N . -34.95 50.89 24.84
C1 MAN N . -34.65 55.28 27.57
C2 MAN N . -34.96 56.78 27.56
C3 MAN N . -33.80 57.56 26.95
C4 MAN N . -32.51 57.19 27.67
C5 MAN N . -32.32 55.68 27.68
C6 MAN N . -31.05 55.25 28.40
O2 MAN N . -35.19 57.23 28.90
O3 MAN N . -34.05 58.97 27.08
O4 MAN N . -31.40 57.84 27.03
O5 MAN N . -33.45 55.09 28.34
O6 MAN N . -30.99 53.82 28.48
C1 GLA N . -30.50 50.52 27.17
C2 GLA N . -29.53 51.00 26.11
C3 GLA N . -28.39 50.00 25.94
C4 GLA N . -27.71 49.75 27.29
C5 GLA N . -28.76 49.31 28.31
C6 GLA N . -28.12 49.13 29.69
O2 GLA N . -30.22 51.10 24.85
O3 GLA N . -27.43 50.48 25.02
O4 GLA N . -27.08 50.94 27.74
O5 GLA N . -29.80 50.28 28.40
O6 GLA N . -27.06 48.17 29.63
C1 XYP N . -34.91 45.70 23.90
C2 XYP N . -36.34 45.23 24.03
C3 XYP N . -37.24 45.93 23.02
C4 XYP N . -37.06 47.44 23.12
C5 XYP N . -35.58 47.81 23.06
O2 XYP N . -36.41 43.81 23.86
O3 XYP N . -38.62 45.58 23.23
O4 XYP N . -37.77 48.08 22.05
O5 XYP N . -34.88 47.12 24.10
C2 BGC O . -13.69 51.12 6.56
C3 BGC O . -13.00 52.41 6.11
C4 BGC O . -12.52 53.17 7.33
C5 BGC O . -11.66 52.28 8.23
C6 BGC O . -11.19 53.03 9.47
C1 BGC O . -12.83 50.32 7.54
O2 BGC O . -14.00 50.29 5.43
O3 BGC O . -13.91 53.23 5.37
O4 BGC O . -11.76 54.31 6.93
O5 BGC O . -12.40 51.13 8.63
O6 BGC O . -12.32 53.33 10.29
C1 FUC O . -13.69 53.27 3.99
C2 FUC O . -14.77 54.07 3.28
C3 FUC O . -14.53 55.57 3.44
C4 FUC O . -13.12 55.90 2.96
C5 FUC O . -12.10 55.04 3.70
C6 FUC O . -10.69 55.33 3.19
O2 FUC O . -16.06 53.74 3.82
O3 FUC O . -15.49 56.30 2.68
O4 FUC O . -13.03 55.65 1.55
O5 FUC O . -12.38 53.65 3.54
O4 XXR O . -15.91 60.64 1.54
C4 XXR O . -16.38 59.69 2.49
C5 XXR O . -15.20 59.09 3.25
C6 XXR O . -14.41 60.10 4.04
C3 XXR O . -17.15 58.58 1.79
O3 XXR O . -18.28 59.12 1.10
C2 XXR O . -17.59 57.54 2.81
O2 XXR O . -18.52 58.11 3.73
C1 XXR O . -16.38 57.02 3.58
O5 XXR O . -15.69 58.11 4.19
C1 MAN O . -18.06 58.73 -0.32
C2 MAN O . -19.01 59.65 -1.08
C3 MAN O . -20.46 59.22 -0.88
C4 MAN O . -20.62 57.73 -1.13
C5 MAN O . -19.57 56.92 -0.37
C6 MAN O . -19.69 55.44 -0.68
O2 MAN O . -18.69 59.62 -2.47
O3 MAN O . -21.30 59.95 -1.77
O4 MAN O . -21.93 57.31 -0.72
O5 MAN O . -18.28 57.38 -0.73
O6 MAN O . -18.79 54.70 0.16
C1 GLA O . -17.05 53.52 2.84
C2 GLA O . -18.37 53.28 3.57
C3 GLA O . -18.33 51.96 4.34
C4 GLA O . -17.89 50.83 3.42
C5 GLA O . -16.59 51.21 2.70
C6 GLA O . -16.17 50.10 1.73
O2 GLA O . -18.62 54.36 4.49
O3 GLA O . -19.62 51.67 4.87
O4 GLA O . -18.91 50.57 2.45
O5 GLA O . -16.78 52.42 1.97
O6 GLA O . -14.95 50.47 1.10
C1 XYP O . -12.51 56.72 0.78
C2 XYP O . -12.27 56.03 -0.55
C3 XYP O . -11.98 57.05 -1.64
C4 XYP O . -13.07 58.13 -1.66
C5 XYP O . -13.29 58.69 -0.26
O2 XYP O . -11.17 55.13 -0.44
O3 XYP O . -11.94 56.40 -2.92
O4 XYP O . -12.69 59.18 -2.55
O5 XYP O . -13.61 57.62 0.63
C1 XYP O . -12.20 55.60 7.40
C2 XYP O . -10.94 56.46 7.30
C3 XYP O . -11.21 57.91 7.69
C4 XYP O . -12.41 58.44 6.94
C5 XYP O . -13.59 57.48 7.06
O2 XYP O . -9.91 55.91 8.14
O3 XYP O . -10.06 58.69 7.37
O4 XYP O . -12.76 59.73 7.46
O5 XYP O . -13.20 56.19 6.58
C2 BGC P . 12.60 -65.54 22.23
C3 BGC P . 12.42 -66.92 22.85
C4 BGC P . 11.96 -66.82 24.29
C5 BGC P . 10.77 -65.88 24.43
C6 BGC P . 10.36 -65.73 25.88
C1 BGC P . 11.37 -64.68 22.48
O2 BGC P . 12.81 -65.67 20.81
O3 BGC P . 13.68 -67.62 22.79
O4 BGC P . 11.60 -68.13 24.76
O5 BGC P . 11.12 -64.61 23.88
O6 BGC P . 9.57 -64.54 26.03
C1 FUC P . 13.76 -68.47 21.63
C2 FUC P . 15.17 -69.06 21.51
C3 FUC P . 15.47 -69.95 22.70
C4 FUC P . 14.38 -71.01 22.81
C5 FUC P . 13.02 -70.33 22.87
C6 FUC P . 11.90 -71.36 22.97
O2 FUC P . 16.15 -68.02 21.41
O3 FUC P . 16.76 -70.55 22.59
O4 FUC P . 14.41 -71.88 21.67
O5 FUC P . 12.84 -69.55 21.68
O4 XXR P . 19.00 -73.99 24.26
C4 XXR P . 18.91 -72.58 24.34
C5 XXR P . 17.51 -72.16 24.76
C6 XXR P . 17.11 -72.67 26.12
C3 XXR P . 19.24 -71.95 22.99
O3 XXR P . 20.57 -72.30 22.60
C2 XXR P . 19.10 -70.43 23.08
O2 XXR P . 20.05 -69.90 23.99
C1 XXR P . 17.70 -70.07 23.56
O5 XXR P . 17.45 -70.71 24.82
C1 MAN P . 20.48 -73.21 21.49
C2 MAN P . 21.83 -73.92 21.32
C3 MAN P . 22.89 -72.91 20.89
C4 MAN P . 22.41 -72.16 19.66
C5 MAN P . 21.04 -71.55 19.92
C6 MAN P . 20.53 -70.80 18.71
O2 MAN P . 21.71 -74.94 20.32
O3 MAN P . 24.11 -73.60 20.58
O4 MAN P . 23.34 -71.11 19.34
O5 MAN P . 20.13 -72.61 20.24
O6 MAN P . 19.22 -70.26 18.99
C1 XYP P . 14.70 -73.25 21.84
C2 XYP P . 14.26 -73.76 20.48
C3 XYP P . 14.65 -75.22 20.32
C4 XYP P . 16.13 -75.42 20.63
C5 XYP P . 16.48 -74.78 21.97
O2 XYP P . 12.84 -73.63 20.35
O3 XYP P . 14.39 -75.64 18.97
O4 XYP P . 16.44 -76.81 20.66
O5 XYP P . 16.11 -73.40 21.94
C1 RM4 P . 17.81 -77.03 20.66
C2 RM4 P . 17.85 -78.42 20.03
C3 RM4 P . 19.26 -78.99 20.09
C4 RM4 P . 19.80 -78.92 21.52
C5 RM4 P . 19.64 -77.52 22.09
C6 RM4 P . 20.09 -77.47 23.55
O2 RM4 P . 16.96 -79.29 20.73
O3 RM4 P . 19.27 -80.35 19.64
O4 RM4 P . 21.18 -79.29 21.53
O5 RM4 P . 18.27 -77.11 22.01
C1 GLA P . 17.12 -68.10 20.41
C2 GLA P . 18.13 -67.02 20.75
C3 GLA P . 17.46 -65.65 20.64
C4 GLA P . 16.88 -65.47 19.24
C5 GLA P . 15.95 -66.63 18.90
C6 GLA P . 15.50 -66.53 17.45
O2 GLA P . 18.57 -67.20 22.10
O3 GLA P . 18.40 -64.63 20.90
O4 GLA P . 17.94 -65.42 18.30
O5 GLA P . 16.60 -67.89 19.10
O6 GLA P . 14.86 -67.75 17.05
C1 XYP P . 12.37 -68.44 25.94
C2 XYP P . 11.71 -69.64 26.62
C3 XYP P . 12.49 -70.06 27.85
C4 XYP P . 13.97 -70.23 27.52
C5 XYP P . 14.49 -68.98 26.81
O2 XYP P . 10.37 -69.28 26.99
O3 XYP P . 11.97 -71.32 28.34
O4 XYP P . 14.72 -70.47 28.72
O5 XYP P . 13.72 -68.75 25.63
C2 BGC Q . -2.77 -59.67 18.58
C3 BGC Q . -4.00 -60.53 18.80
C4 BGC Q . -4.55 -60.35 20.21
C5 BGC Q . -4.69 -58.88 20.56
C6 BGC Q . -5.15 -58.70 22.00
C1 BGC Q . -3.01 -58.24 19.03
O2 BGC Q . -2.42 -59.69 17.19
O3 BGC Q . -3.67 -61.91 18.59
O4 BGC Q . -5.83 -60.99 20.32
O5 BGC Q . -3.43 -58.23 20.40
O6 BGC Q . -4.16 -59.21 22.90
C1 FUC Q . -3.90 -62.35 17.26
C2 FUC Q . -3.20 -63.70 17.09
C3 FUC Q . -3.86 -64.69 18.05
C4 FUC Q . -5.36 -64.75 17.75
C5 FUC Q . -5.95 -63.34 17.81
C6 FUC Q . -7.43 -63.35 17.47
O2 FUC Q . -1.80 -63.58 17.38
O3 FUC Q . -3.29 -66.00 17.94
O4 FUC Q . -5.55 -65.32 16.44
O5 FUC Q . -5.27 -62.49 16.90
C1 XYP Q . -6.42 -66.46 16.44
C2 XYP Q . -6.53 -66.71 14.94
C3 XYP Q . -7.16 -68.06 14.66
C4 XYP Q . -6.49 -69.16 15.47
C5 XYP Q . -6.38 -68.77 16.94
O2 XYP Q . -7.33 -65.68 14.35
O3 XYP Q . -7.05 -68.36 13.26
O4 XYP Q . -7.24 -70.37 15.36
O5 XYP Q . -5.69 -67.52 17.04
C1 RM4 Q . -6.53 -71.59 15.24
C2 RM4 Q . -7.67 -72.54 14.89
C3 RM4 Q . -7.17 -73.97 14.84
C4 RM4 Q . -6.40 -74.33 16.10
C5 RM4 Q . -5.38 -73.24 16.46
C6 RM4 Q . -4.76 -73.51 17.82
O2 RM4 Q . -8.69 -72.44 15.88
O3 RM4 Q . -8.29 -74.86 14.74
O4 RM4 Q . -5.71 -75.56 15.88
O5 RM4 Q . -6.01 -71.96 16.50
C1 7CV Q . -10.04 -72.51 15.44
C2 7CV Q . -10.95 -72.97 16.56
C3 7CV Q . -11.21 -71.81 17.49
C4 7CV Q . -11.74 -70.63 16.71
C5 7CV Q . -10.79 -70.31 15.58
C6 7CV Q . -11.23 -69.14 14.74
O2 7CV Q . -12.17 -73.42 16.02
O3 7CV Q . -12.15 -72.20 18.47
O4 7CV Q . -11.86 -69.52 17.55
O5 7CV Q . -10.63 -71.44 14.76
C24 7CV Q . -12.38 -74.80 16.14
C27 7CV Q . -11.61 -72.39 19.75
O4 XXR Q . -4.34 -70.11 19.24
C4 XXR Q . -3.48 -69.03 19.56
C5 XXR Q . -4.29 -67.79 19.90
C6 XXR Q . -5.19 -67.97 21.09
C3 XXR Q . -2.55 -68.73 18.38
O3 XXR Q . -1.77 -69.88 18.08
C2 XXR Q . -1.68 -67.51 18.70
O2 XXR Q . -0.78 -67.81 19.76
C1 XXR Q . -2.55 -66.31 19.13
O5 XXR Q . -3.40 -66.69 20.22
C1 MAN Q . -2.09 -70.42 16.79
C2 MAN Q . -1.57 -71.85 16.79
C3 MAN Q . -0.06 -71.85 16.96
C4 MAN Q . 0.58 -70.93 15.92
C5 MAN Q . -0.08 -69.56 15.98
C6 MAN Q . 0.53 -68.62 14.94
O2 MAN Q . -1.91 -72.48 15.56
O3 MAN Q . 0.45 -73.17 16.81
O4 MAN Q . 1.98 -70.81 16.19
O5 MAN Q . -1.47 -69.70 15.73
O6 MAN Q . -0.11 -67.34 15.01
C1 GLA Q . -0.88 -64.35 16.63
C2 GLA Q . 0.43 -64.15 17.37
C3 GLA Q . 0.95 -62.73 17.21
C4 GLA Q . 0.95 -62.31 15.75
C5 GLA Q . -0.39 -62.62 15.09
C6 GLA Q . -0.37 -62.28 13.61
O2 GLA Q . 0.24 -64.42 18.77
O3 GLA Q . 2.29 -62.64 17.73
O4 GLA Q . 1.98 -63.01 15.05
O5 GLA Q . -0.70 -64.00 15.25
O6 GLA Q . -0.03 -60.90 13.44
C1 XYP Q . -5.80 -62.00 21.35
C2 XYP Q . -7.21 -62.53 21.60
C3 XYP Q . -7.19 -63.52 22.76
C4 XYP Q . -6.12 -64.58 22.54
C5 XYP Q . -4.78 -63.94 22.19
O2 XYP Q . -8.07 -61.43 21.92
O3 XYP Q . -8.46 -64.14 22.89
O4 XYP Q . -5.99 -65.38 23.71
O5 XYP Q . -4.94 -63.10 21.05
C2 BGC R . 20.08 -54.64 29.80
C3 BGC R . 21.40 -55.40 29.91
C4 BGC R . 21.77 -55.88 28.51
C5 BGC R . 21.81 -54.69 27.57
C6 BGC R . 22.25 -55.09 26.17
C1 BGC R . 20.15 -53.54 28.75
O2 BGC R . 19.76 -54.08 31.07
O3 BGC R . 21.26 -56.50 30.81
O4 BGC R . 23.03 -56.53 28.52
O5 BGC R . 20.52 -54.09 27.50
O6 BGC R . 21.26 -55.94 25.61
C1 FUC R . 21.91 -56.07 32.02
C2 FUC R . 21.71 -57.25 32.95
C3 FUC R . 22.60 -58.41 32.54
C4 FUC R . 24.04 -57.93 32.44
C5 FUC R . 24.13 -56.69 31.56
C6 FUC R . 25.56 -56.17 31.48
O2 FUC R . 20.33 -57.68 32.90
O3 FUC R . 22.51 -59.46 33.51
O4 FUC R . 24.53 -57.62 33.75
O5 FUC R . 23.29 -55.68 32.11
O4 XXR R . 24.63 -63.34 34.44
C4 XXR R . 23.45 -62.83 33.83
C5 XXR R . 23.82 -61.86 32.71
C6 XXR R . 24.63 -62.49 31.61
C3 XXR R . 22.58 -62.11 34.85
O3 XXR R . 22.20 -63.01 35.89
C2 XXR R . 21.35 -61.53 34.18
O2 XXR R . 20.54 -62.57 33.65
C1 XXR R . 21.79 -60.61 33.03
O5 XXR R . 22.61 -61.34 32.11
C1 MAN R . 22.81 -62.56 37.11
C2 MAN R . 22.79 -63.68 38.14
C3 MAN R . 21.35 -64.01 38.52
C4 MAN R . 20.66 -62.73 38.98
C5 MAN R . 20.79 -61.66 37.91
C6 MAN R . 20.12 -60.37 38.36
O2 MAN R . 23.49 -63.28 39.32
O3 MAN R . 21.33 -64.98 39.57
O4 MAN R . 19.28 -63.00 39.21
O5 MAN R . 22.18 -61.42 37.68
O6 MAN R . 20.32 -59.36 37.36
C1 GLA R . 19.81 -57.94 34.16
C2 GLA R . 18.38 -58.41 33.92
C3 GLA R . 17.53 -57.26 33.37
C4 GLA R . 17.68 -56.03 34.25
C5 GLA R . 19.14 -55.70 34.47
C6 GLA R . 19.29 -54.50 35.40
O2 GLA R . 18.38 -59.50 32.99
O3 GLA R . 16.16 -57.67 33.32
O4 GLA R . 17.04 -56.26 35.50
O5 GLA R . 19.80 -56.82 35.05
O6 GLA R . 20.68 -54.21 35.59
C1 XYP R . 25.74 -58.23 34.20
C2 XYP R . 26.01 -57.42 35.47
C3 XYP R . 27.10 -58.08 36.30
C4 XYP R . 26.78 -59.56 36.53
C5 XYP R . 26.46 -60.25 35.21
O2 XYP R . 26.40 -56.10 35.11
O3 XYP R . 27.20 -57.41 37.56
O4 XYP R . 27.89 -60.19 37.16
O5 XYP R . 25.39 -59.57 34.55
C1 XYP R . 23.11 -57.90 28.12
C2 XYP R . 24.58 -58.11 27.83
C3 XYP R . 24.88 -59.55 27.44
C4 XYP R . 24.31 -60.49 28.49
C5 XYP R . 22.84 -60.15 28.76
O2 XYP R . 25.03 -57.22 26.78
O3 XYP R . 26.30 -59.73 27.35
O4 XYP R . 24.42 -61.84 28.02
O5 XYP R . 22.74 -58.79 29.15
C2 BGC S . 19.98 -57.65 15.41
C3 BGC S . 19.62 -59.05 14.96
C4 BGC S . 20.15 -60.06 15.98
C5 BGC S . 19.64 -59.73 17.38
C6 BGC S . 20.22 -60.69 18.41
C1 BGC S . 19.52 -57.39 16.86
O2 BGC S . 19.36 -56.69 14.55
O3 BGC S . 20.22 -59.34 13.67
O4 BGC S . 19.72 -61.37 15.61
O5 BGC S . 19.99 -58.39 17.76
O6 BGC S . 21.52 -60.23 18.84
C1 FUC S . 19.31 -59.15 12.58
C2 FUC S . 20.07 -59.14 11.25
C3 FUC S . 20.70 -60.49 10.99
C4 FUC S . 19.63 -61.59 11.08
C5 FUC S . 18.88 -61.46 12.40
C6 FUC S . 17.78 -62.51 12.50
O2 FUC S . 21.10 -58.14 11.31
O3 FUC S . 21.28 -60.51 9.68
O4 FUC S . 18.72 -61.46 10.00
O5 FUC S . 18.31 -60.16 12.49
HG HG T . -12.83 -4.51 -23.17
HG HG U . 7.90 26.02 -5.54
HG HG V . -0.82 18.27 21.06
C2 BGC W . -10.49 55.15 20.02
C3 BGC W . -11.56 56.14 20.48
C4 BGC W . -11.86 57.15 19.36
C5 BGC W . -12.16 56.44 18.05
C6 BGC W . -12.37 57.44 16.93
C1 BGC W . -10.92 54.53 18.69
O2 BGC W . -10.36 54.11 21.00
O3 BGC W . -11.09 56.84 21.63
O4 BGC W . -12.99 57.94 19.76
O5 BGC W . -11.09 55.57 17.73
O6 BGC W . -11.18 58.21 16.76
HG HG X . 9.12 -21.23 14.97
#